data_7LO0
#
_entry.id   7LO0
#
_cell.length_a   88.023
_cell.length_b   136.681
_cell.length_c   101.316
_cell.angle_alpha   90.000
_cell.angle_beta   103.220
_cell.angle_gamma   90.000
#
_symmetry.space_group_name_H-M   'P 1 21 1'
#
loop_
_entity.id
_entity.type
_entity.pdbx_description
1 polymer 'Histone chaperone ASF1A'
2 polymer 'Serine/threonine-protein kinase tousled-like 2'
3 water water
#
loop_
_entity_poly.entity_id
_entity_poly.type
_entity_poly.pdbx_seq_one_letter_code
_entity_poly.pdbx_strand_id
1 'polypeptide(L)'
;GSMAKVQVNNVVVLDNPSPFYNPFQFEITFECIEDLSEDLEWKIIYVGSAESEEYDQVLDSVLVGPVPAGRHMFVFQADA
PNPGLIPDADAVGVTVVLITCTYRGQEFIRVGYYVNNEYTETELRENPPVKPDFSKLQRNILASNPRVTRFHINWED
;
A,B,C,D,E,F,G,H
2 'polypeptide(L)' EELHSLDPRRQELLEARFTGV I,J,K,L,M,N,O,P,Q,R,T,U,V,W,X,Y
#
# COMPACT_ATOMS: atom_id res chain seq x y z
N MET A 3 -34.02 11.22 23.70
CA MET A 3 -32.65 11.06 23.24
C MET A 3 -31.73 10.79 24.42
N ALA A 4 -30.43 10.92 24.20
CA ALA A 4 -29.45 10.71 25.25
C ALA A 4 -29.64 11.75 26.36
N LYS A 5 -29.30 11.35 27.59
CA LYS A 5 -29.41 12.25 28.73
C LYS A 5 -28.23 13.21 28.84
N VAL A 6 -27.18 13.01 28.05
CA VAL A 6 -26.03 13.91 28.03
C VAL A 6 -25.80 14.34 26.59
N GLN A 7 -25.56 15.63 26.39
CA GLN A 7 -25.29 16.20 25.08
C GLN A 7 -24.04 17.05 25.17
N VAL A 8 -23.07 16.80 24.29
CA VAL A 8 -21.86 17.63 24.24
C VAL A 8 -22.18 18.87 23.41
N ASN A 9 -22.01 20.04 24.02
CA ASN A 9 -22.32 21.30 23.35
C ASN A 9 -21.14 21.83 22.53
N ASN A 10 -19.92 21.71 23.05
CA ASN A 10 -18.78 22.29 22.36
C ASN A 10 -17.49 21.70 22.92
N VAL A 11 -16.46 21.69 22.09
CA VAL A 11 -15.10 21.35 22.48
C VAL A 11 -14.18 22.40 21.89
N VAL A 12 -13.30 22.95 22.72
CA VAL A 12 -12.33 23.95 22.29
C VAL A 12 -10.94 23.37 22.47
N VAL A 13 -10.16 23.35 21.39
CA VAL A 13 -8.78 22.85 21.44
C VAL A 13 -7.90 24.01 21.88
N LEU A 14 -7.27 23.86 23.04
CA LEU A 14 -6.42 24.89 23.62
C LEU A 14 -4.96 24.62 23.27
N ASP A 15 -4.20 25.71 23.11
CA ASP A 15 -2.81 25.63 22.68
C ASP A 15 -2.65 24.58 21.58
N ASN A 16 -3.52 24.68 20.56
CA ASN A 16 -3.63 23.62 19.57
C ASN A 16 -2.33 23.37 18.84
N PRO A 17 -1.72 24.33 18.15
CA PRO A 17 -0.38 24.09 17.58
C PRO A 17 0.66 24.21 18.68
N SER A 18 1.32 23.11 18.99
CA SER A 18 2.27 23.09 20.10
C SER A 18 3.27 21.98 19.85
N PRO A 19 4.35 21.93 20.64
CA PRO A 19 5.29 20.81 20.55
C PRO A 19 4.61 19.47 20.80
N PHE A 20 5.12 18.43 20.15
CA PHE A 20 4.57 17.09 20.31
C PHE A 20 4.48 16.70 21.79
N TYR A 21 5.51 17.04 22.57
CA TYR A 21 5.60 16.60 23.95
C TYR A 21 4.72 17.40 24.90
N ASN A 22 4.13 18.50 24.44
CA ASN A 22 3.23 19.24 25.32
C ASN A 22 1.89 18.53 25.45
N PRO A 23 1.20 18.72 26.57
CA PRO A 23 -0.03 17.96 26.80
C PRO A 23 -1.20 18.50 25.99
N PHE A 24 -2.13 17.59 25.68
CA PHE A 24 -3.39 17.98 25.08
C PHE A 24 -4.23 18.78 26.08
N GLN A 25 -5.01 19.72 25.55
CA GLN A 25 -5.94 20.51 26.37
C GLN A 25 -7.21 20.73 25.58
N PHE A 26 -8.33 20.31 26.15
CA PHE A 26 -9.65 20.52 25.56
C PHE A 26 -10.57 21.13 26.60
N GLU A 27 -11.25 22.21 26.23
CA GLU A 27 -12.31 22.80 27.05
C GLU A 27 -13.62 22.19 26.57
N ILE A 28 -14.19 21.29 27.36
CA ILE A 28 -15.39 20.54 26.99
C ILE A 28 -16.58 21.12 27.73
N THR A 29 -17.66 21.35 27.01
CA THR A 29 -18.91 21.87 27.57
C THR A 29 -20.04 20.95 27.13
N PHE A 30 -20.72 20.35 28.11
CA PHE A 30 -21.86 19.49 27.86
C PHE A 30 -23.00 19.91 28.78
N GLU A 31 -24.16 19.29 28.58
CA GLU A 31 -25.31 19.54 29.43
C GLU A 31 -26.05 18.23 29.65
N CYS A 32 -26.80 18.18 30.75
CA CYS A 32 -27.45 16.95 31.21
C CYS A 32 -28.91 17.25 31.51
N ILE A 33 -29.82 16.52 30.87
CA ILE A 33 -31.23 16.84 31.04
C ILE A 33 -31.69 16.58 32.47
N GLU A 34 -31.15 15.56 33.14
CA GLU A 34 -31.61 15.23 34.48
C GLU A 34 -30.46 14.71 35.33
N ASP A 35 -30.72 14.64 36.63
CA ASP A 35 -29.77 14.11 37.60
C ASP A 35 -29.23 12.75 37.16
N LEU A 36 -27.92 12.56 37.30
CA LEU A 36 -27.26 11.35 36.85
C LEU A 36 -26.82 10.49 38.03
N SER A 37 -27.05 9.18 37.91
CA SER A 37 -26.75 8.27 39.01
C SER A 37 -25.26 8.04 39.18
N GLU A 38 -24.51 7.93 38.08
CA GLU A 38 -23.12 7.50 38.14
C GLU A 38 -22.22 8.48 37.40
N ASP A 39 -20.93 8.15 37.37
CA ASP A 39 -19.91 8.98 36.76
C ASP A 39 -20.05 8.97 35.23
N LEU A 40 -19.57 10.05 34.61
CA LEU A 40 -19.27 10.07 33.18
C LEU A 40 -17.76 9.90 33.02
N GLU A 41 -17.36 8.89 32.26
CA GLU A 41 -15.94 8.60 32.04
C GLU A 41 -15.53 9.18 30.69
N TRP A 42 -14.64 10.17 30.72
CA TRP A 42 -14.09 10.76 29.51
C TRP A 42 -12.71 10.19 29.23
N LYS A 43 -12.38 10.03 27.96
CA LYS A 43 -11.09 9.49 27.54
C LYS A 43 -10.55 10.27 26.36
N ILE A 44 -9.22 10.33 26.29
CA ILE A 44 -8.51 10.82 25.12
C ILE A 44 -7.69 9.67 24.56
N ILE A 45 -7.87 9.35 23.28
CA ILE A 45 -7.23 8.21 22.66
C ILE A 45 -6.44 8.71 21.46
N TYR A 46 -5.14 8.43 21.44
CA TYR A 46 -4.26 8.81 20.34
C TYR A 46 -4.10 7.60 19.43
N VAL A 47 -4.45 7.77 18.16
CA VAL A 47 -4.27 6.70 17.17
C VAL A 47 -2.79 6.68 16.79
N GLY A 48 -2.04 5.74 17.37
CA GLY A 48 -0.62 5.65 17.07
C GLY A 48 -0.34 5.26 15.64
N SER A 49 -1.19 4.42 15.04
CA SER A 49 -0.94 3.91 13.70
C SER A 49 -2.26 3.70 12.97
N ALA A 50 -2.32 4.21 11.73
CA ALA A 50 -3.47 3.93 10.89
C ALA A 50 -3.53 2.46 10.50
N GLU A 51 -2.42 1.73 10.64
CA GLU A 51 -2.36 0.34 10.20
C GLU A 51 -3.11 -0.61 11.14
N SER A 52 -3.19 -0.27 12.42
CA SER A 52 -3.80 -1.18 13.39
C SER A 52 -4.22 -0.40 14.63
N GLU A 53 -5.39 -0.75 15.18
CA GLU A 53 -5.86 -0.11 16.39
C GLU A 53 -5.12 -0.58 17.63
N GLU A 54 -4.22 -1.55 17.51
CA GLU A 54 -3.45 -2.04 18.65
C GLU A 54 -2.39 -1.06 19.11
N TYR A 55 -2.13 -0.01 18.34
CA TYR A 55 -1.18 1.04 18.73
C TYR A 55 -1.89 2.26 19.29
N ASP A 56 -3.19 2.14 19.57
CA ASP A 56 -3.89 3.20 20.28
C ASP A 56 -3.29 3.40 21.66
N GLN A 57 -3.18 4.65 22.06
CA GLN A 57 -2.73 5.01 23.40
C GLN A 57 -3.85 5.78 24.08
N VAL A 58 -4.32 5.27 25.21
CA VAL A 58 -5.28 6.02 26.05
C VAL A 58 -4.46 7.02 26.85
N LEU A 59 -4.38 8.25 26.35
CA LEU A 59 -3.54 9.26 27.00
C LEU A 59 -4.01 9.54 28.42
N ASP A 60 -5.29 9.41 28.70
CA ASP A 60 -5.82 9.65 30.04
C ASP A 60 -7.28 9.23 30.08
N SER A 61 -7.80 9.13 31.31
CA SER A 61 -9.18 8.71 31.52
C SER A 61 -9.64 9.31 32.84
N VAL A 62 -10.73 10.11 32.79
CA VAL A 62 -11.21 10.81 33.96
C VAL A 62 -12.68 10.48 34.20
N LEU A 63 -13.07 10.56 35.47
CA LEU A 63 -14.46 10.44 35.89
C LEU A 63 -14.90 11.78 36.45
N VAL A 64 -16.02 12.31 35.94
CA VAL A 64 -16.51 13.61 36.37
C VAL A 64 -17.60 13.49 37.44
N GLY A 65 -17.76 12.30 38.02
CA GLY A 65 -18.52 12.15 39.25
C GLY A 65 -19.97 12.56 39.14
N PRO A 66 -20.55 13.01 40.25
CA PRO A 66 -21.99 13.37 40.25
C PRO A 66 -22.22 14.64 39.44
N VAL A 67 -23.01 14.51 38.37
CA VAL A 67 -23.27 15.62 37.45
C VAL A 67 -24.72 16.04 37.63
N PRO A 68 -24.99 17.28 38.04
CA PRO A 68 -26.38 17.76 38.09
C PRO A 68 -26.99 17.93 36.71
N ALA A 69 -28.19 18.52 36.64
CA ALA A 69 -28.94 18.63 35.39
C ALA A 69 -28.63 19.91 34.62
N GLY A 70 -27.69 20.73 35.07
CA GLY A 70 -27.36 21.95 34.38
C GLY A 70 -26.46 21.70 33.18
N ARG A 71 -25.92 22.80 32.66
CA ARG A 71 -24.85 22.77 31.67
C ARG A 71 -23.53 22.92 32.40
N HIS A 72 -22.53 22.13 32.00
CA HIS A 72 -21.28 22.05 32.72
C HIS A 72 -20.10 22.21 31.77
N MET A 73 -18.96 22.57 32.35
CA MET A 73 -17.72 22.76 31.61
C MET A 73 -16.56 22.23 32.44
N PHE A 74 -15.57 21.66 31.75
CA PHE A 74 -14.35 21.25 32.43
C PHE A 74 -13.23 21.15 31.40
N VAL A 75 -12.01 21.27 31.89
CA VAL A 75 -10.81 21.24 31.05
C VAL A 75 -10.21 19.85 31.15
N PHE A 76 -10.12 19.16 30.00
CA PHE A 76 -9.54 17.83 29.93
C PHE A 76 -8.12 17.96 29.41
N GLN A 77 -7.15 17.73 30.29
CA GLN A 77 -5.73 17.81 29.95
C GLN A 77 -5.11 16.43 30.09
N ALA A 78 -4.27 16.07 29.13
CA ALA A 78 -3.63 14.75 29.12
C ALA A 78 -2.23 14.86 28.56
N ASP A 79 -1.31 14.10 29.16
CA ASP A 79 0.06 14.06 28.68
C ASP A 79 0.13 13.51 27.26
N ALA A 80 1.16 13.95 26.53
CA ALA A 80 1.34 13.54 25.15
C ALA A 80 1.57 12.04 25.07
N PRO A 81 1.32 11.44 23.90
CA PRO A 81 1.53 9.99 23.77
C PRO A 81 2.98 9.59 23.98
N ASN A 82 3.18 8.29 24.15
CA ASN A 82 4.51 7.74 24.39
C ASN A 82 5.14 7.41 23.04
N PRO A 83 6.15 8.17 22.57
CA PRO A 83 6.70 7.89 21.24
C PRO A 83 7.29 6.50 21.09
N GLY A 84 7.69 5.86 22.20
CA GLY A 84 8.24 4.52 22.14
C GLY A 84 7.25 3.44 21.73
N LEU A 85 5.96 3.77 21.64
CA LEU A 85 4.95 2.84 21.19
C LEU A 85 4.41 3.18 19.80
N ILE A 86 4.97 4.19 19.15
CA ILE A 86 4.46 4.70 17.87
C ILE A 86 5.38 4.22 16.76
N PRO A 87 4.86 3.57 15.71
CA PRO A 87 5.71 3.24 14.57
C PRO A 87 6.33 4.48 13.95
N ASP A 88 7.63 4.40 13.66
CA ASP A 88 8.32 5.52 13.03
C ASP A 88 7.59 5.99 11.76
N ALA A 89 7.04 5.04 11.00
CA ALA A 89 6.39 5.40 9.74
C ALA A 89 5.19 6.29 9.97
N ASP A 90 4.47 6.08 11.07
CA ASP A 90 3.29 6.86 11.39
C ASP A 90 3.59 8.11 12.20
N ALA A 91 4.79 8.22 12.78
CA ALA A 91 5.08 9.34 13.67
C ALA A 91 4.87 10.68 12.96
N VAL A 92 5.44 10.83 11.77
CA VAL A 92 5.39 12.08 11.02
C VAL A 92 4.31 11.97 9.95
N GLY A 93 3.43 12.97 9.92
CA GLY A 93 2.29 12.92 9.02
C GLY A 93 1.00 13.12 9.78
N VAL A 94 -0.09 12.62 9.22
CA VAL A 94 -1.44 12.84 9.77
C VAL A 94 -1.87 11.62 10.53
N THR A 95 -2.54 11.83 11.66
CA THR A 95 -3.14 10.76 12.44
C THR A 95 -4.39 11.31 13.11
N VAL A 96 -4.98 10.54 14.02
CA VAL A 96 -6.25 10.91 14.63
C VAL A 96 -6.13 10.89 16.15
N VAL A 97 -6.78 11.87 16.79
CA VAL A 97 -6.97 11.88 18.24
C VAL A 97 -8.47 11.84 18.50
N LEU A 98 -8.87 11.10 19.52
CA LEU A 98 -10.27 10.88 19.84
C LEU A 98 -10.58 11.30 21.26
N ILE A 99 -11.71 11.99 21.44
CA ILE A 99 -12.26 12.28 22.76
C ILE A 99 -13.59 11.56 22.86
N THR A 100 -13.71 10.67 23.84
CA THR A 100 -14.90 9.85 24.02
C THR A 100 -15.46 10.04 25.42
N CYS A 101 -16.78 9.86 25.54
CA CYS A 101 -17.44 9.86 26.83
C CYS A 101 -18.23 8.57 26.99
N THR A 102 -18.19 8.02 28.21
CA THR A 102 -18.73 6.70 28.51
C THR A 102 -19.55 6.79 29.79
N TYR A 103 -20.70 6.11 29.79
CA TYR A 103 -21.57 6.06 30.95
C TYR A 103 -21.86 4.60 31.28
N ARG A 104 -21.47 4.18 32.48
CA ARG A 104 -21.64 2.79 32.92
C ARG A 104 -20.95 1.82 31.97
N GLY A 105 -19.83 2.24 31.40
CA GLY A 105 -19.07 1.39 30.50
C GLY A 105 -19.56 1.37 29.07
N GLN A 106 -20.40 2.31 28.68
CA GLN A 106 -20.99 2.35 27.33
C GLN A 106 -20.62 3.67 26.67
N GLU A 107 -19.76 3.60 25.66
CA GLU A 107 -19.37 4.80 24.91
C GLU A 107 -20.57 5.32 24.12
N PHE A 108 -20.98 6.55 24.39
CA PHE A 108 -22.15 7.13 23.74
C PHE A 108 -21.83 8.28 22.80
N ILE A 109 -20.63 8.85 22.86
CA ILE A 109 -20.25 9.92 21.95
C ILE A 109 -18.75 9.87 21.74
N ARG A 110 -18.33 10.22 20.51
CA ARG A 110 -16.93 10.16 20.11
C ARG A 110 -16.65 11.38 19.23
N VAL A 111 -15.72 12.23 19.65
CA VAL A 111 -15.33 13.43 18.93
C VAL A 111 -13.90 13.24 18.45
N GLY A 112 -13.71 13.23 17.14
CA GLY A 112 -12.41 12.92 16.54
C GLY A 112 -11.85 14.09 15.75
N TYR A 113 -10.54 14.25 15.81
CA TYR A 113 -9.82 15.28 15.07
C TYR A 113 -8.68 14.66 14.28
N TYR A 114 -8.44 15.19 13.09
CA TYR A 114 -7.18 14.93 12.41
C TYR A 114 -6.06 15.67 13.13
N VAL A 115 -4.88 15.06 13.15
CA VAL A 115 -3.71 15.63 13.82
C VAL A 115 -2.51 15.46 12.92
N ASN A 116 -1.83 16.57 12.62
CA ASN A 116 -0.66 16.56 11.76
C ASN A 116 0.59 16.83 12.61
N ASN A 117 1.49 15.85 12.65
CA ASN A 117 2.79 16.02 13.28
C ASN A 117 3.81 16.33 12.20
N GLU A 118 4.53 17.44 12.37
CA GLU A 118 5.38 17.98 11.32
C GLU A 118 6.56 18.68 11.95
N TYR A 119 7.70 18.61 11.26
CA TYR A 119 8.85 19.40 11.64
C TYR A 119 8.66 20.84 11.22
N THR A 120 9.19 21.77 12.03
CA THR A 120 9.04 23.19 11.78
C THR A 120 10.25 23.81 11.11
N GLU A 121 11.44 23.26 11.31
CA GLU A 121 12.64 23.74 10.64
C GLU A 121 12.69 23.13 9.24
N THR A 122 12.81 24.00 8.22
CA THR A 122 12.83 23.50 6.85
C THR A 122 13.95 22.51 6.63
N GLU A 123 15.05 22.64 7.38
CA GLU A 123 16.13 21.67 7.26
C GLU A 123 15.65 20.26 7.56
N LEU A 124 14.82 20.10 8.59
CA LEU A 124 14.30 18.78 8.94
C LEU A 124 13.17 18.36 8.01
N ARG A 125 12.34 19.30 7.58
CA ARG A 125 11.25 18.97 6.67
C ARG A 125 11.78 18.39 5.37
N GLU A 126 12.92 18.89 4.90
CA GLU A 126 13.49 18.45 3.63
C GLU A 126 14.41 17.24 3.77
N ASN A 127 14.95 16.99 4.96
CA ASN A 127 15.80 15.82 5.22
C ASN A 127 15.40 15.25 6.57
N PRO A 128 14.31 14.48 6.62
CA PRO A 128 13.81 14.01 7.92
C PRO A 128 14.83 13.13 8.61
N PRO A 129 14.84 13.13 9.94
CA PRO A 129 15.70 12.18 10.66
C PRO A 129 15.32 10.75 10.33
N VAL A 130 16.33 9.86 10.39
CA VAL A 130 16.09 8.46 10.09
C VAL A 130 15.04 7.89 11.03
N LYS A 131 15.09 8.28 12.30
CA LYS A 131 14.07 7.96 13.28
C LYS A 131 13.41 9.24 13.75
N PRO A 132 12.08 9.31 13.77
CA PRO A 132 11.42 10.56 14.14
C PRO A 132 12.00 11.14 15.43
N ASP A 133 12.33 12.43 15.37
CA ASP A 133 12.81 13.19 16.53
C ASP A 133 11.61 13.94 17.10
N PHE A 134 11.01 13.38 18.15
CA PHE A 134 9.76 13.93 18.68
C PHE A 134 9.99 15.24 19.44
N SER A 135 11.22 15.52 19.88
CA SER A 135 11.49 16.82 20.47
C SER A 135 11.44 17.95 19.45
N LYS A 136 11.46 17.62 18.16
CA LYS A 136 11.44 18.61 17.09
C LYS A 136 10.12 18.63 16.34
N LEU A 137 9.14 17.81 16.74
CA LEU A 137 7.87 17.74 16.05
C LEU A 137 6.87 18.71 16.65
N GLN A 138 6.03 19.29 15.79
CA GLN A 138 4.91 20.12 16.20
C GLN A 138 3.62 19.35 15.97
N ARG A 139 2.78 19.28 16.99
CA ARG A 139 1.44 18.72 16.86
C ARG A 139 0.50 19.82 16.39
N ASN A 140 -0.31 19.51 15.39
CA ASN A 140 -1.30 20.45 14.86
C ASN A 140 -2.65 19.73 14.84
N ILE A 141 -3.47 19.99 15.85
CA ILE A 141 -4.82 19.46 15.90
C ILE A 141 -5.68 20.33 14.98
N LEU A 142 -6.24 19.72 13.94
CA LEU A 142 -7.06 20.44 12.96
C LEU A 142 -8.46 20.58 13.55
N ALA A 143 -8.61 21.60 14.40
CA ALA A 143 -9.81 21.77 15.22
C ALA A 143 -10.99 22.35 14.47
N SER A 144 -10.80 22.87 13.26
CA SER A 144 -11.91 23.51 12.56
C SER A 144 -13.01 22.51 12.19
N ASN A 145 -12.65 21.25 11.97
CA ASN A 145 -13.57 20.25 11.43
C ASN A 145 -13.51 18.97 12.24
N PRO A 146 -14.24 18.92 13.36
CA PRO A 146 -14.34 17.66 14.10
C PRO A 146 -15.37 16.72 13.51
N ARG A 147 -15.13 15.42 13.72
CA ARG A 147 -16.08 14.37 13.36
C ARG A 147 -16.74 13.88 14.65
N VAL A 148 -18.03 14.10 14.78
CA VAL A 148 -18.80 13.68 15.95
C VAL A 148 -19.61 12.45 15.59
N THR A 149 -19.48 11.39 16.39
CA THR A 149 -20.20 10.15 16.18
C THR A 149 -20.88 9.78 17.50
N ARG A 150 -22.19 9.60 17.45
CA ARG A 150 -22.98 9.24 18.61
C ARG A 150 -23.37 7.77 18.53
N PHE A 151 -23.44 7.13 19.70
CA PHE A 151 -23.87 5.75 19.83
C PHE A 151 -24.98 5.69 20.86
N HIS A 152 -25.96 4.83 20.63
CA HIS A 152 -27.05 4.67 21.58
C HIS A 152 -26.61 3.76 22.72
N ILE A 153 -26.88 4.19 23.95
CA ILE A 153 -26.53 3.42 25.14
C ILE A 153 -27.77 3.34 26.03
N ASN A 154 -27.69 2.48 27.03
CA ASN A 154 -28.75 2.36 28.03
C ASN A 154 -28.55 3.44 29.10
N TRP A 155 -29.55 4.30 29.27
CA TRP A 155 -29.49 5.39 30.23
C TRP A 155 -30.32 5.13 31.48
N GLU A 156 -30.74 3.90 31.71
CA GLU A 156 -31.54 3.56 32.87
C GLU A 156 -30.69 3.52 34.13
N ALA B 4 -2.16 21.83 -55.01
CA ALA B 4 -1.81 21.96 -56.42
C ALA B 4 -1.64 23.44 -56.80
N LYS B 5 -2.61 24.27 -56.45
CA LYS B 5 -2.60 25.66 -56.88
C LYS B 5 -1.81 26.57 -55.96
N VAL B 6 -1.58 26.19 -54.71
CA VAL B 6 -0.84 27.01 -53.75
C VAL B 6 0.21 26.15 -53.08
N GLN B 7 1.43 26.66 -53.02
CA GLN B 7 2.56 25.96 -52.41
C GLN B 7 3.28 26.94 -51.49
N VAL B 8 3.33 26.63 -50.21
CA VAL B 8 4.04 27.46 -49.25
C VAL B 8 5.53 27.15 -49.34
N ASN B 9 6.34 28.18 -49.51
CA ASN B 9 7.78 28.00 -49.71
C ASN B 9 8.57 28.10 -48.41
N ASN B 10 8.23 29.07 -47.55
CA ASN B 10 9.03 29.29 -46.37
C ASN B 10 8.19 29.99 -45.30
N VAL B 11 8.53 29.72 -44.05
CA VAL B 11 7.99 30.43 -42.89
C VAL B 11 9.16 30.80 -42.01
N VAL B 12 9.22 32.06 -41.58
CA VAL B 12 10.29 32.57 -40.75
C VAL B 12 9.68 33.11 -39.46
N VAL B 13 10.11 32.57 -38.33
CA VAL B 13 9.58 32.96 -37.02
C VAL B 13 10.39 34.16 -36.55
N LEU B 14 9.82 35.35 -36.69
CA LEU B 14 10.44 36.58 -36.24
C LEU B 14 10.20 36.75 -34.77
N ASP B 15 11.11 37.42 -34.06
CA ASP B 15 10.94 37.63 -32.63
C ASP B 15 10.66 36.28 -31.97
N ASN B 16 11.43 35.25 -32.32
CA ASN B 16 11.16 33.90 -31.83
C ASN B 16 11.20 33.73 -30.31
N PRO B 17 12.19 34.35 -29.62
CA PRO B 17 12.09 34.21 -28.17
C PRO B 17 11.63 35.56 -27.63
N SER B 18 10.48 35.61 -26.95
CA SER B 18 9.96 36.88 -26.46
C SER B 18 9.03 36.69 -25.27
N PRO B 19 8.69 37.79 -24.57
CA PRO B 19 7.75 37.63 -23.47
C PRO B 19 6.40 37.10 -23.94
N PHE B 20 5.79 36.24 -23.14
CA PHE B 20 4.53 35.60 -23.51
C PHE B 20 3.54 36.59 -24.12
N TYR B 21 3.42 37.78 -23.51
CA TYR B 21 2.41 38.74 -23.94
C TYR B 21 2.73 39.39 -25.29
N ASN B 22 3.94 39.21 -25.82
CA ASN B 22 4.27 39.82 -27.09
C ASN B 22 3.61 39.06 -28.25
N PRO B 23 3.35 39.75 -29.36
CA PRO B 23 2.62 39.10 -30.46
C PRO B 23 3.45 38.10 -31.22
N PHE B 24 2.76 37.11 -31.80
CA PHE B 24 3.37 36.24 -32.79
C PHE B 24 3.64 37.02 -34.07
N GLN B 25 4.76 36.72 -34.73
CA GLN B 25 5.09 37.40 -35.98
C GLN B 25 5.79 36.42 -36.91
N PHE B 26 5.12 36.05 -38.00
CA PHE B 26 5.66 35.12 -38.98
C PHE B 26 5.79 35.81 -40.33
N GLU B 27 6.93 35.58 -40.99
CA GLU B 27 7.12 35.96 -42.39
C GLU B 27 6.81 34.73 -43.25
N ILE B 28 5.77 34.83 -44.06
CA ILE B 28 5.25 33.70 -44.83
C ILE B 28 5.50 33.96 -46.31
N THR B 29 6.01 32.96 -47.01
CA THR B 29 6.30 33.05 -48.44
C THR B 29 5.68 31.86 -49.15
N PHE B 30 4.80 32.14 -50.11
CA PHE B 30 4.10 31.10 -50.86
C PHE B 30 4.10 31.49 -52.33
N GLU B 31 3.64 30.57 -53.18
CA GLU B 31 3.55 30.82 -54.61
C GLU B 31 2.32 30.14 -55.19
N CYS B 32 1.73 30.78 -56.19
CA CYS B 32 0.57 30.27 -56.90
C CYS B 32 0.96 29.94 -58.33
N ILE B 33 0.55 28.76 -58.81
CA ILE B 33 0.83 28.38 -60.20
C ILE B 33 -0.07 29.12 -61.19
N GLU B 34 -1.12 29.78 -60.72
CA GLU B 34 -2.04 30.49 -61.58
C GLU B 34 -2.77 31.54 -60.74
N ASP B 35 -3.36 32.52 -61.43
CA ASP B 35 -4.18 33.50 -60.74
C ASP B 35 -5.36 32.81 -60.10
N LEU B 36 -5.45 32.90 -58.77
CA LEU B 36 -6.50 32.17 -58.06
C LEU B 36 -7.87 32.80 -58.28
N SER B 37 -7.94 34.13 -58.29
CA SER B 37 -9.21 34.84 -58.35
C SER B 37 -10.10 34.51 -57.15
N GLU B 38 -9.47 34.05 -56.08
CA GLU B 38 -10.16 33.68 -54.85
C GLU B 38 -9.30 34.17 -53.69
N ASP B 39 -9.93 34.29 -52.52
CA ASP B 39 -9.21 34.69 -51.33
C ASP B 39 -8.67 33.44 -50.63
N LEU B 40 -7.38 33.47 -50.30
CA LEU B 40 -6.82 32.53 -49.35
C LEU B 40 -7.05 33.06 -47.94
N GLU B 41 -7.33 32.16 -47.00
CA GLU B 41 -7.57 32.51 -45.61
C GLU B 41 -6.48 31.88 -44.75
N TRP B 42 -5.72 32.72 -44.05
CA TRP B 42 -4.67 32.27 -43.15
C TRP B 42 -5.12 32.46 -41.70
N LYS B 43 -4.78 31.48 -40.86
CA LYS B 43 -5.13 31.51 -39.45
C LYS B 43 -3.93 31.14 -38.61
N ILE B 44 -3.75 31.83 -37.50
CA ILE B 44 -2.81 31.44 -36.44
C ILE B 44 -3.64 30.88 -35.29
N ILE B 45 -3.34 29.65 -34.90
CA ILE B 45 -4.15 28.92 -33.93
C ILE B 45 -3.24 28.46 -32.80
N TYR B 46 -3.49 28.97 -31.59
CA TYR B 46 -2.74 28.58 -30.41
C TYR B 46 -3.48 27.47 -29.70
N VAL B 47 -2.76 26.39 -29.38
CA VAL B 47 -3.33 25.26 -28.66
C VAL B 47 -3.19 25.55 -27.16
N GLY B 48 -4.31 25.89 -26.52
CA GLY B 48 -4.26 26.23 -25.10
C GLY B 48 -4.02 25.04 -24.21
N SER B 49 -4.45 23.85 -24.63
CA SER B 49 -4.29 22.65 -23.83
C SER B 49 -4.21 21.44 -24.74
N ALA B 50 -3.18 20.61 -24.54
CA ALA B 50 -3.12 19.34 -25.24
C ALA B 50 -4.28 18.43 -24.89
N GLU B 51 -4.90 18.65 -23.72
CA GLU B 51 -5.95 17.75 -23.26
C GLU B 51 -7.20 17.82 -24.12
N SER B 52 -7.44 18.95 -24.78
CA SER B 52 -8.68 19.14 -25.51
C SER B 52 -8.52 20.25 -26.54
N GLU B 53 -9.09 20.03 -27.72
CA GLU B 53 -9.08 21.04 -28.76
C GLU B 53 -10.06 22.17 -28.50
N GLU B 54 -10.94 22.04 -27.50
CA GLU B 54 -11.89 23.11 -27.19
C GLU B 54 -11.22 24.32 -26.55
N TYR B 55 -9.92 24.27 -26.29
CA TYR B 55 -9.19 25.43 -25.76
C TYR B 55 -8.30 26.06 -26.83
N ASP B 56 -8.48 25.70 -28.10
CA ASP B 56 -7.81 26.41 -29.17
C ASP B 56 -8.24 27.87 -29.18
N GLN B 57 -7.29 28.76 -29.47
CA GLN B 57 -7.56 30.18 -29.62
C GLN B 57 -7.09 30.61 -31.01
N VAL B 58 -8.04 31.03 -31.84
CA VAL B 58 -7.70 31.60 -33.14
C VAL B 58 -7.17 33.02 -32.90
N LEU B 59 -5.85 33.17 -32.94
CA LEU B 59 -5.25 34.46 -32.60
C LEU B 59 -5.56 35.52 -33.66
N ASP B 60 -5.64 35.11 -34.92
CA ASP B 60 -6.01 36.03 -35.98
C ASP B 60 -6.43 35.29 -37.24
N SER B 61 -7.22 35.95 -38.09
CA SER B 61 -7.60 35.38 -39.38
C SER B 61 -7.43 36.46 -40.44
N VAL B 62 -6.81 36.14 -41.58
CA VAL B 62 -6.65 37.14 -42.61
C VAL B 62 -7.02 36.59 -43.98
N LEU B 63 -7.49 37.47 -44.86
CA LEU B 63 -7.83 37.07 -46.20
C LEU B 63 -6.87 37.76 -47.14
N VAL B 64 -6.13 37.03 -47.96
CA VAL B 64 -5.24 37.66 -48.90
C VAL B 64 -6.07 38.03 -50.11
N GLY B 65 -5.76 39.17 -50.73
CA GLY B 65 -6.52 39.65 -51.85
C GLY B 65 -6.47 38.69 -53.01
N PRO B 66 -6.96 39.11 -54.17
CA PRO B 66 -6.82 38.27 -55.37
C PRO B 66 -5.35 38.04 -55.66
N VAL B 67 -4.96 36.78 -55.74
CA VAL B 67 -3.55 36.40 -55.85
C VAL B 67 -3.25 36.08 -57.31
N PRO B 68 -2.41 36.84 -57.99
CA PRO B 68 -1.90 36.41 -59.29
C PRO B 68 -0.84 35.33 -59.12
N ALA B 69 -0.55 34.66 -60.23
CA ALA B 69 0.49 33.64 -60.22
C ALA B 69 1.83 34.26 -59.83
N GLY B 70 2.71 33.41 -59.32
CA GLY B 70 4.04 33.83 -58.90
C GLY B 70 4.23 33.68 -57.40
N ARG B 71 5.39 34.12 -56.95
CA ARG B 71 5.77 34.00 -55.55
C ARG B 71 5.38 35.27 -54.80
N HIS B 72 4.85 35.09 -53.59
CA HIS B 72 4.39 36.21 -52.79
C HIS B 72 4.84 36.03 -51.34
N MET B 73 4.86 37.15 -50.61
CA MET B 73 5.33 37.16 -49.24
C MET B 73 4.52 38.17 -48.46
N PHE B 74 4.32 37.90 -47.17
CA PHE B 74 3.63 38.83 -46.28
C PHE B 74 3.95 38.44 -44.85
N VAL B 75 3.79 39.40 -43.94
CA VAL B 75 4.03 39.20 -42.52
C VAL B 75 2.68 39.02 -41.84
N PHE B 76 2.54 37.91 -41.10
CA PHE B 76 1.32 37.58 -40.37
C PHE B 76 1.63 37.80 -38.89
N GLN B 77 1.12 38.91 -38.34
CA GLN B 77 1.31 39.25 -36.95
C GLN B 77 -0.02 39.10 -36.21
N ALA B 78 0.05 38.55 -35.00
CA ALA B 78 -1.16 38.28 -34.23
C ALA B 78 -0.85 38.46 -32.74
N ASP B 79 -1.82 39.00 -32.02
CA ASP B 79 -1.67 39.22 -30.59
C ASP B 79 -1.58 37.88 -29.85
N ALA B 80 -0.86 37.90 -28.73
CA ALA B 80 -0.69 36.71 -27.90
C ALA B 80 -2.05 36.18 -27.45
N PRO B 81 -2.12 34.88 -27.13
CA PRO B 81 -3.38 34.32 -26.63
C PRO B 81 -3.79 34.94 -25.30
N ASN B 82 -5.03 34.65 -24.91
CA ASN B 82 -5.61 35.19 -23.68
C ASN B 82 -5.37 34.19 -22.54
N PRO B 83 -4.55 34.52 -21.55
CA PRO B 83 -4.27 33.53 -20.49
C PRO B 83 -5.52 33.11 -19.73
N GLY B 84 -6.53 33.96 -19.66
CA GLY B 84 -7.75 33.61 -18.96
C GLY B 84 -8.47 32.41 -19.53
N LEU B 85 -8.09 31.94 -20.71
CA LEU B 85 -8.67 30.77 -21.34
C LEU B 85 -7.73 29.57 -21.33
N ILE B 86 -6.54 29.71 -20.76
CA ILE B 86 -5.53 28.65 -20.77
C ILE B 86 -5.56 27.94 -19.42
N PRO B 87 -5.80 26.63 -19.37
CA PRO B 87 -5.71 25.92 -18.10
C PRO B 87 -4.33 26.12 -17.48
N ASP B 88 -4.32 26.38 -16.16
CA ASP B 88 -3.06 26.60 -15.46
C ASP B 88 -2.06 25.49 -15.77
N ALA B 89 -2.51 24.24 -15.76
CA ALA B 89 -1.60 23.11 -15.92
C ALA B 89 -0.95 23.07 -17.30
N ASP B 90 -1.53 23.76 -18.28
CA ASP B 90 -1.01 23.78 -19.64
C ASP B 90 -0.21 25.04 -19.96
N ALA B 91 -0.23 26.05 -19.09
CA ALA B 91 0.41 27.32 -19.41
C ALA B 91 1.93 27.18 -19.43
N VAL B 92 2.51 26.57 -18.40
CA VAL B 92 3.95 26.43 -18.27
C VAL B 92 4.35 25.07 -18.80
N GLY B 93 5.22 25.07 -19.81
CA GLY B 93 5.61 23.84 -20.46
C GLY B 93 5.45 23.93 -21.97
N VAL B 94 5.17 22.81 -22.61
CA VAL B 94 5.17 22.72 -24.06
C VAL B 94 3.74 22.68 -24.58
N THR B 95 3.50 23.44 -25.64
CA THR B 95 2.25 23.39 -26.39
C THR B 95 2.61 23.61 -27.85
N VAL B 96 1.61 23.74 -28.72
CA VAL B 96 1.86 23.93 -30.14
C VAL B 96 1.10 25.15 -30.65
N VAL B 97 1.63 25.74 -31.71
CA VAL B 97 0.98 26.82 -32.45
C VAL B 97 0.89 26.38 -33.91
N LEU B 98 -0.21 26.77 -34.57
CA LEU B 98 -0.49 26.31 -35.92
C LEU B 98 -0.66 27.50 -36.85
N ILE B 99 -0.06 27.40 -38.03
CA ILE B 99 -0.34 28.32 -39.14
C ILE B 99 -1.02 27.49 -40.24
N THR B 100 -2.24 27.88 -40.59
CA THR B 100 -3.01 27.17 -41.60
C THR B 100 -3.45 28.14 -42.70
N CYS B 101 -3.57 27.60 -43.91
CA CYS B 101 -4.14 28.32 -45.03
C CYS B 101 -5.31 27.52 -45.58
N THR B 102 -6.40 28.22 -45.90
CA THR B 102 -7.63 27.60 -46.36
C THR B 102 -8.01 28.16 -47.71
N TYR B 103 -8.38 27.27 -48.63
CA TYR B 103 -8.80 27.65 -49.98
C TYR B 103 -10.20 27.10 -50.21
N ARG B 104 -11.15 27.98 -50.49
CA ARG B 104 -12.55 27.60 -50.72
C ARG B 104 -13.08 26.74 -49.57
N GLY B 105 -12.75 27.14 -48.34
CA GLY B 105 -13.25 26.49 -47.16
C GLY B 105 -12.52 25.22 -46.75
N GLN B 106 -11.49 24.82 -47.49
CA GLN B 106 -10.73 23.60 -47.18
C GLN B 106 -9.32 23.99 -46.76
N GLU B 107 -8.96 23.67 -45.52
CA GLU B 107 -7.59 23.83 -45.06
C GLU B 107 -6.69 22.85 -45.81
N PHE B 108 -5.72 23.39 -46.56
CA PHE B 108 -4.85 22.55 -47.38
C PHE B 108 -3.42 22.47 -46.87
N ILE B 109 -3.02 23.32 -45.91
CA ILE B 109 -1.68 23.25 -45.36
C ILE B 109 -1.73 23.68 -43.90
N ARG B 110 -0.93 23.00 -43.08
CA ARG B 110 -0.84 23.31 -41.65
C ARG B 110 0.62 23.27 -41.25
N VAL B 111 1.17 24.42 -40.89
CA VAL B 111 2.55 24.55 -40.42
C VAL B 111 2.51 24.70 -38.91
N GLY B 112 3.02 23.71 -38.20
CA GLY B 112 2.95 23.66 -36.75
C GLY B 112 4.32 23.77 -36.10
N TYR B 113 4.35 24.43 -34.95
CA TYR B 113 5.56 24.57 -34.16
C TYR B 113 5.30 24.15 -32.72
N TYR B 114 6.32 23.55 -32.09
CA TYR B 114 6.30 23.40 -30.65
C TYR B 114 6.59 24.75 -30.01
N VAL B 115 5.94 25.01 -28.88
CA VAL B 115 6.09 26.27 -28.15
C VAL B 115 6.32 25.95 -26.69
N ASN B 116 7.48 26.35 -26.18
CA ASN B 116 7.85 26.13 -24.78
C ASN B 116 7.75 27.46 -24.04
N ASN B 117 6.76 27.58 -23.16
CA ASN B 117 6.65 28.72 -22.27
C ASN B 117 7.32 28.37 -20.95
N GLU B 118 8.26 29.21 -20.52
CA GLU B 118 9.06 28.90 -19.36
C GLU B 118 9.47 30.20 -18.66
N TYR B 119 9.65 30.10 -17.35
CA TYR B 119 10.20 31.21 -16.59
C TYR B 119 11.70 31.33 -16.87
N THR B 120 12.19 32.57 -16.89
CA THR B 120 13.60 32.83 -17.13
C THR B 120 14.39 33.04 -15.86
N GLU B 121 13.72 33.31 -14.74
CA GLU B 121 14.38 33.49 -13.45
C GLU B 121 14.47 32.13 -12.75
N THR B 122 15.70 31.73 -12.41
CA THR B 122 15.90 30.42 -11.80
C THR B 122 15.08 30.27 -10.52
N GLU B 123 14.88 31.37 -9.78
CA GLU B 123 14.01 31.32 -8.61
C GLU B 123 12.62 30.80 -8.98
N LEU B 124 12.03 31.36 -10.03
CA LEU B 124 10.72 30.89 -10.49
C LEU B 124 10.81 29.50 -11.10
N ARG B 125 11.94 29.17 -11.74
CA ARG B 125 12.06 27.86 -12.37
C ARG B 125 12.09 26.73 -11.35
N GLU B 126 12.62 26.99 -10.16
CA GLU B 126 12.69 25.95 -9.13
C GLU B 126 11.49 25.97 -8.19
N ASN B 127 10.92 27.15 -7.92
CA ASN B 127 9.74 27.29 -7.07
C ASN B 127 8.68 28.05 -7.87
N PRO B 128 7.98 27.37 -8.77
CA PRO B 128 7.06 28.06 -9.68
C PRO B 128 5.87 28.64 -8.93
N PRO B 129 5.25 29.69 -9.47
CA PRO B 129 4.07 30.26 -8.81
C PRO B 129 2.88 29.32 -8.85
N VAL B 130 2.01 29.45 -7.85
CA VAL B 130 0.84 28.60 -7.75
C VAL B 130 -0.01 28.73 -9.01
N LYS B 131 -0.27 29.96 -9.45
CA LYS B 131 -0.95 30.24 -10.70
C LYS B 131 0.05 30.84 -11.68
N PRO B 132 0.12 30.37 -12.92
CA PRO B 132 1.12 30.88 -13.85
C PRO B 132 1.09 32.40 -13.94
N ASP B 133 2.27 33.01 -13.75
CA ASP B 133 2.44 34.45 -13.90
C ASP B 133 2.90 34.70 -15.33
N PHE B 134 1.95 34.99 -16.22
CA PHE B 134 2.27 35.16 -17.63
C PHE B 134 3.14 36.39 -17.87
N SER B 135 3.08 37.39 -16.99
CA SER B 135 3.93 38.57 -17.12
C SER B 135 5.41 38.25 -16.92
N LYS B 136 5.74 37.02 -16.52
CA LYS B 136 7.12 36.60 -16.33
C LYS B 136 7.48 35.36 -17.14
N LEU B 137 6.60 34.92 -18.04
CA LEU B 137 6.87 33.76 -18.88
C LEU B 137 7.51 34.21 -20.19
N GLN B 138 8.52 33.46 -20.63
CA GLN B 138 9.11 33.64 -21.94
C GLN B 138 8.55 32.60 -22.88
N ARG B 139 7.94 33.05 -23.98
CA ARG B 139 7.56 32.15 -25.06
C ARG B 139 8.79 31.84 -25.90
N ASN B 140 9.01 30.56 -26.18
CA ASN B 140 10.09 30.12 -27.06
C ASN B 140 9.49 29.19 -28.10
N ILE B 141 9.36 29.68 -29.33
CA ILE B 141 8.88 28.87 -30.45
C ILE B 141 10.06 28.06 -30.97
N LEU B 142 9.89 26.73 -31.00
CA LEU B 142 10.91 25.82 -31.52
C LEU B 142 10.87 25.88 -33.03
N ALA B 143 11.52 26.92 -33.58
CA ALA B 143 11.32 27.30 -34.97
C ALA B 143 12.14 26.48 -35.96
N SER B 144 13.18 25.77 -35.50
CA SER B 144 14.08 25.11 -36.44
C SER B 144 13.50 23.87 -37.06
N ASN B 145 12.46 23.28 -36.48
CA ASN B 145 11.86 22.03 -36.97
C ASN B 145 10.36 22.22 -37.09
N PRO B 146 9.90 23.01 -38.06
CA PRO B 146 8.46 23.09 -38.32
C PRO B 146 7.95 21.78 -38.88
N ARG B 147 6.71 21.45 -38.50
CA ARG B 147 6.05 20.25 -38.99
C ARG B 147 4.98 20.69 -39.97
N VAL B 148 5.21 20.43 -41.26
CA VAL B 148 4.37 20.91 -42.34
C VAL B 148 3.52 19.75 -42.84
N THR B 149 2.22 19.87 -42.68
CA THR B 149 1.27 18.83 -43.07
C THR B 149 0.38 19.37 -44.18
N ARG B 150 0.43 18.74 -45.34
CA ARG B 150 -0.41 19.09 -46.47
C ARG B 150 -1.62 18.17 -46.51
N PHE B 151 -2.76 18.72 -46.90
CA PHE B 151 -4.01 17.98 -46.97
C PHE B 151 -4.45 17.87 -48.42
N HIS B 152 -4.89 16.66 -48.79
CA HIS B 152 -5.28 16.36 -50.16
C HIS B 152 -6.69 16.89 -50.41
N ILE B 153 -6.78 18.20 -50.67
CA ILE B 153 -8.07 18.83 -50.90
C ILE B 153 -8.43 18.75 -52.37
N ASN B 154 -9.64 19.18 -52.71
CA ASN B 154 -10.09 19.25 -54.10
C ASN B 154 -9.75 20.63 -54.64
N TRP B 155 -8.69 20.70 -55.45
CA TRP B 155 -8.32 21.97 -56.07
C TRP B 155 -9.11 22.25 -57.33
N GLU B 156 -9.71 21.23 -57.94
CA GLU B 156 -10.45 21.40 -59.19
C GLU B 156 -11.90 21.77 -58.92
N ALA C 4 33.75 -31.99 -5.88
CA ALA C 4 34.11 -32.70 -4.66
C ALA C 4 35.62 -32.86 -4.56
N LYS C 5 36.32 -32.64 -5.67
CA LYS C 5 37.75 -32.88 -5.73
C LYS C 5 38.57 -31.62 -5.50
N VAL C 6 38.03 -30.44 -5.76
CA VAL C 6 38.69 -29.17 -5.48
C VAL C 6 37.77 -28.32 -4.62
N GLN C 7 38.31 -27.71 -3.57
CA GLN C 7 37.55 -26.91 -2.62
C GLN C 7 38.24 -25.57 -2.46
N VAL C 8 37.46 -24.49 -2.48
CA VAL C 8 37.98 -23.14 -2.31
C VAL C 8 37.85 -22.76 -0.85
N ASN C 9 38.98 -22.48 -0.20
CA ASN C 9 39.00 -22.15 1.21
C ASN C 9 38.70 -20.68 1.48
N ASN C 10 39.34 -19.78 0.74
CA ASN C 10 39.22 -18.36 1.04
C ASN C 10 39.47 -17.55 -0.22
N VAL C 11 38.88 -16.37 -0.25
CA VAL C 11 39.12 -15.37 -1.30
C VAL C 11 39.19 -14.01 -0.61
N VAL C 12 40.29 -13.30 -0.83
CA VAL C 12 40.53 -12.01 -0.20
C VAL C 12 40.63 -10.95 -1.30
N VAL C 13 39.82 -9.91 -1.19
CA VAL C 13 39.79 -8.84 -2.18
C VAL C 13 40.81 -7.79 -1.75
N LEU C 14 41.89 -7.67 -2.51
CA LEU C 14 42.94 -6.70 -2.21
C LEU C 14 42.68 -5.41 -2.96
N ASP C 15 43.09 -4.29 -2.35
CA ASP C 15 42.90 -2.96 -2.94
C ASP C 15 41.46 -2.80 -3.44
N ASN C 16 40.52 -3.12 -2.54
CA ASN C 16 39.12 -3.28 -2.96
C ASN C 16 38.51 -1.94 -3.31
N PRO C 17 38.34 -0.99 -2.40
CA PRO C 17 37.79 0.31 -2.81
C PRO C 17 38.86 1.13 -3.50
N SER C 18 38.83 1.18 -4.82
CA SER C 18 39.91 1.78 -5.58
C SER C 18 39.33 2.39 -6.85
N PRO C 19 40.11 3.24 -7.53
CA PRO C 19 39.64 3.80 -8.80
C PRO C 19 39.19 2.73 -9.77
N PHE C 20 38.16 3.04 -10.54
CA PHE C 20 37.59 2.08 -11.48
C PHE C 20 38.67 1.45 -12.35
N TYR C 21 39.59 2.27 -12.87
CA TYR C 21 40.61 1.79 -13.79
C TYR C 21 41.66 0.90 -13.11
N ASN C 22 41.74 0.91 -11.79
CA ASN C 22 42.66 0.02 -11.10
C ASN C 22 42.28 -1.44 -11.36
N PRO C 23 43.24 -2.35 -11.29
CA PRO C 23 42.95 -3.76 -11.59
C PRO C 23 42.41 -4.52 -10.40
N PHE C 24 41.63 -5.55 -10.71
CA PHE C 24 41.15 -6.47 -9.69
C PHE C 24 42.31 -7.29 -9.14
N GLN C 25 42.28 -7.57 -7.84
CA GLN C 25 43.27 -8.43 -7.19
C GLN C 25 42.56 -9.32 -6.19
N PHE C 26 42.65 -10.63 -6.40
CA PHE C 26 42.05 -11.62 -5.51
C PHE C 26 43.12 -12.60 -5.06
N GLU C 27 43.30 -12.72 -3.75
CA GLU C 27 44.13 -13.78 -3.19
C GLU C 27 43.23 -14.99 -2.99
N ILE C 28 43.46 -16.03 -3.80
CA ILE C 28 42.62 -17.22 -3.82
C ILE C 28 43.40 -18.36 -3.20
N THR C 29 42.84 -18.97 -2.16
CA THR C 29 43.39 -20.16 -1.53
C THR C 29 42.39 -21.29 -1.70
N PHE C 30 42.84 -22.41 -2.26
CA PHE C 30 41.99 -23.56 -2.48
C PHE C 30 42.73 -24.82 -2.05
N GLU C 31 41.99 -25.93 -2.05
CA GLU C 31 42.50 -27.20 -1.56
C GLU C 31 42.16 -28.30 -2.55
N CYS C 32 43.05 -29.29 -2.64
CA CYS C 32 42.92 -30.39 -3.59
C CYS C 32 43.14 -31.70 -2.83
N ILE C 33 42.24 -32.66 -3.04
CA ILE C 33 42.27 -33.90 -2.26
C ILE C 33 42.96 -35.00 -3.06
N GLU C 34 42.81 -34.98 -4.38
CA GLU C 34 43.50 -35.90 -5.27
C GLU C 34 44.21 -35.12 -6.36
N ASP C 35 45.46 -35.51 -6.63
CA ASP C 35 46.23 -34.86 -7.68
C ASP C 35 45.43 -34.76 -8.96
N LEU C 36 45.30 -33.55 -9.49
CA LEU C 36 44.57 -33.32 -10.73
C LEU C 36 45.51 -33.53 -11.92
N SER C 37 45.03 -34.29 -12.91
CA SER C 37 45.82 -34.58 -14.09
C SER C 37 45.80 -33.43 -15.10
N GLU C 38 44.81 -32.53 -15.01
CA GLU C 38 44.69 -31.40 -15.92
C GLU C 38 44.79 -30.11 -15.12
N ASP C 39 44.84 -29.00 -15.86
CA ASP C 39 44.89 -27.68 -15.24
C ASP C 39 43.51 -27.26 -14.77
N LEU C 40 43.49 -26.35 -13.79
CA LEU C 40 42.29 -25.61 -13.43
C LEU C 40 42.31 -24.28 -14.15
N GLU C 41 41.16 -23.87 -14.67
CA GLU C 41 41.02 -22.65 -15.44
C GLU C 41 40.20 -21.65 -14.62
N TRP C 42 40.87 -20.61 -14.12
CA TRP C 42 40.22 -19.57 -13.35
C TRP C 42 39.90 -18.38 -14.26
N LYS C 43 38.74 -17.76 -14.03
CA LYS C 43 38.29 -16.64 -14.82
C LYS C 43 37.69 -15.58 -13.91
N ILE C 44 37.90 -14.31 -14.29
CA ILE C 44 37.19 -13.19 -13.70
C ILE C 44 36.27 -12.62 -14.77
N ILE C 45 35.00 -12.48 -14.44
CA ILE C 45 33.97 -12.11 -15.40
C ILE C 45 33.22 -10.90 -14.85
N TYR C 46 33.40 -9.76 -15.51
CA TYR C 46 32.72 -8.53 -15.12
C TYR C 46 31.38 -8.47 -15.85
N VAL C 47 30.29 -8.42 -15.09
CA VAL C 47 28.95 -8.29 -15.67
C VAL C 47 28.79 -6.83 -16.07
N GLY C 48 28.87 -6.56 -17.38
CA GLY C 48 28.77 -5.20 -17.86
C GLY C 48 27.35 -4.65 -17.79
N SER C 49 26.35 -5.52 -17.90
CA SER C 49 24.96 -5.09 -17.91
C SER C 49 24.06 -6.18 -17.35
N ALA C 50 23.26 -5.84 -16.35
CA ALA C 50 22.25 -6.78 -15.86
C ALA C 50 21.22 -7.10 -16.94
N GLU C 51 21.05 -6.22 -17.93
CA GLU C 51 20.05 -6.43 -18.96
C GLU C 51 20.40 -7.59 -19.88
N SER C 52 21.68 -7.90 -20.03
CA SER C 52 22.10 -8.94 -20.96
C SER C 52 23.51 -9.40 -20.60
N GLU C 53 23.74 -10.71 -20.65
CA GLU C 53 25.06 -11.27 -20.45
C GLU C 53 25.94 -11.13 -21.69
N GLU C 54 25.43 -10.56 -22.78
CA GLU C 54 26.25 -10.30 -23.94
C GLU C 54 27.29 -9.22 -23.68
N TYR C 55 27.13 -8.44 -22.61
CA TYR C 55 28.11 -7.43 -22.23
C TYR C 55 29.02 -7.90 -21.12
N ASP C 56 29.05 -9.21 -20.84
CA ASP C 56 30.07 -9.76 -19.95
C ASP C 56 31.45 -9.53 -20.56
N GLN C 57 32.42 -9.24 -19.70
CA GLN C 57 33.81 -9.10 -20.10
C GLN C 57 34.65 -10.05 -19.25
N VAL C 58 35.33 -10.98 -19.91
CA VAL C 58 36.28 -11.85 -19.23
C VAL C 58 37.53 -11.03 -19.00
N LEU C 59 37.68 -10.50 -17.78
CA LEU C 59 38.82 -9.62 -17.50
C LEU C 59 40.14 -10.36 -17.64
N ASP C 60 40.16 -11.65 -17.35
CA ASP C 60 41.35 -12.46 -17.50
C ASP C 60 40.99 -13.92 -17.27
N SER C 61 41.84 -14.80 -17.79
CA SER C 61 41.66 -16.23 -17.65
C SER C 61 43.03 -16.87 -17.52
N VAL C 62 43.23 -17.66 -16.46
CA VAL C 62 44.52 -18.28 -16.20
C VAL C 62 44.38 -19.77 -16.05
N LEU C 63 45.46 -20.48 -16.33
CA LEU C 63 45.58 -21.92 -16.12
C LEU C 63 46.60 -22.14 -15.00
N VAL C 64 46.14 -22.63 -13.85
CA VAL C 64 47.06 -23.07 -12.81
C VAL C 64 47.56 -24.47 -13.17
N GLY C 65 48.83 -24.71 -12.87
CA GLY C 65 49.55 -25.85 -13.41
C GLY C 65 49.10 -27.16 -12.80
N PRO C 66 50.01 -28.14 -12.74
CA PRO C 66 49.64 -29.44 -12.16
C PRO C 66 49.26 -29.23 -10.70
N VAL C 67 48.06 -29.64 -10.34
CA VAL C 67 47.58 -29.42 -8.97
C VAL C 67 47.70 -30.73 -8.19
N PRO C 68 48.72 -30.87 -7.34
CA PRO C 68 48.77 -32.04 -6.47
C PRO C 68 47.91 -31.79 -5.24
N ALA C 69 47.61 -32.88 -4.53
CA ALA C 69 46.83 -32.75 -3.31
C ALA C 69 47.54 -31.83 -2.35
N GLY C 70 46.76 -31.06 -1.60
CA GLY C 70 47.27 -30.06 -0.68
C GLY C 70 46.60 -28.72 -0.91
N ARG C 71 46.96 -27.77 -0.04
CA ARG C 71 46.41 -26.42 -0.11
C ARG C 71 47.35 -25.52 -0.89
N HIS C 72 46.78 -24.72 -1.79
CA HIS C 72 47.53 -23.84 -2.67
C HIS C 72 46.97 -22.43 -2.57
N MET C 73 47.75 -21.48 -3.08
CA MET C 73 47.38 -20.07 -3.01
C MET C 73 47.99 -19.34 -4.20
N PHE C 74 47.26 -18.35 -4.70
CA PHE C 74 47.79 -17.47 -5.74
C PHE C 74 46.94 -16.21 -5.81
N VAL C 75 47.53 -15.15 -6.35
CA VAL C 75 46.88 -13.86 -6.48
C VAL C 75 46.42 -13.72 -7.93
N PHE C 76 45.10 -13.77 -8.14
CA PHE C 76 44.52 -13.56 -9.45
C PHE C 76 44.34 -12.06 -9.67
N GLN C 77 45.14 -11.48 -10.57
CA GLN C 77 45.07 -10.07 -10.89
C GLN C 77 44.60 -9.90 -12.33
N ALA C 78 43.63 -9.00 -12.54
CA ALA C 78 43.07 -8.75 -13.85
C ALA C 78 42.81 -7.26 -14.02
N ASP C 79 43.06 -6.76 -15.22
CA ASP C 79 42.85 -5.35 -15.50
C ASP C 79 41.36 -5.01 -15.54
N ALA C 80 41.05 -3.75 -15.25
CA ALA C 80 39.68 -3.30 -15.18
C ALA C 80 38.96 -3.55 -16.51
N PRO C 81 37.64 -3.62 -16.49
CA PRO C 81 36.90 -3.84 -17.74
C PRO C 81 37.05 -2.67 -18.70
N ASN C 82 36.65 -2.94 -19.94
CA ASN C 82 36.69 -1.95 -21.02
C ASN C 82 35.45 -1.08 -20.93
N PRO C 83 35.57 0.19 -20.53
CA PRO C 83 34.36 1.01 -20.38
C PRO C 83 33.61 1.21 -21.69
N GLY C 84 34.30 1.16 -22.83
CA GLY C 84 33.65 1.31 -24.11
C GLY C 84 32.67 0.21 -24.45
N LEU C 85 32.66 -0.87 -23.68
CA LEU C 85 31.73 -1.98 -23.88
C LEU C 85 30.65 -2.02 -22.81
N ILE C 86 30.59 -1.02 -21.94
CA ILE C 86 29.65 -0.97 -20.82
C ILE C 86 28.55 0.04 -21.17
N PRO C 87 27.29 -0.36 -21.17
CA PRO C 87 26.21 0.63 -21.35
C PRO C 87 26.30 1.74 -20.31
N ASP C 88 26.07 2.98 -20.77
CA ASP C 88 26.09 4.12 -19.87
C ASP C 88 25.20 3.89 -18.64
N ALA C 89 23.99 3.38 -18.88
CA ALA C 89 23.02 3.26 -17.79
C ALA C 89 23.48 2.28 -16.72
N ASP C 90 24.31 1.30 -17.08
CA ASP C 90 24.78 0.30 -16.15
C ASP C 90 26.10 0.66 -15.48
N ALA C 91 26.77 1.73 -15.94
CA ALA C 91 28.11 2.02 -15.46
C ALA C 91 28.12 2.46 -14.00
N VAL C 92 27.40 3.54 -13.69
CA VAL C 92 27.29 4.03 -12.32
C VAL C 92 26.17 3.28 -11.64
N GLY C 93 26.47 2.72 -10.47
CA GLY C 93 25.50 1.93 -9.74
C GLY C 93 26.05 0.57 -9.36
N VAL C 94 25.18 -0.42 -9.27
CA VAL C 94 25.53 -1.74 -8.76
C VAL C 94 25.55 -2.73 -9.91
N THR C 95 26.58 -3.58 -9.92
CA THR C 95 26.72 -4.64 -10.90
C THR C 95 27.38 -5.82 -10.19
N VAL C 96 27.79 -6.83 -10.97
CA VAL C 96 28.35 -8.04 -10.39
C VAL C 96 29.70 -8.34 -11.05
N VAL C 97 30.59 -8.93 -10.26
CA VAL C 97 31.83 -9.52 -10.74
C VAL C 97 31.87 -10.97 -10.27
N LEU C 98 32.31 -11.86 -11.13
CA LEU C 98 32.32 -13.29 -10.85
C LEU C 98 33.75 -13.83 -10.93
N ILE C 99 34.10 -14.70 -10.00
CA ILE C 99 35.27 -15.54 -10.09
C ILE C 99 34.80 -16.97 -10.24
N THR C 100 35.29 -17.66 -11.27
CA THR C 100 34.87 -19.02 -11.57
C THR C 100 36.09 -19.90 -11.75
N CYS C 101 35.92 -21.18 -11.46
CA CYS C 101 36.96 -22.17 -11.71
C CYS C 101 36.36 -23.30 -12.54
N THR C 102 37.16 -23.83 -13.46
CA THR C 102 36.72 -24.81 -14.43
C THR C 102 37.75 -25.94 -14.47
N TYR C 103 37.27 -27.18 -14.43
CA TYR C 103 38.12 -28.35 -14.62
C TYR C 103 37.65 -29.10 -15.86
N ARG C 104 38.56 -29.28 -16.81
CA ARG C 104 38.27 -30.01 -18.04
C ARG C 104 37.00 -29.46 -18.70
N GLY C 105 36.87 -28.13 -18.71
CA GLY C 105 35.79 -27.47 -19.39
C GLY C 105 34.50 -27.34 -18.60
N GLN C 106 34.46 -27.80 -17.36
CA GLN C 106 33.25 -27.78 -16.54
C GLN C 106 33.45 -26.82 -15.38
N GLU C 107 32.64 -25.77 -15.33
CA GLU C 107 32.66 -24.86 -14.20
C GLU C 107 32.04 -25.52 -12.98
N PHE C 108 32.82 -25.62 -11.89
CA PHE C 108 32.37 -26.29 -10.68
C PHE C 108 32.20 -25.34 -9.50
N ILE C 109 32.55 -24.07 -9.65
CA ILE C 109 32.37 -23.10 -8.56
C ILE C 109 32.29 -21.71 -9.15
N ARG C 110 31.40 -20.90 -8.59
CA ARG C 110 31.20 -19.51 -9.02
C ARG C 110 31.11 -18.63 -7.78
N VAL C 111 32.09 -17.76 -7.59
CA VAL C 111 32.14 -16.84 -6.47
C VAL C 111 31.77 -15.45 -6.99
N GLY C 112 30.66 -14.92 -6.50
CA GLY C 112 30.12 -13.65 -6.98
C GLY C 112 30.20 -12.58 -5.91
N TYR C 113 30.44 -11.35 -6.36
CA TYR C 113 30.45 -10.18 -5.50
C TYR C 113 29.59 -9.09 -6.12
N TYR C 114 28.84 -8.37 -5.30
CA TYR C 114 28.25 -7.11 -5.74
C TYR C 114 29.33 -6.06 -5.84
N VAL C 115 29.23 -5.21 -6.87
CA VAL C 115 30.19 -4.15 -7.10
C VAL C 115 29.42 -2.86 -7.32
N ASN C 116 29.79 -1.81 -6.58
CA ASN C 116 29.16 -0.50 -6.72
C ASN C 116 30.21 0.47 -7.25
N ASN C 117 30.01 0.94 -8.47
CA ASN C 117 30.80 2.03 -9.02
C ASN C 117 30.10 3.34 -8.70
N GLU C 118 30.85 4.28 -8.10
CA GLU C 118 30.24 5.44 -7.48
C GLU C 118 31.23 6.60 -7.51
N TYR C 119 30.69 7.81 -7.68
CA TYR C 119 31.49 9.01 -7.56
C TYR C 119 31.73 9.35 -6.10
N THR C 120 32.94 9.81 -5.79
CA THR C 120 33.28 10.17 -4.42
C THR C 120 33.23 11.67 -4.17
N GLU C 121 33.33 12.50 -5.21
CA GLU C 121 33.13 13.93 -5.06
C GLU C 121 31.64 14.22 -4.95
N THR C 122 31.26 14.96 -3.91
CA THR C 122 29.84 15.20 -3.65
C THR C 122 29.16 15.87 -4.83
N GLU C 123 29.88 16.75 -5.54
CA GLU C 123 29.31 17.39 -6.72
C GLU C 123 28.84 16.36 -7.73
N LEU C 124 29.74 15.45 -8.14
CA LEU C 124 29.38 14.46 -9.15
C LEU C 124 28.24 13.56 -8.67
N ARG C 125 28.22 13.22 -7.38
CA ARG C 125 27.17 12.36 -6.86
C ARG C 125 25.80 13.01 -7.06
N GLU C 126 25.70 14.31 -6.82
CA GLU C 126 24.44 15.03 -6.96
C GLU C 126 24.18 15.54 -8.37
N ASN C 127 25.22 15.68 -9.19
CA ASN C 127 25.10 16.16 -10.56
C ASN C 127 25.94 15.27 -11.46
N PRO C 128 25.51 14.03 -11.70
CA PRO C 128 26.35 13.07 -12.41
C PRO C 128 26.60 13.52 -13.85
N PRO C 129 27.75 13.17 -14.41
CA PRO C 129 28.01 13.52 -15.81
C PRO C 129 27.03 12.83 -16.74
N VAL C 130 26.75 13.46 -17.87
CA VAL C 130 25.83 12.89 -18.85
C VAL C 130 26.33 11.51 -19.27
N LYS C 131 27.62 11.39 -19.56
CA LYS C 131 28.25 10.11 -19.80
C LYS C 131 29.18 9.77 -18.65
N PRO C 132 29.08 8.59 -18.04
CA PRO C 132 29.89 8.31 -16.86
C PRO C 132 31.37 8.58 -17.08
N ASP C 133 31.97 9.33 -16.16
CA ASP C 133 33.39 9.64 -16.17
C ASP C 133 34.11 8.57 -15.35
N PHE C 134 34.66 7.57 -16.05
CA PHE C 134 35.31 6.45 -15.36
C PHE C 134 36.60 6.86 -14.66
N SER C 135 37.24 7.95 -15.10
CA SER C 135 38.42 8.45 -14.39
C SER C 135 38.06 9.02 -13.02
N LYS C 136 36.78 9.24 -12.74
CA LYS C 136 36.33 9.75 -11.46
C LYS C 136 35.56 8.70 -10.66
N LEU C 137 35.26 7.56 -11.24
CA LEU C 137 34.50 6.52 -10.54
C LEU C 137 35.39 5.75 -9.57
N GLN C 138 34.80 5.35 -8.46
CA GLN C 138 35.44 4.46 -7.49
C GLN C 138 34.74 3.12 -7.55
N ARG C 139 35.51 2.05 -7.78
CA ARG C 139 34.98 0.70 -7.68
C ARG C 139 34.97 0.27 -6.22
N ASN C 140 33.83 -0.20 -5.75
CA ASN C 140 33.67 -0.66 -4.38
C ASN C 140 33.13 -2.08 -4.42
N ILE C 141 34.01 -3.06 -4.26
CA ILE C 141 33.60 -4.46 -4.23
C ILE C 141 33.10 -4.78 -2.83
N LEU C 142 31.86 -5.27 -2.75
CA LEU C 142 31.25 -5.62 -1.46
C LEU C 142 31.74 -7.02 -1.06
N ALA C 143 33.00 -7.07 -0.65
CA ALA C 143 33.67 -8.33 -0.35
C ALA C 143 33.19 -8.97 0.96
N SER C 144 32.38 -8.25 1.76
CA SER C 144 31.98 -8.79 3.05
C SER C 144 31.13 -10.04 2.90
N ASN C 145 30.28 -10.10 1.86
CA ASN C 145 29.34 -11.20 1.67
C ASN C 145 29.39 -11.68 0.23
N PRO C 146 30.33 -12.56 -0.10
CA PRO C 146 30.30 -13.20 -1.43
C PRO C 146 29.16 -14.19 -1.53
N ARG C 147 28.82 -14.51 -2.78
CA ARG C 147 27.77 -15.50 -3.09
C ARG C 147 28.44 -16.67 -3.80
N VAL C 148 28.71 -17.73 -3.05
CA VAL C 148 29.38 -18.92 -3.57
C VAL C 148 28.33 -19.90 -4.08
N THR C 149 28.61 -20.52 -5.22
CA THR C 149 27.69 -21.48 -5.81
C THR C 149 28.51 -22.58 -6.47
N ARG C 150 28.25 -23.83 -6.08
CA ARG C 150 28.96 -24.99 -6.62
C ARG C 150 28.08 -25.73 -7.61
N PHE C 151 28.72 -26.37 -8.58
CA PHE C 151 28.02 -27.12 -9.62
C PHE C 151 28.61 -28.51 -9.73
N HIS C 152 27.77 -29.49 -9.99
CA HIS C 152 28.24 -30.85 -10.22
C HIS C 152 28.92 -30.93 -11.59
N ILE C 153 30.12 -31.51 -11.62
CA ILE C 153 30.87 -31.71 -12.85
C ILE C 153 31.47 -33.11 -12.83
N ASN C 154 31.91 -33.56 -14.00
CA ASN C 154 32.64 -34.82 -14.11
C ASN C 154 34.09 -34.59 -13.70
N TRP C 155 34.55 -35.34 -12.71
CA TRP C 155 35.87 -35.13 -12.12
C TRP C 155 36.92 -36.11 -12.61
N GLU C 156 36.61 -36.91 -13.63
CA GLU C 156 37.61 -37.79 -14.25
C GLU C 156 38.37 -38.59 -13.21
N LYS D 5 52.35 -3.60 19.72
CA LYS D 5 52.58 -4.12 21.05
C LYS D 5 51.52 -5.14 21.46
N VAL D 6 50.34 -5.07 20.84
CA VAL D 6 49.20 -5.90 21.19
C VAL D 6 48.73 -6.65 19.96
N GLN D 7 48.40 -7.93 20.14
CA GLN D 7 47.88 -8.78 19.08
C GLN D 7 46.72 -9.59 19.66
N VAL D 8 45.53 -9.45 19.08
CA VAL D 8 44.39 -10.26 19.48
C VAL D 8 44.44 -11.53 18.64
N ASN D 9 44.50 -12.68 19.31
CA ASN D 9 44.60 -13.95 18.60
C ASN D 9 43.24 -14.49 18.19
N ASN D 10 42.21 -14.28 19.01
CA ASN D 10 40.94 -14.95 18.79
C ASN D 10 39.83 -14.24 19.54
N VAL D 11 38.64 -14.24 18.95
CA VAL D 11 37.42 -13.75 19.57
C VAL D 11 36.35 -14.82 19.35
N VAL D 12 35.76 -15.31 20.43
CA VAL D 12 34.73 -16.35 20.37
C VAL D 12 33.40 -15.73 20.77
N VAL D 13 32.36 -16.01 19.99
CA VAL D 13 31.03 -15.52 20.27
C VAL D 13 30.30 -16.57 21.09
N LEU D 14 29.83 -16.18 22.27
CA LEU D 14 29.19 -17.09 23.21
C LEU D 14 27.70 -16.84 23.24
N ASP D 15 26.92 -17.93 23.34
CA ASP D 15 25.47 -17.88 23.22
C ASP D 15 25.08 -17.00 22.03
N ASN D 16 25.69 -17.29 20.88
CA ASN D 16 25.50 -16.46 19.70
C ASN D 16 24.04 -16.39 19.28
N PRO D 17 23.37 -17.49 18.95
CA PRO D 17 21.94 -17.39 18.62
C PRO D 17 21.10 -17.29 19.87
N SER D 18 20.63 -16.09 20.19
CA SER D 18 19.94 -15.85 21.45
C SER D 18 18.89 -14.77 21.22
N PRO D 19 17.89 -14.67 22.11
CA PRO D 19 16.92 -13.59 21.99
C PRO D 19 17.59 -12.22 21.97
N PHE D 20 16.96 -11.28 21.29
CA PHE D 20 17.53 -9.94 21.14
C PHE D 20 17.93 -9.35 22.49
N TYR D 21 17.09 -9.51 23.51
CA TYR D 21 17.34 -8.87 24.79
C TYR D 21 18.49 -9.50 25.56
N ASN D 22 18.90 -10.72 25.21
CA ASN D 22 20.03 -11.33 25.88
C ASN D 22 21.28 -10.49 25.65
N PRO D 23 22.21 -10.49 26.60
CA PRO D 23 23.41 -9.67 26.45
C PRO D 23 24.47 -10.32 25.57
N PHE D 24 25.25 -9.47 24.90
CA PHE D 24 26.39 -9.94 24.13
C PHE D 24 27.45 -10.54 25.05
N GLN D 25 28.13 -11.57 24.54
CA GLN D 25 29.21 -12.22 25.26
C GLN D 25 30.30 -12.59 24.28
N PHE D 26 31.51 -12.06 24.49
CA PHE D 26 32.66 -12.34 23.64
C PHE D 26 33.83 -12.78 24.51
N GLU D 27 34.36 -13.97 24.24
CA GLU D 27 35.60 -14.42 24.85
C GLU D 27 36.76 -13.90 23.99
N ILE D 28 37.52 -12.96 24.53
CA ILE D 28 38.57 -12.28 23.80
C ILE D 28 39.91 -12.71 24.38
N THR D 29 40.79 -13.21 23.52
CA THR D 29 42.14 -13.59 23.92
C THR D 29 43.13 -12.81 23.06
N PHE D 30 44.06 -12.13 23.72
CA PHE D 30 45.04 -11.29 23.04
C PHE D 30 46.39 -11.47 23.70
N GLU D 31 47.43 -11.05 22.99
CA GLU D 31 48.79 -11.12 23.49
C GLU D 31 49.37 -9.75 23.75
N CYS D 32 50.43 -9.75 24.55
CA CYS D 32 51.21 -8.57 24.82
C CYS D 32 52.69 -8.97 24.87
N ILE D 33 53.51 -8.25 24.10
CA ILE D 33 54.94 -8.52 24.07
C ILE D 33 55.72 -7.70 25.08
N GLU D 34 55.10 -6.69 25.68
CA GLU D 34 55.76 -5.82 26.65
C GLU D 34 54.82 -5.52 27.80
N ASP D 35 55.37 -5.38 28.99
CA ASP D 35 54.59 -4.83 30.09
C ASP D 35 53.96 -3.52 29.64
N LEU D 36 52.66 -3.41 29.82
CA LEU D 36 51.91 -2.22 29.40
C LEU D 36 51.52 -1.44 30.64
N SER D 37 52.18 -0.29 30.84
CA SER D 37 51.80 0.59 31.94
C SER D 37 50.41 1.16 31.74
N GLU D 38 50.09 1.55 30.51
CA GLU D 38 48.82 2.16 30.20
C GLU D 38 47.74 1.10 29.98
N ASP D 39 46.51 1.57 29.86
CA ASP D 39 45.36 0.69 29.72
C ASP D 39 44.96 0.53 28.26
N LEU D 40 44.46 -0.65 27.92
CA LEU D 40 43.76 -0.87 26.67
C LEU D 40 42.26 -0.70 26.91
N GLU D 41 41.61 0.11 26.06
CA GLU D 41 40.18 0.37 26.16
C GLU D 41 39.46 -0.48 25.11
N TRP D 42 38.69 -1.45 25.57
CA TRP D 42 37.85 -2.26 24.71
C TRP D 42 36.43 -1.72 24.70
N LYS D 43 35.80 -1.73 23.52
CA LYS D 43 34.43 -1.27 23.36
C LYS D 43 33.65 -2.27 22.52
N ILE D 44 32.37 -2.43 22.85
CA ILE D 44 31.40 -3.09 21.99
C ILE D 44 30.45 -2.03 21.48
N ILE D 45 30.31 -1.94 20.16
CA ILE D 45 29.50 -0.90 19.52
C ILE D 45 28.46 -1.59 18.63
N TYR D 46 27.20 -1.21 18.79
CA TYR D 46 26.10 -1.77 18.03
C TYR D 46 25.62 -0.74 17.02
N VAL D 47 25.60 -1.13 15.74
CA VAL D 47 25.15 -0.27 14.66
C VAL D 47 23.63 -0.38 14.59
N GLY D 48 22.93 0.56 15.21
CA GLY D 48 21.49 0.55 15.19
C GLY D 48 20.90 0.86 13.83
N SER D 49 21.64 1.56 12.97
CA SER D 49 21.14 1.95 11.66
C SER D 49 22.28 1.95 10.66
N ALA D 50 22.16 1.14 9.62
CA ALA D 50 23.09 1.22 8.49
C ALA D 50 23.08 2.60 7.85
N GLU D 51 22.03 3.40 8.09
CA GLU D 51 21.86 4.67 7.42
C GLU D 51 22.69 5.79 8.05
N SER D 52 23.12 5.65 9.31
CA SER D 52 23.81 6.75 9.96
C SER D 52 24.50 6.26 11.22
N GLU D 53 25.72 6.76 11.45
CA GLU D 53 26.47 6.43 12.66
C GLU D 53 25.88 7.09 13.90
N GLU D 54 25.04 8.11 13.74
CA GLU D 54 24.43 8.78 14.87
C GLU D 54 23.56 7.86 15.71
N TYR D 55 23.20 6.68 15.19
CA TYR D 55 22.42 5.70 15.93
C TYR D 55 23.28 4.58 16.47
N ASP D 56 24.59 4.80 16.57
CA ASP D 56 25.46 3.86 17.25
C ASP D 56 25.19 3.86 18.74
N GLN D 57 25.25 2.67 19.35
CA GLN D 57 25.10 2.51 20.79
C GLN D 57 26.34 1.82 21.32
N VAL D 58 27.10 2.49 22.18
CA VAL D 58 28.23 1.87 22.85
C VAL D 58 27.67 1.02 23.98
N LEU D 59 27.53 -0.29 23.73
CA LEU D 59 26.92 -1.17 24.71
C LEU D 59 27.74 -1.20 25.99
N ASP D 60 29.05 -1.25 25.89
CA ASP D 60 29.88 -1.21 27.07
C ASP D 60 31.28 -0.79 26.72
N SER D 61 32.00 -0.25 27.70
CA SER D 61 33.37 0.16 27.50
C SER D 61 34.17 -0.31 28.72
N VAL D 62 35.30 -0.99 28.52
CA VAL D 62 36.08 -1.47 29.66
C VAL D 62 37.54 -1.10 29.55
N LEU D 63 38.21 -0.99 30.68
CA LEU D 63 39.62 -0.65 30.71
C LEU D 63 40.39 -1.82 31.30
N VAL D 64 41.51 -2.22 30.69
CA VAL D 64 42.31 -3.29 31.24
C VAL D 64 43.48 -2.63 31.95
N GLY D 65 43.75 -3.07 33.17
CA GLY D 65 44.78 -2.45 33.97
C GLY D 65 46.16 -2.66 33.38
N PRO D 66 47.19 -2.60 34.21
CA PRO D 66 48.54 -2.93 33.72
C PRO D 66 48.56 -4.36 33.20
N VAL D 67 49.02 -4.52 31.97
CA VAL D 67 49.04 -5.82 31.30
C VAL D 67 50.48 -6.32 31.27
N PRO D 68 50.80 -7.45 31.90
CA PRO D 68 52.12 -8.03 31.71
C PRO D 68 52.21 -8.75 30.38
N ALA D 69 53.44 -8.86 29.88
CA ALA D 69 53.64 -9.49 28.59
C ALA D 69 53.16 -10.94 28.63
N GLY D 70 52.58 -11.40 27.52
CA GLY D 70 52.09 -12.76 27.46
C GLY D 70 50.74 -12.88 26.81
N ARG D 71 50.13 -14.06 26.92
CA ARG D 71 48.82 -14.30 26.35
C ARG D 71 47.78 -14.12 27.45
N HIS D 72 46.73 -13.35 27.17
CA HIS D 72 45.70 -13.08 28.15
C HIS D 72 44.34 -13.31 27.56
N MET D 73 43.35 -13.47 28.42
CA MET D 73 41.98 -13.72 28.00
C MET D 73 41.02 -13.09 29.00
N PHE D 74 39.86 -12.67 28.50
CA PHE D 74 38.78 -12.18 29.34
C PHE D 74 37.47 -12.24 28.57
N VAL D 75 36.38 -12.41 29.31
CA VAL D 75 35.04 -12.46 28.73
C VAL D 75 34.45 -11.05 28.78
N PHE D 76 34.12 -10.51 27.61
CA PHE D 76 33.55 -9.18 27.48
C PHE D 76 32.04 -9.33 27.28
N GLN D 77 31.29 -9.09 28.34
CA GLN D 77 29.83 -9.18 28.30
C GLN D 77 29.22 -7.79 28.40
N ALA D 78 28.26 -7.50 27.53
CA ALA D 78 27.58 -6.22 27.51
C ALA D 78 26.10 -6.44 27.25
N ASP D 79 25.29 -5.48 27.70
CA ASP D 79 23.84 -5.58 27.58
C ASP D 79 23.40 -5.26 26.16
N ALA D 80 22.27 -5.87 25.77
CA ALA D 80 21.71 -5.66 24.45
C ALA D 80 21.40 -4.17 24.25
N PRO D 81 21.31 -3.73 22.99
CA PRO D 81 21.05 -2.31 22.73
C PRO D 81 19.65 -1.91 23.14
N ASN D 82 19.47 -0.60 23.28
CA ASN D 82 18.18 -0.02 23.64
C ASN D 82 17.29 0.07 22.41
N PRO D 83 16.25 -0.75 22.29
CA PRO D 83 15.42 -0.70 21.07
C PRO D 83 14.81 0.66 20.83
N GLY D 84 14.60 1.46 21.87
CA GLY D 84 14.01 2.79 21.71
C GLY D 84 14.84 3.74 20.87
N LEU D 85 16.11 3.42 20.62
CA LEU D 85 16.99 4.24 19.79
C LEU D 85 17.23 3.64 18.42
N ILE D 86 16.64 2.48 18.12
CA ILE D 86 16.87 1.79 16.86
C ILE D 86 15.73 2.16 15.91
N PRO D 87 16.01 2.72 14.73
CA PRO D 87 14.94 2.92 13.75
C PRO D 87 14.20 1.62 13.47
N ASP D 88 12.88 1.71 13.30
CA ASP D 88 12.09 0.51 13.08
C ASP D 88 12.52 -0.22 11.82
N ALA D 89 12.94 0.51 10.79
CA ALA D 89 13.30 -0.12 9.52
C ALA D 89 14.58 -0.94 9.62
N ASP D 90 15.40 -0.72 10.66
CA ASP D 90 16.66 -1.43 10.80
C ASP D 90 16.62 -2.52 11.88
N ALA D 91 15.53 -2.63 12.63
CA ALA D 91 15.49 -3.58 13.73
C ALA D 91 15.46 -5.01 13.21
N VAL D 92 14.57 -5.30 12.26
CA VAL D 92 14.42 -6.63 11.69
C VAL D 92 15.24 -6.68 10.41
N GLY D 93 16.27 -7.51 10.41
CA GLY D 93 17.16 -7.61 9.28
C GLY D 93 18.60 -7.74 9.69
N VAL D 94 19.51 -7.20 8.87
CA VAL D 94 20.94 -7.35 9.07
C VAL D 94 21.52 -6.03 9.55
N THR D 95 22.41 -6.11 10.54
CA THR D 95 23.18 -4.98 11.01
C THR D 95 24.55 -5.51 11.42
N VAL D 96 25.37 -4.68 12.05
CA VAL D 96 26.68 -5.11 12.51
C VAL D 96 26.87 -4.74 13.98
N VAL D 97 27.75 -5.50 14.62
CA VAL D 97 28.26 -5.21 15.95
C VAL D 97 29.77 -5.15 15.84
N LEU D 98 30.40 -4.24 16.57
CA LEU D 98 31.84 -4.01 16.49
C LEU D 98 32.50 -4.25 17.83
N ILE D 99 33.73 -4.75 17.79
CA ILE D 99 34.61 -4.84 18.95
C ILE D 99 35.87 -4.09 18.59
N THR D 100 36.10 -2.95 19.24
CA THR D 100 37.24 -2.09 18.95
C THR D 100 38.09 -1.91 20.20
N CYS D 101 39.39 -2.10 20.06
CA CYS D 101 40.35 -1.87 21.14
C CYS D 101 41.17 -0.62 20.82
N THR D 102 41.52 0.12 21.87
CA THR D 102 42.15 1.42 21.74
C THR D 102 43.32 1.52 22.70
N TYR D 103 44.42 2.09 22.21
CA TYR D 103 45.64 2.26 23.00
C TYR D 103 46.07 3.72 22.94
N ARG D 104 46.15 4.37 24.09
CA ARG D 104 46.57 5.77 24.15
C ARG D 104 45.71 6.68 23.29
N GLY D 105 44.41 6.46 23.30
CA GLY D 105 43.49 7.26 22.52
C GLY D 105 43.42 6.93 21.05
N GLN D 106 44.07 5.86 20.60
CA GLN D 106 44.14 5.50 19.19
C GLN D 106 43.59 4.09 19.01
N GLU D 107 42.47 3.97 18.30
CA GLU D 107 41.93 2.65 17.96
C GLU D 107 42.86 1.95 16.99
N PHE D 108 43.20 0.69 17.29
CA PHE D 108 44.14 -0.05 16.47
C PHE D 108 43.60 -1.37 15.93
N ILE D 109 42.39 -1.77 16.32
CA ILE D 109 41.78 -2.97 15.75
C ILE D 109 40.26 -2.84 15.87
N ARG D 110 39.56 -3.36 14.88
CA ARG D 110 38.11 -3.42 14.87
C ARG D 110 37.69 -4.78 14.35
N VAL D 111 36.98 -5.53 15.18
CA VAL D 111 36.47 -6.85 14.81
C VAL D 111 34.95 -6.72 14.70
N GLY D 112 34.44 -6.87 13.49
CA GLY D 112 33.02 -6.71 13.22
C GLY D 112 32.37 -8.02 12.85
N TYR D 113 31.12 -8.20 13.29
CA TYR D 113 30.30 -9.35 12.94
C TYR D 113 29.00 -8.86 12.33
N TYR D 114 28.48 -9.62 11.37
CA TYR D 114 27.12 -9.41 10.90
C TYR D 114 26.14 -9.97 11.92
N VAL D 115 25.02 -9.28 12.09
CA VAL D 115 24.00 -9.65 13.08
C VAL D 115 22.66 -9.69 12.37
N ASN D 116 21.97 -10.82 12.46
CA ASN D 116 20.68 -11.03 11.84
C ASN D 116 19.63 -11.14 12.93
N ASN D 117 18.73 -10.15 13.00
CA ASN D 117 17.62 -10.14 13.95
C ASN D 117 16.36 -10.50 13.17
N GLU D 118 15.79 -11.66 13.49
CA GLU D 118 14.61 -12.14 12.79
C GLU D 118 13.62 -12.71 13.79
N TYR D 119 12.36 -12.79 13.38
CA TYR D 119 11.35 -13.47 14.17
C TYR D 119 11.49 -14.98 13.98
N THR D 120 11.14 -15.72 15.04
CA THR D 120 11.26 -17.17 15.02
C THR D 120 9.94 -17.87 14.72
N GLU D 121 8.81 -17.22 14.99
CA GLU D 121 7.49 -17.77 14.66
C GLU D 121 7.15 -17.43 13.22
N THR D 122 6.80 -18.45 12.44
CA THR D 122 6.48 -18.21 11.03
C THR D 122 5.35 -17.21 10.88
N GLU D 123 4.40 -17.18 11.82
CA GLU D 123 3.34 -16.20 11.78
C GLU D 123 3.90 -14.78 11.71
N LEU D 124 4.83 -14.45 12.62
CA LEU D 124 5.43 -13.13 12.62
C LEU D 124 6.33 -12.94 11.41
N ARG D 125 7.09 -13.98 11.04
CA ARG D 125 8.02 -13.87 9.91
C ARG D 125 7.30 -13.41 8.65
N GLU D 126 6.15 -14.01 8.35
CA GLU D 126 5.42 -13.70 7.13
C GLU D 126 4.50 -12.50 7.27
N ASN D 127 4.11 -12.14 8.48
CA ASN D 127 3.27 -10.97 8.74
C ASN D 127 3.85 -10.22 9.93
N PRO D 128 4.93 -9.46 9.72
CA PRO D 128 5.59 -8.81 10.84
C PRO D 128 4.72 -7.73 11.45
N PRO D 129 4.89 -7.42 12.73
CA PRO D 129 4.11 -6.35 13.34
C PRO D 129 4.52 -4.98 12.80
N VAL D 130 3.58 -4.04 12.86
CA VAL D 130 3.83 -2.70 12.33
C VAL D 130 5.07 -2.09 12.97
N LYS D 131 5.19 -2.21 14.29
CA LYS D 131 6.41 -1.83 14.99
C LYS D 131 7.12 -3.08 15.45
N PRO D 132 8.44 -3.19 15.26
CA PRO D 132 9.12 -4.44 15.63
C PRO D 132 8.92 -4.77 17.10
N ASP D 133 8.73 -6.06 17.38
CA ASP D 133 8.57 -6.58 18.74
C ASP D 133 9.88 -7.24 19.14
N PHE D 134 10.74 -6.48 19.80
CA PHE D 134 12.07 -6.95 20.16
C PHE D 134 12.04 -8.09 21.17
N SER D 135 10.89 -8.37 21.78
CA SER D 135 10.77 -9.52 22.67
C SER D 135 10.52 -10.82 21.93
N LYS D 136 10.17 -10.74 20.64
CA LYS D 136 10.02 -11.92 19.79
C LYS D 136 11.14 -12.05 18.77
N LEU D 137 12.09 -11.11 18.75
CA LEU D 137 13.20 -11.19 17.82
C LEU D 137 14.32 -12.06 18.37
N GLN D 138 14.95 -12.83 17.49
CA GLN D 138 16.11 -13.62 17.82
C GLN D 138 17.34 -13.00 17.15
N ARG D 139 18.35 -12.68 17.94
CA ARG D 139 19.61 -12.21 17.41
C ARG D 139 20.49 -13.40 17.03
N ASN D 140 21.13 -13.29 15.86
CA ASN D 140 22.04 -14.33 15.38
C ASN D 140 23.30 -13.65 14.85
N ILE D 141 24.37 -13.70 15.65
CA ILE D 141 25.65 -13.18 15.22
C ILE D 141 26.29 -14.16 14.26
N LEU D 142 26.70 -13.67 13.09
CA LEU D 142 27.34 -14.52 12.08
C LEU D 142 28.81 -14.67 12.45
N ALA D 143 29.07 -15.57 13.41
CA ALA D 143 30.41 -15.75 13.94
C ALA D 143 31.33 -16.50 12.99
N SER D 144 30.79 -17.08 11.91
CA SER D 144 31.62 -17.75 10.92
C SER D 144 32.42 -16.77 10.08
N ASN D 145 32.03 -15.50 10.05
CA ASN D 145 32.61 -14.49 9.16
C ASN D 145 33.02 -13.25 9.95
N PRO D 146 34.04 -13.37 10.79
CA PRO D 146 34.58 -12.17 11.45
C PRO D 146 35.23 -11.23 10.43
N ARG D 147 35.19 -9.94 10.75
CA ARG D 147 35.72 -8.89 9.89
C ARG D 147 36.71 -8.05 10.70
N VAL D 148 37.98 -8.42 10.63
CA VAL D 148 39.04 -7.79 11.41
C VAL D 148 39.69 -6.71 10.56
N THR D 149 39.83 -5.51 11.14
CA THR D 149 40.50 -4.40 10.48
C THR D 149 41.42 -3.74 11.50
N ARG D 150 42.71 -3.68 11.17
CA ARG D 150 43.71 -3.09 12.03
C ARG D 150 44.11 -1.73 11.50
N PHE D 151 44.59 -0.86 12.38
CA PHE D 151 44.97 0.49 12.04
C PHE D 151 46.38 0.78 12.55
N HIS D 152 47.06 1.70 11.87
CA HIS D 152 48.41 2.10 12.25
C HIS D 152 48.33 3.22 13.26
N ILE D 153 48.87 2.99 14.46
CA ILE D 153 48.84 3.97 15.54
C ILE D 153 50.25 4.21 16.04
N ASN D 154 50.38 5.19 16.94
CA ASN D 154 51.69 5.66 17.38
C ASN D 154 52.43 4.61 18.19
N TRP D 155 51.72 3.88 19.05
CA TRP D 155 52.36 2.96 19.98
C TRP D 155 53.45 3.67 20.77
N ALA E 4 -12.41 45.93 25.56
CA ALA E 4 -13.03 45.72 24.27
C ALA E 4 -14.26 46.63 24.10
N LYS E 5 -14.22 47.49 23.10
CA LYS E 5 -15.28 48.47 22.89
C LYS E 5 -16.37 47.98 21.95
N VAL E 6 -16.08 47.02 21.08
CA VAL E 6 -17.04 46.50 20.13
C VAL E 6 -17.12 44.98 20.26
N GLN E 7 -18.33 44.44 20.15
CA GLN E 7 -18.57 43.01 20.19
C GLN E 7 -19.48 42.64 19.02
N VAL E 8 -19.03 41.69 18.21
CA VAL E 8 -19.86 41.17 17.13
C VAL E 8 -20.76 40.08 17.71
N ASN E 9 -22.06 40.26 17.56
CA ASN E 9 -23.02 39.33 18.16
C ASN E 9 -23.44 38.23 17.20
N ASN E 10 -23.67 38.57 15.93
CA ASN E 10 -24.22 37.58 14.99
C ASN E 10 -23.81 37.94 13.57
N VAL E 11 -23.57 36.90 12.78
CA VAL E 11 -23.40 37.02 11.34
C VAL E 11 -24.33 36.00 10.69
N VAL E 12 -25.13 36.45 9.72
CA VAL E 12 -26.06 35.60 9.02
C VAL E 12 -25.67 35.57 7.55
N VAL E 13 -25.55 34.36 7.00
CA VAL E 13 -25.21 34.17 5.60
C VAL E 13 -26.50 34.16 4.79
N LEU E 14 -26.67 35.15 3.92
CA LEU E 14 -27.88 35.30 3.13
C LEU E 14 -27.68 34.72 1.74
N ASP E 15 -28.74 34.10 1.21
CA ASP E 15 -28.69 33.44 -0.09
C ASP E 15 -27.45 32.56 -0.20
N ASN E 16 -27.24 31.75 0.84
CA ASN E 16 -25.96 31.05 0.99
C ASN E 16 -25.67 30.13 -0.20
N PRO E 17 -26.47 29.10 -0.48
CA PRO E 17 -26.23 28.32 -1.70
C PRO E 17 -26.67 29.15 -2.91
N SER E 18 -25.70 29.48 -3.76
CA SER E 18 -25.96 30.38 -4.88
C SER E 18 -24.86 30.19 -5.91
N PRO E 19 -25.10 30.59 -7.15
CA PRO E 19 -24.03 30.51 -8.16
C PRO E 19 -22.79 31.26 -7.72
N PHE E 20 -21.65 30.84 -8.28
CA PHE E 20 -20.37 31.42 -7.89
C PHE E 20 -20.35 32.93 -8.10
N TYR E 21 -21.03 33.42 -9.14
CA TYR E 21 -20.95 34.83 -9.50
C TYR E 21 -21.90 35.71 -8.68
N ASN E 22 -22.84 35.13 -7.94
CA ASN E 22 -23.70 35.95 -7.10
C ASN E 22 -22.87 36.61 -6.00
N PRO E 23 -23.18 37.85 -5.63
CA PRO E 23 -22.40 38.52 -4.59
C PRO E 23 -22.58 37.89 -3.23
N PHE E 24 -21.56 38.05 -2.39
CA PHE E 24 -21.69 37.67 -0.98
C PHE E 24 -22.64 38.63 -0.28
N GLN E 25 -23.43 38.10 0.66
CA GLN E 25 -24.35 38.92 1.45
C GLN E 25 -24.32 38.41 2.89
N PHE E 26 -23.83 39.24 3.80
CA PHE E 26 -23.79 38.92 5.22
C PHE E 26 -24.60 39.96 5.99
N GLU E 27 -25.48 39.51 6.86
CA GLU E 27 -26.18 40.40 7.79
C GLU E 27 -25.39 40.37 9.11
N ILE E 28 -24.80 41.51 9.46
CA ILE E 28 -23.91 41.62 10.60
C ILE E 28 -24.59 42.44 11.68
N THR E 29 -24.60 41.92 12.91
CA THR E 29 -25.11 42.63 14.07
C THR E 29 -24.00 42.69 15.12
N PHE E 30 -23.73 43.90 15.61
CA PHE E 30 -22.66 44.10 16.59
C PHE E 30 -23.09 45.13 17.61
N GLU E 31 -22.57 44.99 18.82
CA GLU E 31 -22.85 45.90 19.92
C GLU E 31 -21.62 46.75 20.21
N CYS E 32 -21.86 47.96 20.70
CA CYS E 32 -20.81 48.90 21.04
C CYS E 32 -21.08 49.45 22.43
N ILE E 33 -20.11 49.31 23.33
CA ILE E 33 -20.32 49.70 24.72
C ILE E 33 -20.29 51.21 24.90
N GLU E 34 -19.66 51.94 23.99
CA GLU E 34 -19.54 53.38 24.11
C GLU E 34 -19.46 54.00 22.72
N ASP E 35 -19.78 55.28 22.64
CA ASP E 35 -19.63 56.00 21.38
C ASP E 35 -18.19 55.96 20.92
N LEU E 36 -17.98 55.59 19.66
CA LEU E 36 -16.64 55.43 19.12
C LEU E 36 -16.15 56.72 18.48
N SER E 37 -14.87 57.03 18.73
CA SER E 37 -14.31 58.26 18.18
C SER E 37 -14.10 58.17 16.68
N GLU E 38 -13.81 56.99 16.15
CA GLU E 38 -13.44 56.81 14.75
C GLU E 38 -14.31 55.72 14.12
N ASP E 39 -14.04 55.45 12.84
CA ASP E 39 -14.83 54.51 12.08
C ASP E 39 -14.37 53.07 12.30
N LEU E 40 -15.31 52.14 12.20
CA LEU E 40 -15.00 50.73 12.05
C LEU E 40 -14.87 50.40 10.57
N GLU E 41 -13.79 49.73 10.20
CA GLU E 41 -13.56 49.31 8.82
C GLU E 41 -13.77 47.80 8.73
N TRP E 42 -14.75 47.41 7.92
CA TRP E 42 -15.04 46.00 7.67
C TRP E 42 -14.48 45.60 6.31
N LYS E 43 -14.00 44.37 6.22
CA LYS E 43 -13.52 43.81 4.97
C LYS E 43 -14.09 42.40 4.78
N ILE E 44 -14.24 42.01 3.53
CA ILE E 44 -14.51 40.63 3.16
C ILE E 44 -13.37 40.17 2.26
N ILE E 45 -12.71 39.09 2.65
CA ILE E 45 -11.52 38.59 1.97
C ILE E 45 -11.78 37.16 1.54
N TYR E 46 -11.59 36.89 0.25
CA TYR E 46 -11.76 35.57 -0.32
C TYR E 46 -10.37 34.93 -0.47
N VAL E 47 -10.18 33.78 0.16
CA VAL E 47 -8.90 33.06 0.07
C VAL E 47 -8.89 32.34 -1.28
N GLY E 48 -8.26 32.98 -2.27
CA GLY E 48 -8.20 32.39 -3.60
C GLY E 48 -7.43 31.09 -3.67
N SER E 49 -6.52 30.87 -2.72
CA SER E 49 -5.68 29.66 -2.74
C SER E 49 -5.22 29.34 -1.34
N ALA E 50 -5.49 28.11 -0.89
CA ALA E 50 -4.95 27.65 0.38
C ALA E 50 -3.43 27.55 0.34
N GLU E 51 -2.83 27.55 -0.85
CA GLU E 51 -1.39 27.40 -0.99
C GLU E 51 -0.63 28.67 -0.62
N SER E 52 -1.27 29.83 -0.72
CA SER E 52 -0.55 31.09 -0.51
C SER E 52 -1.57 32.21 -0.35
N GLU E 53 -1.36 33.07 0.65
CA GLU E 53 -2.24 34.21 0.85
C GLU E 53 -2.05 35.28 -0.22
N GLU E 54 -1.06 35.13 -1.09
CA GLU E 54 -0.86 36.10 -2.17
C GLU E 54 -2.07 36.17 -3.11
N TYR E 55 -2.92 35.15 -3.09
CA TYR E 55 -4.12 35.13 -3.92
C TYR E 55 -5.36 35.56 -3.13
N ASP E 56 -5.18 36.21 -1.98
CA ASP E 56 -6.29 36.82 -1.30
C ASP E 56 -6.92 37.88 -2.19
N GLN E 57 -8.24 38.04 -2.05
CA GLN E 57 -8.98 39.05 -2.79
C GLN E 57 -9.87 39.79 -1.80
N VAL E 58 -9.64 41.10 -1.66
CA VAL E 58 -10.50 41.94 -0.83
C VAL E 58 -11.74 42.24 -1.67
N LEU E 59 -12.80 41.46 -1.46
CA LEU E 59 -14.01 41.66 -2.25
C LEU E 59 -14.59 43.05 -2.06
N ASP E 60 -14.48 43.60 -0.85
CA ASP E 60 -14.98 44.95 -0.59
C ASP E 60 -14.53 45.38 0.79
N SER E 61 -14.51 46.70 0.99
CA SER E 61 -14.11 47.30 2.26
C SER E 61 -15.05 48.47 2.55
N VAL E 62 -15.66 48.48 3.73
CA VAL E 62 -16.64 49.51 4.08
C VAL E 62 -16.26 50.15 5.40
N LEU E 63 -16.52 51.45 5.51
CA LEU E 63 -16.36 52.21 6.74
C LEU E 63 -17.73 52.56 7.29
N VAL E 64 -17.98 52.22 8.54
CA VAL E 64 -19.17 52.73 9.22
C VAL E 64 -18.89 54.16 9.65
N GLY E 65 -19.94 54.97 9.70
CA GLY E 65 -19.81 56.37 10.03
C GLY E 65 -19.71 56.58 11.52
N PRO E 66 -20.28 57.69 12.01
CA PRO E 66 -20.37 57.87 13.47
C PRO E 66 -21.20 56.75 14.08
N VAL E 67 -20.62 56.06 15.06
CA VAL E 67 -21.26 54.92 15.68
C VAL E 67 -21.61 55.29 17.12
N PRO E 68 -22.88 55.43 17.47
CA PRO E 68 -23.25 55.60 18.87
C PRO E 68 -23.27 54.25 19.57
N ALA E 69 -23.24 54.31 20.90
CA ALA E 69 -23.28 53.07 21.67
C ALA E 69 -24.63 52.39 21.49
N GLY E 70 -24.62 51.06 21.62
CA GLY E 70 -25.81 50.25 21.48
C GLY E 70 -25.61 49.16 20.46
N ARG E 71 -26.73 48.51 20.10
CA ARG E 71 -26.72 47.44 19.12
C ARG E 71 -27.02 48.00 17.74
N HIS E 72 -26.32 47.48 16.73
CA HIS E 72 -26.48 47.94 15.36
C HIS E 72 -26.45 46.74 14.42
N MET E 73 -26.97 46.96 13.21
CA MET E 73 -27.06 45.91 12.21
C MET E 73 -26.91 46.53 10.82
N PHE E 74 -26.20 45.84 9.94
CA PHE E 74 -26.10 46.24 8.55
C PHE E 74 -25.86 45.00 7.69
N VAL E 75 -26.00 45.18 6.38
CA VAL E 75 -25.83 44.11 5.41
C VAL E 75 -24.60 44.42 4.57
N PHE E 76 -23.58 43.57 4.68
CA PHE E 76 -22.34 43.72 3.94
C PHE E 76 -22.44 42.89 2.65
N GLN E 77 -22.59 43.57 1.52
CA GLN E 77 -22.66 42.92 0.21
C GLN E 77 -21.41 43.24 -0.59
N ALA E 78 -20.84 42.22 -1.22
CA ALA E 78 -19.60 42.35 -1.96
C ALA E 78 -19.63 41.48 -3.20
N ASP E 79 -19.08 42.00 -4.30
CA ASP E 79 -19.05 41.24 -5.55
C ASP E 79 -18.18 40.00 -5.42
N ALA E 80 -18.56 38.95 -6.16
CA ALA E 80 -17.83 37.70 -6.13
C ALA E 80 -16.37 37.92 -6.53
N PRO E 81 -15.49 36.98 -6.15
CA PRO E 81 -14.08 37.11 -6.55
C PRO E 81 -13.91 36.95 -8.06
N ASN E 82 -12.78 37.48 -8.53
CA ASN E 82 -12.42 37.40 -9.94
C ASN E 82 -11.79 36.04 -10.25
N PRO E 83 -12.46 35.18 -11.01
CA PRO E 83 -11.88 33.84 -11.26
C PRO E 83 -10.55 33.92 -12.01
N GLY E 84 -10.31 34.97 -12.78
CA GLY E 84 -9.02 35.14 -13.44
C GLY E 84 -7.84 35.19 -12.50
N LEU E 85 -8.06 35.36 -11.20
CA LEU E 85 -7.00 35.39 -10.21
C LEU E 85 -6.98 34.16 -9.32
N ILE E 86 -7.86 33.20 -9.57
CA ILE E 86 -7.95 31.99 -8.75
C ILE E 86 -7.23 30.86 -9.47
N PRO E 87 -6.28 30.18 -8.84
CA PRO E 87 -5.68 29.01 -9.48
C PRO E 87 -6.72 27.95 -9.80
N ASP E 88 -6.59 27.33 -10.97
CA ASP E 88 -7.54 26.29 -11.37
C ASP E 88 -7.70 25.23 -10.30
N ALA E 89 -6.59 24.84 -9.66
CA ALA E 89 -6.62 23.75 -8.69
C ALA E 89 -7.44 24.09 -7.45
N ASP E 90 -7.59 25.37 -7.12
CA ASP E 90 -8.36 25.79 -5.96
C ASP E 90 -9.80 26.15 -6.29
N ALA E 91 -10.16 26.22 -7.58
CA ALA E 91 -11.48 26.71 -7.95
C ALA E 91 -12.58 25.78 -7.48
N VAL E 92 -12.44 24.48 -7.75
CA VAL E 92 -13.41 23.47 -7.35
C VAL E 92 -12.91 22.80 -6.08
N GLY E 93 -13.72 22.86 -5.03
CA GLY E 93 -13.32 22.30 -3.75
C GLY E 93 -13.64 23.24 -2.62
N VAL E 94 -12.88 23.16 -1.54
CA VAL E 94 -13.13 23.94 -0.34
C VAL E 94 -12.07 25.01 -0.20
N THR E 95 -12.52 26.22 0.14
CA THR E 95 -11.67 27.36 0.45
C THR E 95 -12.32 28.07 1.62
N VAL E 96 -11.85 29.28 1.97
CA VAL E 96 -12.50 30.04 3.03
C VAL E 96 -12.72 31.48 2.59
N VAL E 97 -13.70 32.11 3.23
CA VAL E 97 -13.99 33.52 3.09
C VAL E 97 -13.97 34.14 4.48
N LEU E 98 -13.41 35.33 4.59
CA LEU E 98 -13.19 35.98 5.88
C LEU E 98 -13.97 37.27 5.97
N ILE E 99 -14.46 37.58 7.17
CA ILE E 99 -15.00 38.88 7.50
C ILE E 99 -14.15 39.42 8.65
N THR E 100 -13.53 40.58 8.44
CA THR E 100 -12.65 41.18 9.43
C THR E 100 -13.11 42.59 9.73
N CYS E 101 -13.04 42.98 11.00
CA CYS E 101 -13.34 44.34 11.42
C CYS E 101 -12.10 44.96 12.06
N THR E 102 -11.84 46.22 11.73
CA THR E 102 -10.62 46.90 12.12
C THR E 102 -10.97 48.23 12.78
N TYR E 103 -10.31 48.53 13.90
CA TYR E 103 -10.45 49.81 14.58
C TYR E 103 -9.08 50.45 14.71
N ARG E 104 -8.97 51.69 14.22
CA ARG E 104 -7.70 52.42 14.25
C ARG E 104 -6.58 51.57 13.67
N GLY E 105 -6.87 50.92 12.54
CA GLY E 105 -5.88 50.14 11.82
C GLY E 105 -5.54 48.80 12.44
N GLN E 106 -6.29 48.35 13.44
CA GLN E 106 -6.02 47.10 14.14
C GLN E 106 -7.20 46.15 13.95
N GLU E 107 -6.95 45.01 13.32
CA GLU E 107 -7.97 43.99 13.21
C GLU E 107 -8.21 43.36 14.57
N PHE E 108 -9.46 43.43 15.05
CA PHE E 108 -9.80 42.89 16.37
C PHE E 108 -10.76 41.72 16.33
N ILE E 109 -11.24 41.31 15.14
CA ILE E 109 -12.08 40.14 15.02
C ILE E 109 -11.93 39.58 13.61
N ARG E 110 -12.15 38.28 13.47
CA ARG E 110 -12.09 37.60 12.18
C ARG E 110 -13.11 36.49 12.18
N VAL E 111 -14.11 36.59 11.31
CA VAL E 111 -15.14 35.57 11.17
C VAL E 111 -14.92 34.89 9.82
N GLY E 112 -14.64 33.60 9.84
CA GLY E 112 -14.33 32.86 8.64
C GLY E 112 -15.30 31.70 8.44
N TYR E 113 -15.68 31.46 7.18
CA TYR E 113 -16.53 30.35 6.81
C TYR E 113 -15.81 29.49 5.78
N TYR E 114 -15.98 28.18 5.88
CA TYR E 114 -15.59 27.30 4.80
C TYR E 114 -16.54 27.50 3.63
N VAL E 115 -16.00 27.46 2.41
CA VAL E 115 -16.77 27.66 1.19
C VAL E 115 -16.51 26.48 0.26
N ASN E 116 -17.58 25.78 -0.11
CA ASN E 116 -17.49 24.63 -1.01
C ASN E 116 -18.07 25.05 -2.36
N ASN E 117 -17.21 25.16 -3.37
CA ASN E 117 -17.62 25.45 -4.73
C ASN E 117 -17.65 24.15 -5.52
N GLU E 118 -18.84 23.73 -5.95
CA GLU E 118 -19.02 22.46 -6.63
C GLU E 118 -19.88 22.66 -7.87
N TYR E 119 -19.73 21.76 -8.83
CA TYR E 119 -20.65 21.69 -9.96
C TYR E 119 -21.96 21.05 -9.51
N THR E 120 -23.06 21.50 -10.13
CA THR E 120 -24.37 20.98 -9.78
C THR E 120 -24.89 19.94 -10.78
N GLU E 121 -24.34 19.89 -11.98
CA GLU E 121 -24.70 18.88 -12.96
C GLU E 121 -23.81 17.66 -12.76
N THR E 122 -24.43 16.51 -12.46
CA THR E 122 -23.65 15.30 -12.22
C THR E 122 -22.67 15.02 -13.33
N GLU E 123 -23.01 15.40 -14.56
CA GLU E 123 -22.06 15.29 -15.67
C GLU E 123 -20.74 15.98 -15.32
N LEU E 124 -20.80 17.30 -15.12
CA LEU E 124 -19.58 18.06 -14.81
C LEU E 124 -18.89 17.53 -13.56
N ARG E 125 -19.67 17.17 -12.53
CA ARG E 125 -19.09 16.72 -11.27
C ARG E 125 -18.14 15.55 -11.48
N GLU E 126 -18.47 14.65 -12.40
CA GLU E 126 -17.69 13.43 -12.57
C GLU E 126 -16.50 13.65 -13.49
N ASN E 127 -16.75 14.15 -14.71
CA ASN E 127 -15.66 14.54 -15.60
C ASN E 127 -15.64 16.06 -15.68
N PRO E 128 -15.01 16.73 -14.72
CA PRO E 128 -15.01 18.20 -14.71
C PRO E 128 -14.22 18.76 -15.87
N PRO E 129 -14.46 20.01 -16.26
CA PRO E 129 -13.70 20.60 -17.36
C PRO E 129 -12.21 20.71 -17.04
N VAL E 130 -11.41 20.78 -18.10
CA VAL E 130 -9.97 20.96 -17.93
C VAL E 130 -9.68 22.25 -17.19
N LYS E 131 -10.40 23.33 -17.54
CA LYS E 131 -10.30 24.59 -16.84
C LYS E 131 -11.62 24.88 -16.14
N PRO E 132 -11.61 25.24 -14.85
CA PRO E 132 -12.88 25.43 -14.14
C PRO E 132 -13.80 26.41 -14.86
N ASP E 133 -15.05 26.01 -15.04
CA ASP E 133 -16.09 26.84 -15.63
C ASP E 133 -16.89 27.44 -14.49
N PHE E 134 -16.54 28.67 -14.10
CA PHE E 134 -17.15 29.29 -12.94
C PHE E 134 -18.63 29.61 -13.15
N SER E 135 -19.07 29.74 -14.40
CA SER E 135 -20.48 29.99 -14.67
C SER E 135 -21.38 28.83 -14.27
N LYS E 136 -20.80 27.65 -14.01
CA LYS E 136 -21.56 26.47 -13.62
C LYS E 136 -21.23 26.00 -12.21
N LEU E 137 -20.46 26.77 -11.46
CA LEU E 137 -20.12 26.42 -10.09
C LEU E 137 -21.17 26.99 -9.13
N GLN E 138 -21.47 26.22 -8.10
CA GLN E 138 -22.35 26.64 -7.02
C GLN E 138 -21.50 26.92 -5.79
N ARG E 139 -21.68 28.10 -5.20
CA ARG E 139 -21.03 28.44 -3.95
C ARG E 139 -21.91 28.02 -2.78
N ASN E 140 -21.34 27.25 -1.86
CA ASN E 140 -22.02 26.82 -0.64
C ASN E 140 -21.20 27.27 0.56
N ILE E 141 -21.67 28.32 1.23
CA ILE E 141 -21.02 28.79 2.45
C ILE E 141 -21.51 27.95 3.62
N LEU E 142 -20.58 27.32 4.34
CA LEU E 142 -20.92 26.47 5.46
C LEU E 142 -21.21 27.35 6.67
N ALA E 143 -22.42 27.93 6.65
CA ALA E 143 -22.81 28.90 7.67
C ALA E 143 -22.96 28.28 9.04
N SER E 144 -23.15 26.95 9.12
CA SER E 144 -23.33 26.28 10.39
C SER E 144 -22.06 26.22 11.22
N ASN E 145 -20.91 26.50 10.63
CA ASN E 145 -19.61 26.33 11.29
C ASN E 145 -18.76 27.58 11.13
N PRO E 146 -19.21 28.71 11.68
CA PRO E 146 -18.35 29.90 11.68
C PRO E 146 -17.15 29.70 12.59
N ARG E 147 -16.02 30.25 12.17
CA ARG E 147 -14.80 30.29 12.97
C ARG E 147 -14.56 31.74 13.35
N VAL E 148 -14.54 32.01 14.65
CA VAL E 148 -14.39 33.38 15.15
C VAL E 148 -13.10 33.45 15.96
N THR E 149 -12.24 34.39 15.61
CA THR E 149 -10.98 34.61 16.29
C THR E 149 -10.87 36.08 16.64
N ARG E 150 -10.69 36.38 17.91
CA ARG E 150 -10.57 37.75 18.40
C ARG E 150 -9.11 38.07 18.68
N PHE E 151 -8.71 39.28 18.34
CA PHE E 151 -7.35 39.75 18.55
C PHE E 151 -7.38 40.95 19.47
N HIS E 152 -6.47 40.98 20.44
CA HIS E 152 -6.46 42.02 21.46
C HIS E 152 -5.73 43.24 20.93
N ILE E 153 -6.41 44.39 20.93
CA ILE E 153 -5.87 45.63 20.39
C ILE E 153 -6.02 46.72 21.45
N ASN E 154 -5.45 47.89 21.14
CA ASN E 154 -5.52 49.06 22.01
C ASN E 154 -6.59 50.00 21.47
N TRP E 155 -7.76 49.95 22.07
CA TRP E 155 -8.86 50.84 21.68
C TRP E 155 -8.60 52.26 22.17
N ALA F 4 32.04 43.51 -43.39
CA ALA F 4 31.42 42.54 -44.28
C ALA F 4 32.34 42.21 -45.45
N LYS F 5 33.19 41.21 -45.29
CA LYS F 5 34.16 40.83 -46.31
C LYS F 5 33.95 39.43 -46.86
N VAL F 6 33.55 38.48 -46.03
CA VAL F 6 33.36 37.09 -46.45
C VAL F 6 31.86 36.81 -46.54
N GLN F 7 31.49 35.98 -47.52
CA GLN F 7 30.08 35.64 -47.76
C GLN F 7 30.02 34.20 -48.23
N VAL F 8 29.23 33.38 -47.52
CA VAL F 8 29.09 31.97 -47.85
C VAL F 8 27.86 31.82 -48.75
N ASN F 9 28.08 31.30 -49.96
CA ASN F 9 27.02 31.21 -50.95
C ASN F 9 26.27 29.88 -50.89
N ASN F 10 26.98 28.76 -50.74
CA ASN F 10 26.34 27.46 -50.81
C ASN F 10 27.13 26.44 -50.02
N VAL F 11 26.39 25.51 -49.39
CA VAL F 11 26.97 24.33 -48.76
C VAL F 11 26.21 23.12 -49.30
N VAL F 12 26.96 22.07 -49.65
CA VAL F 12 26.38 20.89 -50.28
C VAL F 12 26.84 19.67 -49.49
N VAL F 13 25.90 18.91 -48.98
CA VAL F 13 26.18 17.72 -48.19
C VAL F 13 26.33 16.54 -49.14
N LEU F 14 27.52 15.96 -49.19
CA LEU F 14 27.83 14.85 -50.07
C LEU F 14 27.84 13.54 -49.29
N ASP F 15 27.51 12.45 -49.97
CA ASP F 15 27.39 11.14 -49.32
C ASP F 15 26.41 11.24 -48.15
N ASN F 16 25.33 11.99 -48.37
CA ASN F 16 24.49 12.43 -47.25
C ASN F 16 23.95 11.26 -46.42
N PRO F 17 23.18 10.33 -46.99
CA PRO F 17 22.84 9.11 -46.23
C PRO F 17 23.99 8.12 -46.34
N SER F 18 24.61 7.81 -45.20
CA SER F 18 25.80 6.98 -45.20
C SER F 18 25.93 6.33 -43.82
N PRO F 19 26.71 5.26 -43.71
CA PRO F 19 26.97 4.68 -42.39
C PRO F 19 27.57 5.70 -41.44
N PHE F 20 27.34 5.48 -40.14
CA PHE F 20 27.79 6.44 -39.14
C PHE F 20 29.31 6.67 -39.22
N TYR F 21 30.07 5.62 -39.48
CA TYR F 21 31.53 5.74 -39.52
C TYR F 21 32.05 6.41 -40.78
N ASN F 22 31.21 6.59 -41.80
CA ASN F 22 31.66 7.28 -43.00
C ASN F 22 32.03 8.72 -42.67
N PRO F 23 32.98 9.29 -43.41
CA PRO F 23 33.39 10.66 -43.15
C PRO F 23 32.36 11.70 -43.57
N PHE F 24 32.41 12.88 -42.96
CA PHE F 24 31.50 13.95 -43.32
C PHE F 24 32.09 14.62 -44.54
N GLN F 25 31.29 14.94 -45.54
CA GLN F 25 31.83 15.62 -46.69
C GLN F 25 30.98 16.83 -47.06
N PHE F 26 31.56 18.02 -47.10
CA PHE F 26 30.80 19.20 -47.46
C PHE F 26 31.48 19.99 -48.54
N GLU F 27 30.75 20.33 -49.58
CA GLU F 27 31.29 21.20 -50.63
C GLU F 27 30.87 22.63 -50.31
N ILE F 28 31.84 23.48 -50.00
CA ILE F 28 31.59 24.84 -49.53
C ILE F 28 32.00 25.81 -50.63
N THR F 29 31.08 26.70 -51.00
CA THR F 29 31.34 27.74 -51.99
C THR F 29 31.10 29.09 -51.33
N PHE F 30 32.15 29.90 -51.24
CA PHE F 30 32.06 31.21 -50.61
C PHE F 30 32.74 32.25 -51.50
N GLU F 31 32.17 33.45 -51.50
CA GLU F 31 32.74 34.59 -52.23
C GLU F 31 33.43 35.54 -51.25
N CYS F 32 34.42 36.26 -51.76
CA CYS F 32 35.12 37.28 -50.98
C CYS F 32 35.21 38.55 -51.80
N ILE F 33 34.97 39.68 -51.14
CA ILE F 33 34.93 40.96 -51.85
C ILE F 33 36.34 41.45 -52.18
N GLU F 34 37.22 41.49 -51.19
CA GLU F 34 38.57 41.99 -51.37
C GLU F 34 39.56 40.97 -50.82
N ASP F 35 40.83 41.14 -51.20
CA ASP F 35 41.88 40.27 -50.71
C ASP F 35 41.92 40.30 -49.18
N LEU F 36 41.95 39.12 -48.58
CA LEU F 36 42.01 38.99 -47.13
C LEU F 36 43.46 38.87 -46.67
N SER F 37 43.85 39.74 -45.75
CA SER F 37 45.22 39.75 -45.25
C SER F 37 45.54 38.58 -44.33
N GLU F 38 44.54 37.78 -43.96
CA GLU F 38 44.74 36.68 -43.02
C GLU F 38 43.92 35.49 -43.48
N ASP F 39 44.04 34.38 -42.74
CA ASP F 39 43.40 33.13 -43.08
C ASP F 39 41.98 33.07 -42.53
N LEU F 40 41.13 32.30 -43.20
CA LEU F 40 39.84 31.89 -42.67
C LEU F 40 39.99 30.49 -42.08
N GLU F 41 39.41 30.28 -40.90
CA GLU F 41 39.50 29.02 -40.18
C GLU F 41 38.12 28.37 -40.17
N TRP F 42 37.98 27.27 -40.90
CA TRP F 42 36.75 26.51 -40.97
C TRP F 42 36.82 25.33 -40.01
N LYS F 43 35.70 25.03 -39.35
CA LYS F 43 35.63 23.92 -38.40
C LYS F 43 34.33 23.14 -38.62
N ILE F 44 34.42 21.83 -38.44
CA ILE F 44 33.25 20.97 -38.35
C ILE F 44 33.14 20.48 -36.91
N ILE F 45 32.01 20.75 -36.28
CA ILE F 45 31.81 20.47 -34.86
C ILE F 45 30.59 19.57 -34.73
N TYR F 46 30.80 18.38 -34.15
CA TYR F 46 29.73 17.40 -33.95
C TYR F 46 29.25 17.49 -32.52
N VAL F 47 27.97 17.83 -32.35
CA VAL F 47 27.36 17.93 -31.02
C VAL F 47 27.11 16.50 -30.53
N GLY F 48 28.00 15.98 -29.69
CA GLY F 48 27.82 14.64 -29.17
C GLY F 48 26.60 14.52 -28.27
N SER F 49 26.28 15.56 -27.51
CA SER F 49 25.18 15.53 -26.57
C SER F 49 24.41 16.84 -26.62
N ALA F 50 23.09 16.75 -26.76
CA ALA F 50 22.24 17.91 -26.58
C ALA F 50 22.22 18.38 -25.14
N GLU F 51 22.56 17.50 -24.19
CA GLU F 51 22.52 17.86 -22.78
C GLU F 51 23.64 18.82 -22.40
N SER F 52 24.78 18.77 -23.10
CA SER F 52 25.94 19.55 -22.69
C SER F 52 26.85 19.78 -23.88
N GLU F 53 27.30 21.03 -24.04
CA GLU F 53 28.28 21.34 -25.07
C GLU F 53 29.62 20.67 -24.80
N GLU F 54 29.83 20.18 -23.60
CA GLU F 54 31.10 19.60 -23.26
C GLU F 54 31.43 18.37 -24.05
N TYR F 55 30.44 17.81 -24.73
CA TYR F 55 30.63 16.63 -25.56
C TYR F 55 30.81 16.95 -27.04
N ASP F 56 30.99 18.22 -27.38
CA ASP F 56 31.22 18.61 -28.74
C ASP F 56 32.52 18.06 -29.22
N GLN F 57 32.56 17.52 -30.44
CA GLN F 57 33.80 17.01 -30.97
C GLN F 57 34.17 17.80 -32.20
N VAL F 58 35.34 18.40 -32.21
CA VAL F 58 35.80 19.11 -33.39
C VAL F 58 36.30 18.05 -34.35
N LEU F 59 35.50 17.72 -35.37
CA LEU F 59 35.88 16.65 -36.28
C LEU F 59 37.11 17.01 -37.10
N ASP F 60 37.27 18.29 -37.42
CA ASP F 60 38.45 18.73 -38.16
C ASP F 60 38.44 20.25 -38.22
N SER F 61 39.63 20.83 -38.34
CA SER F 61 39.79 22.29 -38.40
C SER F 61 40.83 22.59 -39.46
N VAL F 62 40.47 23.43 -40.43
CA VAL F 62 41.36 23.73 -41.54
C VAL F 62 41.57 25.24 -41.63
N LEU F 63 42.71 25.62 -42.21
CA LEU F 63 43.00 27.00 -42.56
C LEU F 63 43.09 27.11 -44.08
N VAL F 64 42.34 28.05 -44.65
CA VAL F 64 42.54 28.40 -46.06
C VAL F 64 43.73 29.34 -46.14
N GLY F 65 44.41 29.31 -47.29
CA GLY F 65 45.63 30.07 -47.47
C GLY F 65 45.33 31.54 -47.71
N PRO F 66 46.22 32.23 -48.42
CA PRO F 66 45.93 33.63 -48.76
C PRO F 66 44.73 33.66 -49.71
N VAL F 67 43.71 34.40 -49.32
CA VAL F 67 42.43 34.38 -50.03
C VAL F 67 42.38 35.58 -50.96
N PRO F 68 42.27 35.39 -52.27
CA PRO F 68 42.06 36.50 -53.19
C PRO F 68 40.58 36.84 -53.29
N ALA F 69 40.31 38.03 -53.82
CA ALA F 69 38.93 38.43 -54.07
C ALA F 69 38.32 37.58 -55.16
N GLY F 70 37.14 37.04 -54.91
CA GLY F 70 36.42 36.28 -55.90
C GLY F 70 35.70 35.10 -55.27
N ARG F 71 35.11 34.29 -56.15
CA ARG F 71 34.37 33.10 -55.76
C ARG F 71 35.32 31.92 -55.57
N HIS F 72 35.09 31.14 -54.53
CA HIS F 72 35.97 30.03 -54.20
C HIS F 72 35.13 28.82 -53.78
N MET F 73 35.74 27.64 -53.91
CA MET F 73 35.07 26.39 -53.60
C MET F 73 36.12 25.40 -53.11
N PHE F 74 35.76 24.63 -52.09
CA PHE F 74 36.60 23.53 -51.63
C PHE F 74 35.71 22.47 -50.99
N VAL F 75 36.29 21.30 -50.77
CA VAL F 75 35.61 20.17 -50.17
C VAL F 75 36.16 19.96 -48.77
N PHE F 76 35.31 20.10 -47.76
CA PHE F 76 35.69 19.98 -46.36
C PHE F 76 35.32 18.58 -45.90
N GLN F 77 36.31 17.70 -45.82
CA GLN F 77 36.11 16.31 -45.42
C GLN F 77 36.70 16.08 -44.05
N ALA F 78 35.92 15.46 -43.16
CA ALA F 78 36.35 15.22 -41.79
C ALA F 78 35.84 13.84 -41.34
N ASP F 79 36.67 13.14 -40.58
CA ASP F 79 36.29 11.84 -40.06
C ASP F 79 35.08 11.94 -39.15
N ALA F 80 34.31 10.85 -39.09
CA ALA F 80 33.13 10.80 -38.24
C ALA F 80 33.53 10.95 -36.77
N PRO F 81 32.59 11.33 -35.91
CA PRO F 81 32.92 11.49 -34.49
C PRO F 81 33.36 10.17 -33.87
N ASN F 82 34.06 10.30 -32.75
CA ASN F 82 34.49 9.15 -31.95
C ASN F 82 33.34 8.70 -31.06
N PRO F 83 32.76 7.52 -31.32
CA PRO F 83 31.61 7.10 -30.51
C PRO F 83 31.95 6.84 -29.05
N GLY F 84 33.22 6.62 -28.73
CA GLY F 84 33.61 6.43 -27.34
C GLY F 84 33.36 7.64 -26.46
N LEU F 85 33.06 8.80 -27.06
CA LEU F 85 32.78 10.02 -26.33
C LEU F 85 31.32 10.45 -26.43
N ILE F 86 30.48 9.68 -27.11
CA ILE F 86 29.07 10.02 -27.28
C ILE F 86 28.27 9.30 -26.19
N PRO F 87 27.46 10.01 -25.40
CA PRO F 87 26.59 9.30 -24.45
C PRO F 87 25.62 8.39 -25.19
N ASP F 88 25.42 7.19 -24.64
CA ASP F 88 24.56 6.21 -25.30
C ASP F 88 23.23 6.82 -25.71
N ALA F 89 22.66 7.66 -24.85
CA ALA F 89 21.31 8.17 -25.08
C ALA F 89 21.25 9.19 -26.20
N ASP F 90 22.37 9.81 -26.56
CA ASP F 90 22.43 10.75 -27.66
C ASP F 90 22.88 10.10 -28.97
N ALA F 91 23.20 8.80 -28.95
CA ALA F 91 23.75 8.14 -30.13
C ALA F 91 22.65 7.80 -31.13
N VAL F 92 21.60 7.11 -30.69
CA VAL F 92 20.50 6.72 -31.56
C VAL F 92 19.43 7.79 -31.44
N GLY F 93 19.25 8.57 -32.52
CA GLY F 93 18.30 9.66 -32.51
C GLY F 93 18.84 10.88 -33.23
N VAL F 94 18.38 12.07 -32.81
CA VAL F 94 18.69 13.30 -33.50
C VAL F 94 19.73 14.09 -32.71
N THR F 95 20.67 14.68 -33.43
CA THR F 95 21.66 15.61 -32.89
C THR F 95 22.00 16.59 -34.02
N VAL F 96 23.01 17.43 -33.82
CA VAL F 96 23.38 18.39 -34.85
C VAL F 96 24.86 18.30 -35.17
N VAL F 97 25.21 18.83 -36.34
CA VAL F 97 26.57 19.03 -36.80
C VAL F 97 26.65 20.47 -37.29
N LEU F 98 27.71 21.18 -36.93
CA LEU F 98 27.86 22.58 -37.27
C LEU F 98 29.08 22.80 -38.16
N ILE F 99 28.96 23.78 -39.06
CA ILE F 99 30.07 24.27 -39.86
C ILE F 99 30.23 25.74 -39.52
N THR F 100 31.42 26.12 -39.08
CA THR F 100 31.70 27.48 -38.64
C THR F 100 32.94 28.01 -39.34
N CYS F 101 32.94 29.30 -39.62
CA CYS F 101 34.09 29.98 -40.19
C CYS F 101 34.50 31.14 -39.28
N THR F 102 35.80 31.36 -39.17
CA THR F 102 36.37 32.30 -38.22
C THR F 102 37.39 33.17 -38.94
N TYR F 103 37.29 34.49 -38.74
CA TYR F 103 38.27 35.44 -39.24
C TYR F 103 38.88 36.17 -38.06
N ARG F 104 40.20 36.11 -37.95
CA ARG F 104 40.93 36.78 -36.88
C ARG F 104 40.41 36.35 -35.50
N GLY F 105 40.08 35.07 -35.38
CA GLY F 105 39.62 34.54 -34.12
C GLY F 105 38.19 34.88 -33.77
N GLN F 106 37.38 35.27 -34.74
CA GLN F 106 35.99 35.69 -34.51
C GLN F 106 35.07 34.90 -35.43
N GLU F 107 34.31 33.98 -34.85
CA GLU F 107 33.33 33.22 -35.63
C GLU F 107 32.29 34.17 -36.18
N PHE F 108 32.21 34.27 -37.52
CA PHE F 108 31.27 35.18 -38.16
C PHE F 108 30.11 34.48 -38.83
N ILE F 109 30.13 33.15 -38.95
CA ILE F 109 29.00 32.42 -39.50
C ILE F 109 29.00 31.01 -38.93
N ARG F 110 27.81 30.44 -38.81
CA ARG F 110 27.62 29.08 -38.32
C ARG F 110 26.52 28.43 -39.13
N VAL F 111 26.82 27.26 -39.71
CA VAL F 111 25.89 26.52 -40.55
C VAL F 111 25.66 25.16 -39.89
N GLY F 112 24.43 24.92 -39.46
CA GLY F 112 24.10 23.71 -38.72
C GLY F 112 23.08 22.86 -39.47
N TYR F 113 23.21 21.54 -39.30
CA TYR F 113 22.29 20.57 -39.87
C TYR F 113 21.82 19.63 -38.76
N TYR F 114 20.55 19.25 -38.81
CA TYR F 114 20.08 18.14 -37.98
C TYR F 114 20.61 16.83 -38.54
N VAL F 115 21.09 15.97 -37.64
CA VAL F 115 21.66 14.68 -38.01
C VAL F 115 20.84 13.60 -37.32
N ASN F 116 20.37 12.62 -38.11
CA ASN F 116 19.57 11.53 -37.61
C ASN F 116 20.35 10.23 -37.77
N ASN F 117 20.77 9.66 -36.64
CA ASN F 117 21.45 8.37 -36.61
C ASN F 117 20.43 7.31 -36.22
N GLU F 118 20.22 6.32 -37.10
CA GLU F 118 19.18 5.33 -36.88
C GLU F 118 19.62 3.99 -37.45
N TYR F 119 19.13 2.92 -36.84
CA TYR F 119 19.31 1.59 -37.38
C TYR F 119 18.43 1.40 -38.61
N THR F 120 18.95 0.64 -39.58
CA THR F 120 18.21 0.38 -40.81
C THR F 120 17.51 -0.98 -40.82
N GLU F 121 17.91 -1.88 -39.93
CA GLU F 121 17.35 -3.23 -39.90
C GLU F 121 16.17 -3.27 -38.93
N THR F 122 15.02 -3.73 -39.43
CA THR F 122 13.80 -3.67 -38.63
C THR F 122 13.97 -4.34 -37.28
N GLU F 123 14.65 -5.49 -37.25
CA GLU F 123 14.85 -6.19 -35.99
C GLU F 123 15.50 -5.27 -34.95
N LEU F 124 16.57 -4.57 -35.35
CA LEU F 124 17.21 -3.65 -34.43
C LEU F 124 16.36 -2.41 -34.17
N ARG F 125 15.62 -1.95 -35.20
CA ARG F 125 14.80 -0.76 -35.03
C ARG F 125 13.84 -0.91 -33.87
N GLU F 126 13.20 -2.07 -33.73
CA GLU F 126 12.19 -2.27 -32.71
C GLU F 126 12.73 -2.87 -31.42
N ASN F 127 13.90 -3.52 -31.46
CA ASN F 127 14.60 -3.99 -30.26
C ASN F 127 16.06 -3.59 -30.39
N PRO F 128 16.38 -2.32 -30.17
CA PRO F 128 17.76 -1.85 -30.33
C PRO F 128 18.67 -2.42 -29.26
N PRO F 129 19.99 -2.42 -29.50
CA PRO F 129 20.90 -2.97 -28.49
C PRO F 129 20.98 -2.08 -27.25
N VAL F 130 21.29 -2.72 -26.12
CA VAL F 130 21.44 -1.98 -24.87
C VAL F 130 22.44 -0.85 -25.03
N LYS F 131 23.58 -1.13 -25.69
CA LYS F 131 24.56 -0.12 -26.01
C LYS F 131 24.56 0.12 -27.52
N PRO F 132 24.48 1.36 -27.98
CA PRO F 132 24.35 1.59 -29.43
C PRO F 132 25.47 0.92 -30.22
N ASP F 133 25.10 0.30 -31.34
CA ASP F 133 26.03 -0.37 -32.23
C ASP F 133 26.29 0.55 -33.42
N PHE F 134 27.27 1.45 -33.28
CA PHE F 134 27.54 2.43 -34.30
C PHE F 134 27.92 1.80 -35.64
N SER F 135 28.34 0.53 -35.64
CA SER F 135 28.64 -0.12 -36.90
C SER F 135 27.38 -0.49 -37.68
N LYS F 136 26.20 -0.30 -37.10
CA LYS F 136 24.94 -0.56 -37.78
C LYS F 136 24.05 0.68 -37.82
N LEU F 137 24.56 1.83 -37.42
CA LEU F 137 23.81 3.08 -37.49
C LEU F 137 24.03 3.74 -38.84
N GLN F 138 22.95 4.25 -39.42
CA GLN F 138 23.00 5.07 -40.62
C GLN F 138 22.87 6.53 -40.22
N ARG F 139 23.84 7.34 -40.64
CA ARG F 139 23.78 8.78 -40.44
C ARG F 139 23.05 9.40 -41.63
N ASN F 140 21.98 10.14 -41.35
CA ASN F 140 21.25 10.89 -42.37
C ASN F 140 21.26 12.36 -41.97
N ILE F 141 21.94 13.18 -42.76
CA ILE F 141 21.96 14.62 -42.55
C ILE F 141 20.77 15.23 -43.27
N LEU F 142 20.00 16.05 -42.56
CA LEU F 142 18.83 16.71 -43.13
C LEU F 142 19.28 17.96 -43.90
N ALA F 143 19.88 17.70 -45.07
CA ALA F 143 20.48 18.76 -45.86
C ALA F 143 19.45 19.74 -46.41
N SER F 144 18.18 19.36 -46.48
CA SER F 144 17.16 20.26 -46.98
C SER F 144 16.84 21.39 -46.02
N ASN F 145 17.32 21.34 -44.78
CA ASN F 145 17.00 22.34 -43.76
C ASN F 145 18.29 22.83 -43.10
N PRO F 146 19.10 23.59 -43.83
CA PRO F 146 20.29 24.18 -43.20
C PRO F 146 19.91 25.33 -42.27
N ARG F 147 20.66 25.47 -41.18
CA ARG F 147 20.40 26.47 -40.15
C ARG F 147 21.59 27.42 -40.10
N VAL F 148 21.45 28.57 -40.77
CA VAL F 148 22.53 29.53 -40.90
C VAL F 148 22.31 30.66 -39.90
N THR F 149 23.36 31.00 -39.16
CA THR F 149 23.34 32.13 -38.23
C THR F 149 24.63 32.91 -38.42
N ARG F 150 24.51 34.20 -38.72
CA ARG F 150 25.65 35.07 -38.92
C ARG F 150 25.85 35.96 -37.70
N PHE F 151 27.11 36.29 -37.42
CA PHE F 151 27.49 37.04 -36.23
C PHE F 151 28.21 38.31 -36.62
N HIS F 152 28.13 39.32 -35.75
CA HIS F 152 28.89 40.54 -35.94
C HIS F 152 30.32 40.35 -35.49
N ILE F 153 31.26 40.72 -36.36
CA ILE F 153 32.69 40.63 -36.06
C ILE F 153 33.38 41.88 -36.61
N ASN F 154 34.66 41.98 -36.32
CA ASN F 154 35.50 43.07 -36.83
C ASN F 154 36.35 42.54 -37.97
N TRP F 155 36.22 43.14 -39.15
CA TRP F 155 37.00 42.76 -40.31
C TRP F 155 38.19 43.68 -40.47
N MET G 3 -49.01 -46.82 10.19
CA MET G 3 -50.32 -47.24 10.69
C MET G 3 -51.11 -46.05 11.22
N ALA G 4 -50.54 -45.33 12.17
CA ALA G 4 -51.20 -44.21 12.81
C ALA G 4 -50.88 -42.91 12.07
N LYS G 5 -51.74 -41.92 12.28
CA LYS G 5 -51.60 -40.66 11.55
C LYS G 5 -50.51 -39.78 12.15
N VAL G 6 -50.22 -39.93 13.44
CA VAL G 6 -49.14 -39.21 14.11
C VAL G 6 -48.13 -40.25 14.61
N GLN G 7 -46.88 -40.10 14.19
CA GLN G 7 -45.79 -40.96 14.64
C GLN G 7 -44.76 -40.10 15.36
N VAL G 8 -44.73 -40.20 16.69
CA VAL G 8 -43.73 -39.48 17.47
C VAL G 8 -42.38 -40.16 17.29
N ASN G 9 -41.36 -39.38 16.92
CA ASN G 9 -40.06 -39.93 16.57
C ASN G 9 -38.99 -39.69 17.62
N ASN G 10 -39.01 -38.57 18.32
CA ASN G 10 -37.94 -38.26 19.24
C ASN G 10 -38.45 -37.37 20.37
N VAL G 11 -37.96 -37.64 21.58
CA VAL G 11 -38.17 -36.78 22.74
C VAL G 11 -36.80 -36.53 23.36
N VAL G 12 -36.38 -35.27 23.41
CA VAL G 12 -35.11 -34.88 23.99
C VAL G 12 -35.39 -34.15 25.30
N VAL G 13 -34.83 -34.65 26.39
CA VAL G 13 -35.01 -34.06 27.70
C VAL G 13 -33.97 -32.96 27.86
N LEU G 14 -34.43 -31.72 27.95
CA LEU G 14 -33.54 -30.58 28.10
C LEU G 14 -33.37 -30.24 29.58
N ASP G 15 -32.21 -29.69 29.91
CA ASP G 15 -31.86 -29.36 31.30
C ASP G 15 -32.26 -30.51 32.23
N ASN G 16 -31.80 -31.72 31.89
CA ASN G 16 -32.25 -32.90 32.60
C ASN G 16 -31.82 -32.89 34.06
N PRO G 17 -30.54 -32.83 34.41
CA PRO G 17 -30.17 -32.64 35.82
C PRO G 17 -30.35 -31.17 36.20
N SER G 18 -31.38 -30.89 36.99
CA SER G 18 -31.76 -29.52 37.27
C SER G 18 -32.37 -29.45 38.66
N PRO G 19 -32.34 -28.27 39.29
CA PRO G 19 -33.04 -28.10 40.56
C PRO G 19 -34.51 -28.50 40.44
N PHE G 20 -35.05 -29.08 41.52
CA PHE G 20 -36.43 -29.57 41.50
C PHE G 20 -37.39 -28.52 40.95
N TYR G 21 -37.23 -27.26 41.39
CA TYR G 21 -38.18 -26.21 41.04
C TYR G 21 -38.05 -25.74 39.61
N ASN G 22 -36.96 -26.06 38.92
CA ASN G 22 -36.84 -25.70 37.51
C ASN G 22 -37.97 -26.36 36.71
N PRO G 23 -38.35 -25.77 35.58
CA PRO G 23 -39.42 -26.36 34.78
C PRO G 23 -38.93 -27.51 33.91
N PHE G 24 -39.85 -28.45 33.65
CA PHE G 24 -39.58 -29.51 32.69
C PHE G 24 -39.49 -28.93 31.29
N GLN G 25 -38.59 -29.48 30.48
CA GLN G 25 -38.46 -29.09 29.09
C GLN G 25 -38.26 -30.34 28.25
N PHE G 26 -39.09 -30.51 27.22
CA PHE G 26 -39.00 -31.64 26.31
C PHE G 26 -39.10 -31.12 24.88
N GLU G 27 -38.05 -31.35 24.10
CA GLU G 27 -38.12 -31.14 22.66
C GLU G 27 -38.75 -32.37 22.04
N ILE G 28 -39.89 -32.19 21.37
CA ILE G 28 -40.69 -33.28 20.85
C ILE G 28 -40.73 -33.17 19.33
N THR G 29 -40.47 -34.29 18.65
CA THR G 29 -40.48 -34.34 17.20
C THR G 29 -41.41 -35.47 16.77
N PHE G 30 -42.32 -35.16 15.84
CA PHE G 30 -43.28 -36.15 15.37
C PHE G 30 -43.59 -35.86 13.91
N GLU G 31 -44.27 -36.81 13.27
CA GLU G 31 -44.59 -36.70 11.84
C GLU G 31 -46.07 -36.99 11.63
N CYS G 32 -46.70 -36.15 10.81
CA CYS G 32 -48.09 -36.34 10.41
C CYS G 32 -48.13 -36.96 9.01
N ILE G 33 -48.65 -38.18 8.92
CA ILE G 33 -48.82 -38.81 7.62
C ILE G 33 -49.86 -38.05 6.80
N GLU G 34 -50.99 -37.71 7.41
CA GLU G 34 -52.07 -36.98 6.76
C GLU G 34 -52.45 -35.78 7.62
N ASP G 35 -53.12 -34.82 7.00
CA ASP G 35 -53.55 -33.63 7.71
C ASP G 35 -54.51 -33.99 8.84
N LEU G 36 -54.36 -33.31 9.96
CA LEU G 36 -55.27 -33.43 11.10
C LEU G 36 -56.22 -32.24 11.09
N SER G 37 -57.53 -32.51 11.08
CA SER G 37 -58.51 -31.44 11.10
C SER G 37 -58.81 -30.93 12.50
N GLU G 38 -58.36 -31.63 13.54
CA GLU G 38 -58.57 -31.20 14.92
C GLU G 38 -57.23 -31.21 15.65
N ASP G 39 -57.26 -30.76 16.90
CA ASP G 39 -56.04 -30.53 17.67
C ASP G 39 -55.52 -31.82 18.29
N LEU G 40 -54.19 -31.88 18.45
CA LEU G 40 -53.56 -32.86 19.33
C LEU G 40 -53.44 -32.26 20.72
N GLU G 41 -53.66 -33.09 21.73
CA GLU G 41 -53.65 -32.65 23.13
C GLU G 41 -52.50 -33.34 23.84
N TRP G 42 -51.43 -32.60 24.11
CA TRP G 42 -50.30 -33.12 24.86
C TRP G 42 -50.44 -32.78 26.34
N LYS G 43 -49.97 -33.68 27.19
CA LYS G 43 -49.99 -33.48 28.63
C LYS G 43 -48.68 -33.95 29.23
N ILE G 44 -48.29 -33.33 30.34
CA ILE G 44 -47.19 -33.82 31.17
C ILE G 44 -47.77 -34.14 32.54
N ILE G 45 -47.58 -35.38 32.98
CA ILE G 45 -48.15 -35.87 34.22
C ILE G 45 -47.03 -36.32 35.14
N TYR G 46 -47.02 -35.79 36.35
CA TYR G 46 -46.02 -36.10 37.36
C TYR G 46 -46.65 -37.01 38.41
N VAL G 47 -46.05 -38.16 38.65
CA VAL G 47 -46.59 -39.12 39.64
C VAL G 47 -46.10 -38.66 41.01
N GLY G 48 -46.96 -37.92 41.73
CA GLY G 48 -46.56 -37.43 43.04
C GLY G 48 -46.27 -38.55 44.01
N SER G 49 -47.03 -39.63 43.95
CA SER G 49 -46.85 -40.77 44.84
C SER G 49 -47.11 -42.06 44.08
N ALA G 50 -46.22 -43.05 44.25
CA ALA G 50 -46.45 -44.37 43.70
C ALA G 50 -47.55 -45.12 44.45
N GLU G 51 -47.90 -44.66 45.65
CA GLU G 51 -48.92 -45.35 46.44
C GLU G 51 -50.31 -45.19 45.85
N SER G 52 -50.55 -44.15 45.06
CA SER G 52 -51.89 -43.88 44.55
C SER G 52 -51.79 -42.89 43.39
N GLU G 53 -52.50 -43.18 42.30
CA GLU G 53 -52.51 -42.28 41.15
C GLU G 53 -53.28 -41.00 41.44
N GLU G 54 -53.96 -40.90 42.58
CA GLU G 54 -54.71 -39.70 42.93
C GLU G 54 -53.79 -38.53 43.28
N TYR G 55 -52.49 -38.75 43.38
CA TYR G 55 -51.52 -37.69 43.61
C TYR G 55 -50.78 -37.29 42.34
N ASP G 56 -51.25 -37.76 41.18
CA ASP G 56 -50.73 -37.28 39.92
C ASP G 56 -50.97 -35.78 39.79
N GLN G 57 -50.03 -35.09 39.18
CA GLN G 57 -50.14 -33.65 38.91
C GLN G 57 -49.97 -33.43 37.41
N VAL G 58 -51.00 -32.88 36.77
CA VAL G 58 -50.91 -32.47 35.37
C VAL G 58 -50.17 -31.15 35.36
N LEU G 59 -48.85 -31.19 35.10
CA LEU G 59 -48.06 -29.97 35.14
C LEU G 59 -48.49 -28.99 34.04
N ASP G 60 -48.96 -29.51 32.91
CA ASP G 60 -49.46 -28.65 31.84
C ASP G 60 -50.11 -29.51 30.77
N SER G 61 -51.04 -28.89 30.04
CA SER G 61 -51.73 -29.53 28.93
C SER G 61 -51.82 -28.51 27.81
N VAL G 62 -51.41 -28.92 26.61
CA VAL G 62 -51.39 -28.01 25.47
C VAL G 62 -52.12 -28.63 24.29
N LEU G 63 -52.73 -27.75 23.50
CA LEU G 63 -53.39 -28.13 22.25
C LEU G 63 -52.57 -27.55 21.11
N VAL G 64 -51.91 -28.41 20.34
CA VAL G 64 -51.33 -27.97 19.07
C VAL G 64 -52.45 -27.89 18.04
N GLY G 65 -52.42 -26.86 17.22
CA GLY G 65 -53.53 -26.55 16.35
C GLY G 65 -53.67 -27.52 15.20
N PRO G 66 -54.36 -27.11 14.14
CA PRO G 66 -54.41 -27.94 12.93
C PRO G 66 -53.01 -28.26 12.44
N VAL G 67 -52.70 -29.54 12.36
CA VAL G 67 -51.37 -30.00 11.98
C VAL G 67 -51.40 -30.37 10.50
N PRO G 68 -50.63 -29.69 9.65
CA PRO G 68 -50.53 -30.13 8.26
C PRO G 68 -49.59 -31.32 8.15
N ALA G 69 -49.81 -32.12 7.11
CA ALA G 69 -48.94 -33.28 6.87
C ALA G 69 -47.49 -32.83 6.81
N GLY G 70 -46.60 -33.64 7.37
CA GLY G 70 -45.20 -33.35 7.43
C GLY G 70 -44.65 -33.61 8.82
N ARG G 71 -43.37 -33.27 8.98
CA ARG G 71 -42.65 -33.48 10.23
C ARG G 71 -42.54 -32.17 10.99
N HIS G 72 -42.78 -32.24 12.30
CA HIS G 72 -42.86 -31.05 13.12
C HIS G 72 -42.06 -31.24 14.40
N MET G 73 -41.69 -30.12 15.02
CA MET G 73 -41.00 -30.12 16.29
C MET G 73 -41.52 -28.96 17.14
N PHE G 74 -41.61 -29.18 18.44
CA PHE G 74 -41.94 -28.10 19.37
C PHE G 74 -41.40 -28.44 20.74
N VAL G 75 -41.32 -27.43 21.59
CA VAL G 75 -40.76 -27.55 22.93
C VAL G 75 -41.92 -27.50 23.92
N PHE G 76 -42.07 -28.56 24.70
CA PHE G 76 -43.11 -28.65 25.73
C PHE G 76 -42.43 -28.34 27.06
N GLN G 77 -42.63 -27.12 27.54
CA GLN G 77 -42.10 -26.69 28.84
C GLN G 77 -43.25 -26.55 29.83
N ALA G 78 -43.01 -26.95 31.07
CA ALA G 78 -44.03 -26.93 32.10
C ALA G 78 -43.38 -26.74 33.46
N ASP G 79 -44.06 -26.00 34.33
CA ASP G 79 -43.54 -25.73 35.66
C ASP G 79 -43.46 -27.01 36.48
N ALA G 80 -42.58 -26.99 37.48
CA ALA G 80 -42.40 -28.13 38.36
C ALA G 80 -43.69 -28.42 39.14
N PRO G 81 -43.84 -29.63 39.65
CA PRO G 81 -45.03 -29.94 40.46
C PRO G 81 -45.07 -29.13 41.74
N ASN G 82 -46.28 -29.03 42.30
CA ASN G 82 -46.49 -28.36 43.57
C ASN G 82 -46.06 -29.28 44.72
N PRO G 83 -45.03 -28.92 45.48
CA PRO G 83 -44.63 -29.79 46.61
C PRO G 83 -45.68 -29.87 47.71
N GLY G 84 -46.61 -28.92 47.77
CA GLY G 84 -47.69 -29.01 48.72
C GLY G 84 -48.65 -30.15 48.49
N LEU G 85 -48.58 -30.80 47.33
CA LEU G 85 -49.42 -31.95 47.00
C LEU G 85 -48.64 -33.26 47.04
N ILE G 86 -47.34 -33.22 47.29
CA ILE G 86 -46.49 -34.40 47.23
C ILE G 86 -46.35 -34.95 48.65
N PRO G 87 -46.71 -36.21 48.89
CA PRO G 87 -46.44 -36.80 50.21
C PRO G 87 -44.95 -36.78 50.52
N ASP G 88 -44.61 -36.35 51.73
CA ASP G 88 -43.20 -36.24 52.11
C ASP G 88 -42.45 -37.54 51.84
N ALA G 89 -43.12 -38.68 52.02
CA ALA G 89 -42.47 -39.97 51.82
C ALA G 89 -41.94 -40.12 50.40
N ASP G 90 -42.76 -39.73 49.41
CA ASP G 90 -42.40 -39.90 48.01
C ASP G 90 -41.54 -38.78 47.46
N ALA G 91 -41.28 -37.74 48.26
CA ALA G 91 -40.56 -36.57 47.73
C ALA G 91 -39.13 -36.93 47.34
N VAL G 92 -38.40 -37.59 48.24
CA VAL G 92 -37.02 -37.98 48.00
C VAL G 92 -37.00 -39.44 47.57
N GLY G 93 -36.43 -39.70 46.41
CA GLY G 93 -36.40 -41.05 45.88
C GLY G 93 -36.71 -41.07 44.40
N VAL G 94 -37.38 -42.13 43.94
CA VAL G 94 -37.66 -42.34 42.54
C VAL G 94 -39.16 -42.21 42.30
N THR G 95 -39.53 -41.51 41.24
CA THR G 95 -40.90 -41.40 40.80
C THR G 95 -40.92 -41.39 39.28
N VAL G 96 -42.10 -41.18 38.70
CA VAL G 96 -42.28 -41.26 37.26
C VAL G 96 -42.90 -39.97 36.75
N VAL G 97 -42.48 -39.58 35.54
CA VAL G 97 -43.10 -38.49 34.79
C VAL G 97 -43.55 -39.06 33.45
N LEU G 98 -44.68 -38.57 32.95
CA LEU G 98 -45.29 -39.11 31.73
C LEU G 98 -45.58 -37.99 30.75
N ILE G 99 -45.36 -38.29 29.47
CA ILE G 99 -45.81 -37.44 28.36
C ILE G 99 -46.86 -38.24 27.60
N THR G 100 -48.06 -37.68 27.50
CA THR G 100 -49.14 -38.29 26.74
C THR G 100 -49.56 -37.36 25.61
N CYS G 101 -50.06 -37.94 24.53
CA CYS G 101 -50.66 -37.18 23.45
C CYS G 101 -52.00 -37.82 23.07
N THR G 102 -52.99 -36.97 22.86
CA THR G 102 -54.37 -37.39 22.65
C THR G 102 -54.93 -36.72 21.41
N TYR G 103 -55.69 -37.47 20.62
CA TYR G 103 -56.37 -36.94 19.45
C TYR G 103 -57.85 -37.23 19.58
N ARG G 104 -58.68 -36.19 19.55
CA ARG G 104 -60.11 -36.31 19.75
C ARG G 104 -60.42 -37.18 20.96
N GLY G 105 -59.73 -36.90 22.07
CA GLY G 105 -60.01 -37.53 23.33
C GLY G 105 -59.46 -38.93 23.50
N GLN G 106 -58.77 -39.47 22.51
CA GLN G 106 -58.18 -40.80 22.58
C GLN G 106 -56.68 -40.66 22.74
N GLU G 107 -56.16 -41.10 23.89
CA GLU G 107 -54.71 -41.12 24.10
C GLU G 107 -54.10 -42.21 23.22
N PHE G 108 -53.16 -41.81 22.36
CA PHE G 108 -52.56 -42.74 21.41
C PHE G 108 -51.08 -43.00 21.64
N ILE G 109 -50.43 -42.31 22.57
CA ILE G 109 -49.03 -42.56 22.87
C ILE G 109 -48.73 -42.03 24.25
N ARG G 110 -47.84 -42.72 24.97
CA ARG G 110 -47.45 -42.36 26.33
C ARG G 110 -45.97 -42.62 26.49
N VAL G 111 -45.19 -41.56 26.68
CA VAL G 111 -43.75 -41.66 26.88
C VAL G 111 -43.46 -41.38 28.35
N GLY G 112 -42.80 -42.32 29.01
CA GLY G 112 -42.54 -42.22 30.43
C GLY G 112 -41.05 -42.22 30.74
N TYR G 113 -40.69 -41.53 31.83
CA TYR G 113 -39.32 -41.45 32.30
C TYR G 113 -39.29 -41.67 33.80
N TYR G 114 -38.35 -42.48 34.26
CA TYR G 114 -38.05 -42.52 35.68
C TYR G 114 -37.40 -41.20 36.08
N VAL G 115 -37.67 -40.76 37.31
CA VAL G 115 -37.17 -39.50 37.83
C VAL G 115 -36.64 -39.74 39.24
N ASN G 116 -35.42 -39.27 39.50
CA ASN G 116 -34.76 -39.42 40.79
C ASN G 116 -34.55 -38.03 41.39
N ASN G 117 -35.24 -37.76 42.48
CA ASN G 117 -35.08 -36.51 43.22
C ASN G 117 -34.26 -36.78 44.47
N GLU G 118 -33.08 -36.16 44.56
CA GLU G 118 -32.17 -36.42 45.66
C GLU G 118 -31.43 -35.14 46.02
N TYR G 119 -30.97 -35.07 47.27
CA TYR G 119 -30.18 -33.94 47.72
C TYR G 119 -28.76 -34.02 47.15
N THR G 120 -28.10 -32.86 47.11
CA THR G 120 -26.76 -32.75 46.54
C THR G 120 -25.67 -32.54 47.57
N GLU G 121 -25.99 -31.94 48.71
CA GLU G 121 -25.03 -31.76 49.80
C GLU G 121 -25.06 -33.01 50.67
N THR G 122 -23.90 -33.64 50.86
CA THR G 122 -23.85 -34.93 51.55
C THR G 122 -24.43 -34.84 52.95
N GLU G 123 -24.40 -33.66 53.57
CA GLU G 123 -25.01 -33.51 54.89
C GLU G 123 -26.51 -33.77 54.85
N LEU G 124 -27.20 -33.23 53.84
CA LEU G 124 -28.63 -33.47 53.70
C LEU G 124 -28.90 -34.92 53.33
N ARG G 125 -28.05 -35.51 52.49
CA ARG G 125 -28.23 -36.91 52.12
C ARG G 125 -28.11 -37.82 53.35
N GLU G 126 -27.18 -37.50 54.26
CA GLU G 126 -26.98 -38.31 55.45
C GLU G 126 -28.01 -37.99 56.53
N ASN G 127 -28.29 -36.71 56.75
CA ASN G 127 -29.24 -36.26 57.76
C ASN G 127 -30.35 -35.47 57.05
N PRO G 128 -31.31 -36.15 56.44
CA PRO G 128 -32.33 -35.45 55.65
C PRO G 128 -33.19 -34.57 56.53
N PRO G 129 -33.85 -33.55 55.95
CA PRO G 129 -34.77 -32.73 56.74
C PRO G 129 -35.99 -33.52 57.18
N VAL G 130 -36.57 -33.10 58.30
CA VAL G 130 -37.77 -33.77 58.79
C VAL G 130 -38.88 -33.69 57.75
N LYS G 131 -38.97 -32.56 57.04
CA LYS G 131 -39.86 -32.41 55.92
C LYS G 131 -39.03 -32.07 54.69
N PRO G 132 -39.23 -32.75 53.56
CA PRO G 132 -38.34 -32.54 52.40
C PRO G 132 -38.20 -31.07 52.06
N ASP G 133 -36.96 -30.63 51.89
CA ASP G 133 -36.66 -29.27 51.43
C ASP G 133 -36.52 -29.32 49.91
N PHE G 134 -37.61 -28.99 49.21
CA PHE G 134 -37.61 -29.05 47.75
C PHE G 134 -36.71 -28.01 47.12
N SER G 135 -36.36 -26.94 47.84
CA SER G 135 -35.39 -25.98 47.34
C SER G 135 -33.97 -26.54 47.36
N LYS G 136 -33.76 -27.71 47.96
CA LYS G 136 -32.46 -28.36 48.01
C LYS G 136 -32.42 -29.65 47.19
N LEU G 137 -33.51 -30.02 46.54
CA LEU G 137 -33.58 -31.27 45.79
C LEU G 137 -33.19 -31.04 44.34
N GLN G 138 -32.53 -32.03 43.75
CA GLN G 138 -32.16 -32.01 42.34
C GLN G 138 -32.97 -33.07 41.61
N ARG G 139 -33.67 -32.66 40.57
CA ARG G 139 -34.37 -33.62 39.71
C ARG G 139 -33.39 -34.19 38.69
N ASN G 140 -33.37 -35.51 38.57
CA ASN G 140 -32.60 -36.20 37.55
C ASN G 140 -33.56 -37.10 36.78
N ILE G 141 -33.82 -36.75 35.53
CA ILE G 141 -34.63 -37.57 34.65
C ILE G 141 -33.72 -38.61 34.00
N LEU G 142 -34.15 -39.87 34.04
CA LEU G 142 -33.40 -40.95 33.41
C LEU G 142 -33.78 -41.00 31.93
N ALA G 143 -33.28 -39.99 31.22
CA ALA G 143 -33.64 -39.76 29.82
C ALA G 143 -33.08 -40.81 28.87
N SER G 144 -32.17 -41.67 29.35
CA SER G 144 -31.56 -42.66 28.47
C SER G 144 -32.48 -43.84 28.20
N ASN G 145 -33.49 -44.08 29.04
CA ASN G 145 -34.35 -45.26 28.95
C ASN G 145 -35.81 -44.83 29.09
N PRO G 146 -36.38 -44.22 28.04
CA PRO G 146 -37.82 -43.96 28.07
C PRO G 146 -38.63 -45.23 27.84
N ARG G 147 -39.84 -45.23 28.38
CA ARG G 147 -40.81 -46.28 28.12
C ARG G 147 -41.87 -45.71 27.19
N VAL G 148 -41.99 -46.29 25.99
CA VAL G 148 -42.93 -45.82 24.99
C VAL G 148 -44.03 -46.87 24.86
N THR G 149 -45.27 -46.44 25.03
CA THR G 149 -46.43 -47.31 24.93
C THR G 149 -47.42 -46.65 23.98
N ARG G 150 -47.83 -47.37 22.94
CA ARG G 150 -48.76 -46.87 21.95
C ARG G 150 -50.11 -47.58 22.11
N PHE G 151 -51.18 -46.84 21.78
CA PHE G 151 -52.54 -47.37 21.82
C PHE G 151 -53.21 -47.10 20.48
N HIS G 152 -54.06 -48.03 20.06
CA HIS G 152 -54.81 -47.87 18.82
C HIS G 152 -56.00 -46.95 19.06
N ILE G 153 -56.20 -46.01 18.14
CA ILE G 153 -57.30 -45.05 18.22
C ILE G 153 -57.93 -44.90 16.84
N ASN G 154 -59.05 -44.19 16.81
CA ASN G 154 -59.72 -43.85 15.55
C ASN G 154 -59.26 -42.46 15.13
N TRP G 155 -58.71 -42.36 13.91
CA TRP G 155 -58.06 -41.16 13.45
C TRP G 155 -58.95 -40.30 12.54
N GLU G 156 -60.26 -40.53 12.54
CA GLU G 156 -61.17 -39.70 11.77
C GLU G 156 -61.20 -38.26 12.32
N ALA H 4 -48.03 -53.74 12.88
CA ALA H 4 -46.75 -53.25 13.38
C ALA H 4 -46.35 -54.00 14.64
N LYS H 5 -45.74 -55.17 14.47
CA LYS H 5 -45.40 -56.02 15.60
C LYS H 5 -44.11 -55.61 16.29
N VAL H 6 -43.29 -54.77 15.66
CA VAL H 6 -42.04 -54.30 16.24
C VAL H 6 -42.01 -52.78 16.14
N GLN H 7 -41.91 -52.11 17.28
CA GLN H 7 -41.83 -50.66 17.34
C GLN H 7 -40.46 -50.29 17.92
N VAL H 8 -39.61 -49.68 17.08
CA VAL H 8 -38.35 -49.15 17.56
C VAL H 8 -38.63 -47.91 18.41
N ASN H 9 -38.09 -47.89 19.63
CA ASN H 9 -38.39 -46.83 20.58
C ASN H 9 -37.24 -45.87 20.82
N ASN H 10 -36.01 -46.35 20.87
CA ASN H 10 -34.88 -45.47 21.15
C ASN H 10 -33.65 -45.95 20.41
N VAL H 11 -32.87 -44.99 19.92
CA VAL H 11 -31.55 -45.22 19.35
C VAL H 11 -30.59 -44.22 19.98
N VAL H 12 -29.50 -44.72 20.53
CA VAL H 12 -28.50 -43.90 21.21
C VAL H 12 -27.18 -44.05 20.47
N VAL H 13 -26.60 -42.92 20.07
CA VAL H 13 -25.34 -42.90 19.35
C VAL H 13 -24.22 -42.80 20.38
N LEU H 14 -23.37 -43.82 20.45
CA LEU H 14 -22.29 -43.90 21.41
C LEU H 14 -20.97 -43.51 20.74
N ASP H 15 -20.10 -42.86 21.52
CA ASP H 15 -18.84 -42.34 21.01
C ASP H 15 -19.06 -41.58 19.71
N ASN H 16 -19.96 -40.60 19.78
CA ASN H 16 -20.48 -39.96 18.56
C ASN H 16 -19.40 -39.13 17.87
N PRO H 17 -18.90 -38.04 18.47
CA PRO H 17 -17.81 -37.33 17.80
C PRO H 17 -16.51 -38.09 17.94
N SER H 18 -16.15 -38.85 16.91
CA SER H 18 -15.02 -39.75 16.99
C SER H 18 -14.25 -39.77 15.68
N PRO H 19 -13.05 -40.36 15.65
CA PRO H 19 -12.29 -40.44 14.41
C PRO H 19 -13.07 -41.17 13.31
N PHE H 20 -12.83 -40.76 12.07
CA PHE H 20 -13.55 -41.35 10.94
C PHE H 20 -13.43 -42.87 10.92
N TYR H 21 -12.27 -43.39 11.33
CA TYR H 21 -12.02 -44.83 11.23
C TYR H 21 -12.62 -45.63 12.38
N ASN H 22 -13.07 -44.98 13.45
CA ASN H 22 -13.72 -45.70 14.53
C ASN H 22 -15.04 -46.29 14.06
N PRO H 23 -15.46 -47.41 14.63
CA PRO H 23 -16.71 -48.04 14.21
C PRO H 23 -17.94 -47.32 14.75
N PHE H 24 -19.00 -47.34 13.95
CA PHE H 24 -20.31 -46.88 14.41
C PHE H 24 -20.80 -47.78 15.54
N GLN H 25 -21.53 -47.20 16.47
CA GLN H 25 -22.03 -47.95 17.63
C GLN H 25 -23.37 -47.34 18.05
N PHE H 26 -24.45 -48.02 17.71
CA PHE H 26 -25.80 -47.59 18.03
C PHE H 26 -26.42 -48.55 19.03
N GLU H 27 -26.89 -48.03 20.16
CA GLU H 27 -27.66 -48.80 21.12
C GLU H 27 -29.13 -48.68 20.76
N ILE H 28 -29.76 -49.81 20.43
CA ILE H 28 -31.13 -49.84 19.91
C ILE H 28 -32.02 -50.54 20.93
N THR H 29 -33.14 -49.90 21.28
CA THR H 29 -34.15 -50.48 22.15
C THR H 29 -35.49 -50.46 21.41
N PHE H 30 -36.13 -51.61 21.34
CA PHE H 30 -37.41 -51.74 20.66
C PHE H 30 -38.33 -52.66 21.44
N GLU H 31 -39.62 -52.62 21.10
CA GLU H 31 -40.63 -53.46 21.72
C GLU H 31 -41.21 -54.42 20.69
N CYS H 32 -41.46 -55.65 21.12
CA CYS H 32 -42.07 -56.67 20.28
C CYS H 32 -43.44 -57.00 20.86
N ILE H 33 -44.48 -56.83 20.04
CA ILE H 33 -45.85 -57.02 20.52
C ILE H 33 -46.23 -58.49 20.52
N GLU H 34 -45.86 -59.22 19.47
CA GLU H 34 -46.19 -60.64 19.35
C GLU H 34 -44.93 -61.43 19.01
N ASP H 35 -44.81 -62.60 19.64
CA ASP H 35 -43.69 -63.49 19.36
C ASP H 35 -43.50 -63.64 17.86
N LEU H 36 -42.31 -63.27 17.37
CA LEU H 36 -42.03 -63.29 15.95
C LEU H 36 -41.60 -64.67 15.49
N SER H 37 -42.10 -65.09 14.33
CA SER H 37 -41.77 -66.39 13.78
C SER H 37 -40.44 -66.42 13.06
N GLU H 38 -39.81 -65.27 12.83
CA GLU H 38 -38.57 -65.22 12.06
C GLU H 38 -37.71 -64.08 12.58
N ASP H 39 -36.46 -64.07 12.11
CA ASP H 39 -35.49 -63.07 12.55
C ASP H 39 -35.87 -61.68 12.06
N LEU H 40 -35.22 -60.68 12.63
CA LEU H 40 -35.18 -59.34 12.09
C LEU H 40 -33.77 -59.07 11.57
N GLU H 41 -33.68 -58.39 10.42
CA GLU H 41 -32.41 -58.09 9.78
C GLU H 41 -32.16 -56.59 9.87
N TRP H 42 -31.22 -56.20 10.73
CA TRP H 42 -30.81 -54.81 10.84
C TRP H 42 -29.60 -54.55 9.95
N LYS H 43 -29.52 -53.33 9.44
CA LYS H 43 -28.41 -52.91 8.59
C LYS H 43 -28.01 -51.48 8.95
N ILE H 44 -26.72 -51.21 8.87
CA ILE H 44 -26.18 -49.85 8.92
C ILE H 44 -25.64 -49.54 7.52
N ILE H 45 -26.19 -48.52 6.88
CA ILE H 45 -25.84 -48.17 5.51
C ILE H 45 -25.29 -46.74 5.50
N TYR H 46 -24.11 -46.58 4.90
CA TYR H 46 -23.43 -45.29 4.83
C TYR H 46 -23.58 -44.74 3.42
N VAL H 47 -24.07 -43.50 3.33
CA VAL H 47 -24.24 -42.83 2.04
C VAL H 47 -22.89 -42.20 1.68
N GLY H 48 -22.15 -42.86 0.79
CA GLY H 48 -20.84 -42.36 0.40
C GLY H 48 -20.89 -41.09 -0.41
N SER H 49 -22.01 -40.80 -1.06
CA SER H 49 -22.12 -39.63 -1.93
C SER H 49 -23.58 -39.26 -2.07
N ALA H 50 -23.89 -37.97 -1.91
CA ALA H 50 -25.23 -37.47 -2.16
C ALA H 50 -25.57 -37.47 -3.65
N GLU H 51 -24.59 -37.63 -4.52
CA GLU H 51 -24.81 -37.58 -5.96
C GLU H 51 -25.37 -38.87 -6.53
N SER H 52 -25.35 -39.97 -5.75
CA SER H 52 -25.84 -41.25 -6.25
C SER H 52 -25.88 -42.25 -5.11
N GLU H 53 -26.89 -43.12 -5.12
CA GLU H 53 -26.97 -44.23 -4.18
C GLU H 53 -26.09 -45.40 -4.59
N GLU H 54 -25.49 -45.37 -5.78
CA GLU H 54 -24.57 -46.42 -6.19
C GLU H 54 -23.32 -46.49 -5.32
N TYR H 55 -23.11 -45.50 -4.46
CA TYR H 55 -21.97 -45.47 -3.55
C TYR H 55 -22.36 -45.79 -2.11
N ASP H 56 -23.56 -46.33 -1.90
CA ASP H 56 -23.93 -46.83 -0.58
C ASP H 56 -22.95 -47.92 -0.15
N GLN H 57 -22.65 -47.94 1.15
CA GLN H 57 -21.83 -48.99 1.74
C GLN H 57 -22.59 -49.58 2.91
N VAL H 58 -22.91 -50.87 2.82
CA VAL H 58 -23.55 -51.59 3.92
C VAL H 58 -22.45 -51.94 4.92
N LEU H 59 -22.32 -51.12 5.97
CA LEU H 59 -21.23 -51.30 6.92
C LEU H 59 -21.32 -52.66 7.60
N ASP H 60 -22.53 -53.12 7.90
CA ASP H 60 -22.71 -54.43 8.50
C ASP H 60 -24.19 -54.77 8.52
N SER H 61 -24.47 -56.07 8.63
CA SER H 61 -25.84 -56.58 8.64
C SER H 61 -25.92 -57.69 9.67
N VAL H 62 -26.93 -57.65 10.52
CA VAL H 62 -27.08 -58.62 11.59
C VAL H 62 -28.48 -59.19 11.60
N LEU H 63 -28.61 -60.39 12.17
CA LEU H 63 -29.89 -61.04 12.42
C LEU H 63 -30.05 -61.19 13.93
N VAL H 64 -31.12 -60.59 14.48
CA VAL H 64 -31.48 -60.86 15.87
C VAL H 64 -32.27 -62.15 15.90
N GLY H 65 -32.14 -62.87 17.01
CA GLY H 65 -32.64 -64.23 17.11
C GLY H 65 -34.14 -64.29 17.24
N PRO H 66 -34.67 -65.37 17.81
CA PRO H 66 -36.12 -65.45 18.02
C PRO H 66 -36.53 -64.38 19.03
N VAL H 67 -37.47 -63.53 18.61
CA VAL H 67 -37.87 -62.37 19.41
C VAL H 67 -39.16 -62.73 20.13
N PRO H 68 -39.14 -62.93 21.45
CA PRO H 68 -40.39 -62.99 22.21
C PRO H 68 -40.88 -61.59 22.49
N ALA H 69 -42.19 -61.46 22.68
CA ALA H 69 -42.77 -60.15 22.94
C ALA H 69 -42.16 -59.55 24.21
N GLY H 70 -41.80 -58.29 24.14
CA GLY H 70 -41.23 -57.60 25.28
C GLY H 70 -40.27 -56.51 24.84
N ARG H 71 -39.75 -55.79 25.83
CA ARG H 71 -38.76 -54.74 25.58
C ARG H 71 -37.39 -55.38 25.43
N HIS H 72 -36.73 -55.10 24.30
CA HIS H 72 -35.42 -55.65 24.01
C HIS H 72 -34.44 -54.53 23.73
N MET H 73 -33.16 -54.78 24.02
CA MET H 73 -32.09 -53.83 23.75
C MET H 73 -30.87 -54.59 23.24
N PHE H 74 -30.11 -53.93 22.37
CA PHE H 74 -28.88 -54.51 21.87
C PHE H 74 -28.05 -53.41 21.21
N VAL H 75 -26.75 -53.65 21.15
CA VAL H 75 -25.80 -52.70 20.57
C VAL H 75 -25.44 -53.16 19.16
N PHE H 76 -25.57 -52.25 18.19
CA PHE H 76 -25.21 -52.53 16.80
C PHE H 76 -23.90 -51.80 16.51
N GLN H 77 -22.81 -52.57 16.42
CA GLN H 77 -21.48 -52.03 16.15
C GLN H 77 -21.06 -52.46 14.75
N ALA H 78 -20.60 -51.49 13.96
CA ALA H 78 -20.23 -51.72 12.57
C ALA H 78 -18.97 -50.92 12.23
N ASP H 79 -18.12 -51.50 11.41
CA ASP H 79 -16.87 -50.85 11.04
C ASP H 79 -17.12 -49.67 10.12
N ALA H 80 -16.25 -48.66 10.23
CA ALA H 80 -16.36 -47.46 9.43
C ALA H 80 -16.37 -47.81 7.94
N PRO H 81 -16.88 -46.91 7.10
CA PRO H 81 -16.87 -47.18 5.66
C PRO H 81 -15.47 -47.19 5.09
N ASN H 82 -15.33 -47.88 3.96
CA ASN H 82 -14.09 -47.96 3.19
C ASN H 82 -13.89 -46.68 2.40
N PRO H 83 -12.90 -45.85 2.75
CA PRO H 83 -12.75 -44.57 2.04
C PRO H 83 -12.35 -44.71 0.60
N GLY H 84 -11.82 -45.87 0.19
CA GLY H 84 -11.46 -46.06 -1.21
C GLY H 84 -12.63 -45.98 -2.15
N LEU H 85 -13.86 -46.10 -1.63
CA LEU H 85 -15.07 -46.05 -2.45
C LEU H 85 -15.81 -44.74 -2.32
N ILE H 86 -15.31 -43.79 -1.54
CA ILE H 86 -15.98 -42.52 -1.27
C ILE H 86 -15.40 -41.48 -2.23
N PRO H 87 -16.22 -40.85 -3.08
CA PRO H 87 -15.69 -39.78 -3.92
C PRO H 87 -14.99 -38.71 -3.09
N ASP H 88 -13.95 -38.12 -3.68
CA ASP H 88 -13.19 -37.08 -2.97
C ASP H 88 -14.10 -35.94 -2.54
N ALA H 89 -14.92 -35.43 -3.46
CA ALA H 89 -15.72 -34.24 -3.17
C ALA H 89 -16.70 -34.48 -2.04
N ASP H 90 -17.12 -35.73 -1.82
CA ASP H 90 -18.12 -36.06 -0.81
C ASP H 90 -17.51 -36.43 0.53
N ALA H 91 -16.19 -36.51 0.64
CA ALA H 91 -15.57 -36.97 1.87
C ALA H 91 -15.73 -35.93 2.98
N VAL H 92 -15.25 -34.72 2.74
CA VAL H 92 -15.33 -33.64 3.71
C VAL H 92 -16.62 -32.88 3.50
N GLY H 93 -17.48 -32.86 4.52
CA GLY H 93 -18.78 -32.24 4.40
C GLY H 93 -19.84 -33.03 5.14
N VAL H 94 -21.08 -32.98 4.67
CA VAL H 94 -22.22 -33.59 5.34
C VAL H 94 -22.75 -34.73 4.48
N THR H 95 -22.92 -35.89 5.11
CA THR H 95 -23.56 -37.06 4.49
C THR H 95 -24.51 -37.66 5.52
N VAL H 96 -25.17 -38.76 5.15
CA VAL H 96 -26.12 -39.39 6.06
C VAL H 96 -25.69 -40.84 6.31
N VAL H 97 -26.16 -41.36 7.44
CA VAL H 97 -26.02 -42.77 7.79
C VAL H 97 -27.41 -43.29 8.12
N LEU H 98 -27.68 -44.55 7.77
CA LEU H 98 -29.01 -45.13 7.87
C LEU H 98 -28.99 -46.38 8.74
N ILE H 99 -30.06 -46.57 9.50
CA ILE H 99 -30.30 -47.80 10.25
C ILE H 99 -31.65 -48.33 9.80
N THR H 100 -31.63 -49.45 9.09
CA THR H 100 -32.85 -50.08 8.60
C THR H 100 -33.08 -51.40 9.33
N CYS H 101 -34.35 -51.76 9.49
CA CYS H 101 -34.72 -53.06 10.00
C CYS H 101 -35.71 -53.70 9.03
N THR H 102 -35.53 -55.00 8.79
CA THR H 102 -36.26 -55.72 7.76
C THR H 102 -36.85 -56.99 8.34
N TYR H 103 -38.04 -57.35 7.86
CA TYR H 103 -38.74 -58.54 8.33
C TYR H 103 -39.30 -59.27 7.12
N ARG H 104 -38.94 -60.54 6.98
CA ARG H 104 -39.37 -61.36 5.84
C ARG H 104 -39.02 -60.66 4.52
N GLY H 105 -37.87 -60.01 4.50
CA GLY H 105 -37.41 -59.32 3.31
C GLY H 105 -38.02 -57.96 3.06
N GLN H 106 -38.82 -57.45 3.99
CA GLN H 106 -39.52 -56.18 3.81
C GLN H 106 -39.00 -55.16 4.82
N GLU H 107 -38.38 -54.09 4.32
CA GLU H 107 -37.94 -53.01 5.20
C GLU H 107 -39.16 -52.28 5.75
N PHE H 108 -39.25 -52.19 7.09
CA PHE H 108 -40.38 -51.55 7.72
C PHE H 108 -40.04 -50.28 8.49
N ILE H 109 -38.76 -49.97 8.69
CA ILE H 109 -38.39 -48.74 9.38
C ILE H 109 -36.99 -48.35 8.94
N ARG H 110 -36.73 -47.05 8.89
CA ARG H 110 -35.44 -46.50 8.49
C ARG H 110 -35.15 -45.28 9.36
N VAL H 111 -34.15 -45.39 10.22
CA VAL H 111 -33.72 -44.29 11.07
C VAL H 111 -32.44 -43.71 10.49
N GLY H 112 -32.47 -42.43 10.14
CA GLY H 112 -31.35 -41.78 9.48
C GLY H 112 -30.77 -40.65 10.33
N TYR H 113 -29.46 -40.46 10.21
CA TYR H 113 -28.76 -39.38 10.86
C TYR H 113 -27.94 -38.62 9.83
N TYR H 114 -27.87 -37.30 9.99
CA TYR H 114 -26.89 -36.52 9.25
C TYR H 114 -25.52 -36.72 9.89
N VAL H 115 -24.49 -36.76 9.04
CA VAL H 115 -23.12 -37.04 9.46
C VAL H 115 -22.21 -35.98 8.89
N ASN H 116 -21.44 -35.32 9.74
CA ASN H 116 -20.49 -34.29 9.34
C ASN H 116 -19.08 -34.82 9.53
N ASN H 117 -18.33 -34.92 8.44
CA ASN H 117 -16.92 -35.31 8.48
C ASN H 117 -16.08 -34.09 8.12
N GLU H 118 -15.23 -33.66 9.06
CA GLU H 118 -14.43 -32.46 8.86
C GLU H 118 -13.10 -32.63 9.58
N TYR H 119 -12.12 -31.85 9.14
CA TYR H 119 -10.81 -31.85 9.79
C TYR H 119 -10.89 -31.12 11.13
N THR H 120 -9.93 -31.45 12.00
CA THR H 120 -9.86 -30.87 13.34
C THR H 120 -8.84 -29.73 13.43
N GLU H 121 -7.62 -29.97 12.96
CA GLU H 121 -6.58 -28.94 13.04
C GLU H 121 -6.91 -27.78 12.11
N THR H 122 -6.78 -26.56 12.63
CA THR H 122 -7.12 -25.38 11.83
C THR H 122 -6.35 -25.34 10.53
N GLU H 123 -5.08 -25.75 10.55
CA GLU H 123 -4.28 -25.79 9.33
C GLU H 123 -5.00 -26.55 8.22
N LEU H 124 -5.30 -27.83 8.48
CA LEU H 124 -5.99 -28.64 7.48
C LEU H 124 -7.35 -28.06 7.10
N ARG H 125 -7.97 -27.29 8.02
CA ARG H 125 -9.32 -26.80 7.75
C ARG H 125 -9.33 -25.71 6.69
N GLU H 126 -8.32 -24.83 6.69
CA GLU H 126 -8.30 -23.69 5.78
C GLU H 126 -7.73 -24.02 4.41
N ASN H 127 -6.71 -24.89 4.35
CA ASN H 127 -6.14 -25.35 3.08
C ASN H 127 -6.10 -26.88 3.12
N PRO H 128 -7.23 -27.53 2.84
CA PRO H 128 -7.29 -28.99 2.99
C PRO H 128 -6.52 -29.69 1.88
N PRO H 129 -6.15 -30.95 2.07
CA PRO H 129 -5.33 -31.65 1.07
C PRO H 129 -6.04 -31.77 -0.27
N VAL H 130 -5.24 -32.04 -1.30
CA VAL H 130 -5.80 -32.23 -2.64
C VAL H 130 -6.66 -33.49 -2.68
N LYS H 131 -6.33 -34.49 -1.87
CA LYS H 131 -7.13 -35.71 -1.76
C LYS H 131 -7.42 -35.93 -0.28
N PRO H 132 -8.67 -36.21 0.09
CA PRO H 132 -9.02 -36.30 1.51
C PRO H 132 -8.09 -37.24 2.29
N ASP H 133 -7.61 -36.75 3.43
CA ASP H 133 -6.80 -37.54 4.36
C ASP H 133 -7.75 -38.05 5.45
N PHE H 134 -8.36 -39.21 5.19
CA PHE H 134 -9.38 -39.73 6.09
C PHE H 134 -8.83 -40.01 7.49
N SER H 135 -7.51 -40.16 7.65
CA SER H 135 -6.95 -40.41 8.96
C SER H 135 -7.01 -39.19 9.87
N LYS H 136 -7.30 -38.02 9.33
CA LYS H 136 -7.36 -36.78 10.10
C LYS H 136 -8.77 -36.20 10.18
N LEU H 137 -9.76 -36.93 9.68
CA LEU H 137 -11.14 -36.47 9.71
C LEU H 137 -11.85 -36.94 10.97
N GLN H 138 -12.76 -36.11 11.47
CA GLN H 138 -13.61 -36.44 12.61
C GLN H 138 -15.03 -36.63 12.11
N ARG H 139 -15.66 -37.73 12.55
CA ARG H 139 -17.06 -37.98 12.25
C ARG H 139 -17.91 -37.47 13.42
N ASN H 140 -18.81 -36.52 13.14
CA ASN H 140 -19.78 -36.04 14.11
C ASN H 140 -21.17 -36.42 13.63
N ILE H 141 -21.76 -37.41 14.28
CA ILE H 141 -23.15 -37.78 14.01
C ILE H 141 -24.06 -36.83 14.76
N LEU H 142 -25.04 -36.26 14.04
CA LEU H 142 -26.01 -35.35 14.64
C LEU H 142 -27.06 -36.19 15.35
N ALA H 143 -26.66 -36.74 16.49
CA ALA H 143 -27.47 -37.73 17.19
C ALA H 143 -28.78 -37.16 17.69
N SER H 144 -28.85 -35.84 17.91
CA SER H 144 -30.03 -35.26 18.51
C SER H 144 -31.22 -35.25 17.54
N ASN H 145 -30.97 -35.22 16.24
CA ASN H 145 -32.00 -35.00 15.22
C ASN H 145 -32.02 -36.16 14.23
N PRO H 146 -32.60 -37.29 14.62
CA PRO H 146 -32.81 -38.38 13.65
C PRO H 146 -34.11 -38.23 12.87
N ARG H 147 -34.07 -38.69 11.62
CA ARG H 147 -35.24 -38.73 10.76
C ARG H 147 -35.74 -40.17 10.69
N VAL H 148 -36.92 -40.41 11.24
CA VAL H 148 -37.52 -41.74 11.29
C VAL H 148 -38.54 -41.88 10.17
N THR H 149 -38.51 -43.02 9.49
CA THR H 149 -39.42 -43.30 8.39
C THR H 149 -39.90 -44.73 8.50
N ARG H 150 -41.21 -44.91 8.60
CA ARG H 150 -41.81 -46.24 8.71
C ARG H 150 -42.50 -46.60 7.39
N PHE H 151 -42.58 -47.90 7.14
CA PHE H 151 -43.25 -48.43 5.94
C PHE H 151 -44.21 -49.52 6.35
N HIS H 152 -45.29 -49.66 5.58
CA HIS H 152 -46.27 -50.69 5.84
C HIS H 152 -45.82 -52.00 5.17
N ILE H 153 -45.86 -53.08 5.93
CA ILE H 153 -45.45 -54.40 5.43
C ILE H 153 -46.43 -55.44 5.96
N ASN H 154 -46.30 -56.66 5.42
CA ASN H 154 -47.09 -57.80 5.87
C ASN H 154 -46.36 -58.48 7.02
N TRP H 155 -46.98 -58.46 8.20
CA TRP H 155 -46.40 -59.09 9.38
C TRP H 155 -46.97 -60.49 9.60
N ASP I 7 -1.70 6.93 0.74
CA ASP I 7 -2.45 8.06 1.28
C ASP I 7 -3.96 7.79 1.26
N PRO I 8 -4.53 7.49 0.08
CA PRO I 8 -5.98 7.24 0.05
C PRO I 8 -6.41 6.09 0.95
N ARG I 9 -5.62 5.02 0.99
CA ARG I 9 -5.96 3.89 1.87
C ARG I 9 -5.85 4.28 3.33
N ARG I 10 -4.78 5.00 3.70
CA ARG I 10 -4.63 5.43 5.08
C ARG I 10 -5.72 6.41 5.48
N GLN I 11 -6.19 7.23 4.54
CA GLN I 11 -7.33 8.09 4.82
C GLN I 11 -8.56 7.27 5.18
N GLU I 12 -8.81 6.21 4.40
CA GLU I 12 -9.94 5.32 4.67
C GLU I 12 -9.84 4.72 6.06
N LEU I 13 -8.63 4.33 6.45
CA LEU I 13 -8.41 3.71 7.76
C LEU I 13 -8.70 4.69 8.89
N LEU I 14 -8.27 5.93 8.75
CA LEU I 14 -8.49 6.92 9.79
C LEU I 14 -9.99 7.25 10.02
N GLU I 15 -10.74 7.30 8.91
CA GLU I 15 -12.16 7.57 8.91
C GLU I 15 -12.94 6.49 9.64
N ALA I 16 -12.47 5.26 9.50
CA ALA I 16 -13.04 4.12 10.19
C ALA I 16 -12.90 4.33 11.70
N ARG I 17 -11.78 4.88 12.09
CA ARG I 17 -11.51 5.15 13.49
C ARG I 17 -12.45 6.18 13.98
N PHE I 18 -12.68 7.19 13.17
CA PHE I 18 -13.62 8.23 13.54
C PHE I 18 -15.00 7.66 13.77
N THR I 19 -15.47 6.76 12.89
CA THR I 19 -16.81 6.21 13.10
C THR I 19 -16.79 4.87 13.81
N GLY I 20 -16.01 3.94 13.31
CA GLY I 20 -15.84 2.64 13.93
C GLY I 20 -17.12 2.13 14.53
N VAL I 21 -17.00 1.52 15.70
CA VAL I 21 -18.15 1.09 16.48
C VAL I 21 -17.70 1.23 17.91
N ASP J 7 6.42 14.41 -21.50
CA ASP J 7 5.39 13.41 -21.22
C ASP J 7 4.93 12.74 -22.52
N PRO J 8 5.07 11.42 -22.62
CA PRO J 8 4.70 10.76 -23.89
C PRO J 8 3.24 10.95 -24.26
N ARG J 9 2.32 10.79 -23.31
CA ARG J 9 0.90 10.93 -23.61
C ARG J 9 0.60 12.30 -24.19
N ARG J 10 1.10 13.36 -23.55
CA ARG J 10 0.82 14.71 -24.03
C ARG J 10 1.54 15.00 -25.34
N GLN J 11 2.74 14.46 -25.53
CA GLN J 11 3.39 14.61 -26.83
C GLN J 11 2.59 13.93 -27.93
N GLU J 12 1.96 12.80 -27.60
CA GLU J 12 1.10 12.12 -28.56
C GLU J 12 -0.10 12.99 -28.92
N LEU J 13 -0.72 13.62 -27.93
CA LEU J 13 -1.85 14.52 -28.19
C LEU J 13 -1.41 15.71 -29.03
N LEU J 14 -0.25 16.30 -28.72
CA LEU J 14 0.20 17.46 -29.47
C LEU J 14 0.55 17.09 -30.90
N GLU J 15 1.25 15.96 -31.09
CA GLU J 15 1.56 15.52 -32.45
C GLU J 15 0.30 15.28 -33.26
N ALA J 16 -0.78 14.82 -32.62
CA ALA J 16 -2.05 14.70 -33.32
C ALA J 16 -2.53 16.05 -33.81
N ARG J 17 -2.32 17.11 -33.02
CA ARG J 17 -2.69 18.44 -33.45
C ARG J 17 -1.87 18.87 -34.67
N PHE J 18 -0.60 18.48 -34.71
CA PHE J 18 0.23 18.80 -35.87
C PHE J 18 -0.37 18.24 -37.14
N THR J 19 -0.84 17.00 -37.12
CA THR J 19 -1.26 16.30 -38.33
C THR J 19 -2.75 16.41 -38.61
N GLY J 20 -3.54 16.84 -37.64
CA GLY J 20 -4.97 16.95 -37.85
C GLY J 20 -5.69 15.61 -37.75
N VAL J 21 -5.45 14.89 -36.67
CA VAL J 21 -6.13 13.62 -36.41
C VAL J 21 -7.10 13.79 -35.26
N ASP K 7 16.54 -1.22 -7.45
CA ASP K 7 15.59 -1.62 -8.49
C ASP K 7 15.37 -3.14 -8.43
N PRO K 8 14.14 -3.57 -8.13
CA PRO K 8 13.92 -5.01 -7.95
C PRO K 8 14.19 -5.83 -9.20
N ARG K 9 13.79 -5.34 -10.38
CA ARG K 9 13.99 -6.09 -11.61
C ARG K 9 15.48 -6.32 -11.87
N ARG K 10 16.29 -5.26 -11.75
CA ARG K 10 17.72 -5.40 -11.98
C ARG K 10 18.36 -6.30 -10.93
N GLN K 11 17.88 -6.23 -9.69
CA GLN K 11 18.42 -7.08 -8.64
C GLN K 11 18.13 -8.56 -8.94
N GLU K 12 16.94 -8.85 -9.46
CA GLU K 12 16.63 -10.21 -9.86
C GLU K 12 17.60 -10.70 -10.94
N LEU K 13 17.84 -9.86 -11.95
CA LEU K 13 18.74 -10.23 -13.03
C LEU K 13 20.16 -10.48 -12.50
N LEU K 14 20.65 -9.57 -11.65
CA LEU K 14 22.01 -9.71 -11.13
C LEU K 14 22.14 -10.95 -10.26
N GLU K 15 21.12 -11.24 -9.45
CA GLU K 15 21.18 -12.45 -8.63
C GLU K 15 21.12 -13.71 -9.49
N ALA K 16 20.50 -13.61 -10.67
CA ALA K 16 20.56 -14.73 -11.61
C ALA K 16 22.00 -14.98 -12.05
N ARG K 17 22.81 -13.92 -12.17
CA ARG K 17 24.20 -14.10 -12.57
C ARG K 17 24.99 -14.82 -11.47
N PHE K 18 24.67 -14.55 -10.21
CA PHE K 18 25.37 -15.21 -9.11
C PHE K 18 25.29 -16.73 -9.24
N THR K 19 24.11 -17.25 -9.59
CA THR K 19 23.86 -18.68 -9.56
C THR K 19 24.03 -19.35 -10.92
N GLY K 20 24.27 -18.58 -11.98
CA GLY K 20 24.48 -19.15 -13.30
C GLY K 20 23.21 -19.47 -14.07
N VAL K 21 22.05 -19.04 -13.59
CA VAL K 21 20.80 -19.31 -14.28
C VAL K 21 20.56 -18.24 -15.34
N LEU L 6 20.10 -9.53 1.52
CA LEU L 6 20.79 -8.32 1.96
C LEU L 6 20.99 -7.37 0.78
N ASP L 7 20.41 -6.17 0.88
CA ASP L 7 20.50 -5.20 -0.21
C ASP L 7 21.94 -4.71 -0.36
N PRO L 8 22.47 -4.66 -1.59
CA PRO L 8 23.86 -4.19 -1.75
C PRO L 8 24.11 -2.81 -1.16
N ARG L 9 23.13 -1.90 -1.23
CA ARG L 9 23.34 -0.58 -0.65
C ARG L 9 23.53 -0.67 0.86
N ARG L 10 22.61 -1.35 1.54
CA ARG L 10 22.77 -1.58 2.97
C ARG L 10 24.12 -2.23 3.27
N GLN L 11 24.54 -3.19 2.43
CA GLN L 11 25.79 -3.89 2.68
C GLN L 11 26.99 -2.95 2.56
N GLU L 12 26.99 -2.08 1.55
CA GLU L 12 28.07 -1.11 1.41
C GLU L 12 28.18 -0.24 2.66
N LEU L 13 27.05 0.26 3.15
CA LEU L 13 27.05 1.08 4.36
C LEU L 13 27.60 0.31 5.55
N LEU L 14 27.19 -0.96 5.70
CA LEU L 14 27.66 -1.74 6.83
C LEU L 14 29.15 -2.07 6.69
N GLU L 15 29.61 -2.33 5.47
CA GLU L 15 31.04 -2.58 5.27
C GLU L 15 31.88 -1.37 5.67
N ALA L 16 31.38 -0.17 5.38
CA ALA L 16 32.09 1.03 5.79
C ALA L 16 32.20 1.10 7.30
N ARG L 17 31.27 0.49 8.03
CA ARG L 17 31.38 0.43 9.48
C ARG L 17 32.41 -0.61 9.92
N PHE L 18 32.52 -1.72 9.18
CA PHE L 18 33.52 -2.74 9.49
C PHE L 18 34.92 -2.14 9.49
N THR L 19 35.23 -1.31 8.49
CA THR L 19 36.58 -0.81 8.27
C THR L 19 36.80 0.58 8.87
N GLY L 20 35.81 1.10 9.59
CA GLY L 20 35.98 2.40 10.23
C GLY L 20 36.00 3.59 9.30
N VAL L 21 35.42 3.46 8.11
CA VAL L 21 35.33 4.59 7.19
C VAL L 21 33.88 4.99 7.00
N LEU M 6 -12.50 16.80 2.76
CA LEU M 6 -11.47 17.82 2.81
C LEU M 6 -10.13 17.18 3.18
N ASP M 7 -9.10 17.46 2.39
CA ASP M 7 -7.79 16.89 2.65
C ASP M 7 -7.18 17.52 3.91
N PRO M 8 -6.55 16.72 4.77
CA PRO M 8 -5.98 17.29 6.01
C PRO M 8 -4.97 18.40 5.76
N ARG M 9 -4.12 18.26 4.74
CA ARG M 9 -3.12 19.29 4.48
C ARG M 9 -3.78 20.60 4.08
N ARG M 10 -4.72 20.55 3.14
CA ARG M 10 -5.46 21.74 2.75
C ARG M 10 -6.20 22.32 3.95
N GLN M 11 -6.80 21.46 4.76
CA GLN M 11 -7.48 21.91 5.98
C GLN M 11 -6.52 22.70 6.86
N GLU M 12 -5.31 22.17 7.06
CA GLU M 12 -4.33 22.85 7.91
C GLU M 12 -4.04 24.26 7.39
N LEU M 13 -3.88 24.41 6.07
CA LEU M 13 -3.57 25.71 5.50
C LEU M 13 -4.70 26.70 5.71
N LEU M 14 -5.94 26.27 5.45
CA LEU M 14 -7.08 27.17 5.61
C LEU M 14 -7.30 27.52 7.07
N GLU M 15 -7.07 26.56 7.98
CA GLU M 15 -7.15 26.86 9.40
C GLU M 15 -6.20 27.98 9.79
N ALA M 16 -4.98 27.96 9.23
CA ALA M 16 -4.04 29.04 9.47
C ALA M 16 -4.65 30.39 9.09
N ARG M 17 -5.47 30.43 8.04
CA ARG M 17 -6.08 31.68 7.61
C ARG M 17 -7.15 32.14 8.58
N PHE M 18 -7.88 31.21 9.20
CA PHE M 18 -8.91 31.58 10.15
C PHE M 18 -8.36 32.41 11.30
N THR M 19 -7.11 32.16 11.70
CA THR M 19 -6.55 32.74 12.92
C THR M 19 -5.50 33.79 12.66
N GLY M 20 -5.28 34.17 11.40
CA GLY M 20 -4.30 35.19 11.10
C GLY M 20 -2.86 34.72 11.13
N VAL M 21 -2.62 33.43 10.99
CA VAL M 21 -1.26 32.90 10.99
C VAL M 21 -1.06 31.98 9.79
N HIS N 4 11.87 10.88 -37.32
CA HIS N 4 12.14 12.19 -36.75
C HIS N 4 11.20 12.46 -35.59
N SER N 5 10.44 13.55 -35.69
CA SER N 5 9.49 13.97 -34.64
C SER N 5 10.10 13.81 -33.25
N LEU N 6 11.30 14.35 -33.10
CA LEU N 6 12.00 14.29 -31.81
C LEU N 6 11.25 15.13 -30.78
N ASP N 7 11.53 14.84 -29.51
CA ASP N 7 10.79 15.50 -28.44
C ASP N 7 11.24 16.95 -28.30
N PRO N 8 10.36 17.83 -27.82
CA PRO N 8 10.67 19.28 -27.87
C PRO N 8 11.80 19.71 -26.96
N ARG N 9 12.00 19.04 -25.82
CA ARG N 9 13.09 19.43 -24.94
C ARG N 9 14.43 19.32 -25.65
N ARG N 10 14.69 18.18 -26.29
CA ARG N 10 15.92 18.02 -27.03
C ARG N 10 16.00 19.04 -28.16
N GLN N 11 14.87 19.39 -28.77
CA GLN N 11 14.89 20.37 -29.85
C GLN N 11 15.39 21.72 -29.34
N GLU N 12 14.83 22.19 -28.22
CA GLU N 12 15.23 23.48 -27.68
C GLU N 12 16.71 23.49 -27.33
N LEU N 13 17.22 22.40 -26.76
CA LEU N 13 18.64 22.30 -26.47
C LEU N 13 19.47 22.41 -27.74
N LEU N 14 19.11 21.67 -28.77
CA LEU N 14 19.82 21.70 -30.04
C LEU N 14 19.78 23.05 -30.76
N GLU N 15 18.65 23.72 -30.68
CA GLU N 15 18.46 25.01 -31.33
C GLU N 15 19.40 26.08 -30.82
N ALA N 16 19.68 26.04 -29.54
CA ALA N 16 20.62 26.94 -28.93
C ALA N 16 22.00 26.70 -29.52
N ARG N 17 22.37 25.45 -29.77
CA ARG N 17 23.64 25.13 -30.40
C ARG N 17 23.68 25.71 -31.78
N PHE N 18 22.58 25.63 -32.51
CA PHE N 18 22.53 26.22 -33.86
C PHE N 18 22.81 27.68 -33.81
N THR N 19 22.24 28.41 -32.86
CA THR N 19 22.48 29.83 -32.84
C THR N 19 23.59 30.30 -31.93
N GLY N 20 24.35 29.38 -31.35
CA GLY N 20 25.40 29.79 -30.44
C GLY N 20 24.91 30.13 -29.05
N VAL N 21 23.73 29.65 -28.68
CA VAL N 21 23.14 29.95 -27.38
C VAL N 21 22.89 31.45 -27.26
N ASP O 7 -38.30 -51.51 48.30
CA ASP O 7 -39.04 -50.89 47.22
C ASP O 7 -39.40 -51.82 46.07
N PRO O 8 -39.53 -53.14 46.32
CA PRO O 8 -39.86 -53.95 45.14
C PRO O 8 -41.25 -53.61 44.62
N ARG O 9 -42.21 -53.56 45.53
CA ARG O 9 -43.59 -53.24 45.17
C ARG O 9 -43.71 -51.84 44.59
N ARG O 10 -42.92 -50.89 45.11
CA ARG O 10 -42.93 -49.55 44.54
C ARG O 10 -42.59 -49.57 43.06
N GLN O 11 -41.63 -50.41 42.67
CA GLN O 11 -41.27 -50.52 41.25
C GLN O 11 -42.43 -51.10 40.44
N GLU O 12 -43.12 -52.10 40.98
CA GLU O 12 -44.28 -52.64 40.29
C GLU O 12 -45.34 -51.57 40.07
N LEU O 13 -45.55 -50.71 41.07
CA LEU O 13 -46.54 -49.65 40.94
C LEU O 13 -46.13 -48.66 39.86
N LEU O 14 -44.87 -48.23 39.87
CA LEU O 14 -44.41 -47.26 38.89
C LEU O 14 -44.45 -47.83 37.48
N GLU O 15 -44.03 -49.09 37.32
CA GLU O 15 -44.15 -49.74 36.01
C GLU O 15 -45.60 -49.78 35.57
N ALA O 16 -46.53 -49.95 36.51
CA ALA O 16 -47.95 -49.94 36.16
C ALA O 16 -48.36 -48.56 35.64
N ARG O 17 -47.67 -47.50 36.04
CA ARG O 17 -48.01 -46.17 35.56
C ARG O 17 -47.57 -45.96 34.13
N PHE O 18 -46.50 -46.64 33.68
CA PHE O 18 -46.02 -46.44 32.33
C PHE O 18 -47.03 -46.89 31.29
N THR O 19 -47.65 -48.05 31.50
CA THR O 19 -48.55 -48.63 30.50
C THR O 19 -50.02 -48.44 30.82
N GLY O 20 -50.39 -48.29 32.09
CA GLY O 20 -51.78 -48.17 32.49
C GLY O 20 -52.54 -47.10 31.74
N ASP P 7 -25.39 -26.36 -2.33
CA ASP P 7 -25.64 -27.04 -1.07
C ASP P 7 -27.11 -27.44 -0.95
N PRO P 8 -28.03 -26.49 -1.12
CA PRO P 8 -29.46 -26.83 -1.06
C PRO P 8 -29.82 -28.02 -1.93
N ARG P 9 -29.23 -28.14 -3.12
CA ARG P 9 -29.45 -29.32 -3.94
C ARG P 9 -28.90 -30.57 -3.25
N ARG P 10 -27.70 -30.46 -2.67
CA ARG P 10 -27.14 -31.58 -1.93
C ARG P 10 -28.06 -32.00 -0.79
N GLN P 11 -28.65 -31.03 -0.09
CA GLN P 11 -29.59 -31.35 0.99
C GLN P 11 -30.84 -32.03 0.43
N GLU P 12 -31.35 -31.53 -0.70
CA GLU P 12 -32.47 -32.19 -1.36
C GLU P 12 -32.16 -33.65 -1.64
N LEU P 13 -30.95 -33.92 -2.16
CA LEU P 13 -30.55 -35.29 -2.44
C LEU P 13 -30.49 -36.12 -1.17
N LEU P 14 -29.92 -35.57 -0.09
CA LEU P 14 -29.73 -36.35 1.12
C LEU P 14 -31.05 -36.55 1.87
N GLU P 15 -31.98 -35.60 1.77
CA GLU P 15 -33.29 -35.82 2.37
C GLU P 15 -34.05 -36.92 1.65
N ALA P 16 -33.83 -37.09 0.34
CA ALA P 16 -34.42 -38.21 -0.38
C ALA P 16 -34.00 -39.53 0.23
N ARG P 17 -32.77 -39.61 0.77
CA ARG P 17 -32.25 -40.87 1.28
C ARG P 17 -32.88 -41.25 2.61
N PHE P 18 -33.40 -40.29 3.38
CA PHE P 18 -34.04 -40.62 4.64
C PHE P 18 -35.36 -41.36 4.43
N THR P 19 -36.08 -41.04 3.36
CA THR P 19 -37.42 -41.58 3.14
C THR P 19 -37.45 -42.80 2.24
N GLY P 20 -36.42 -43.01 1.41
CA GLY P 20 -36.37 -44.16 0.53
C GLY P 20 -36.07 -43.78 -0.91
N ARG Q 9 -10.65 6.44 35.45
CA ARG Q 9 -9.80 5.93 36.52
C ARG Q 9 -9.34 7.05 37.45
N ARG Q 10 -9.46 8.29 36.97
CA ARG Q 10 -9.05 9.48 37.71
C ARG Q 10 -10.24 10.41 37.86
N GLN Q 11 -10.34 11.06 39.01
CA GLN Q 11 -11.47 11.94 39.29
C GLN Q 11 -11.19 13.35 38.76
N GLU Q 12 -12.24 13.98 38.24
CA GLU Q 12 -12.16 15.33 37.70
C GLU Q 12 -13.39 16.11 38.17
N LEU Q 13 -13.17 17.28 38.76
CA LEU Q 13 -14.25 18.11 39.25
C LEU Q 13 -14.76 19.03 38.15
N LEU Q 14 -16.07 19.28 38.17
CA LEU Q 14 -16.69 20.17 37.20
C LEU Q 14 -16.51 21.63 37.62
N GLU Q 15 -16.40 22.51 36.64
CA GLU Q 15 -16.13 23.92 36.87
C GLU Q 15 -17.29 24.78 36.38
N ARG R 9 -11.12 37.04 -42.11
CA ARG R 9 -12.00 38.13 -41.75
C ARG R 9 -11.30 39.49 -41.79
N ARG R 10 -9.99 39.49 -41.98
CA ARG R 10 -9.21 40.72 -42.06
C ARG R 10 -8.42 40.71 -43.36
N GLN R 11 -8.43 41.82 -44.10
CA GLN R 11 -7.69 41.85 -45.36
C GLN R 11 -6.21 42.10 -45.08
N GLU R 12 -5.35 41.47 -45.87
CA GLU R 12 -3.91 41.60 -45.70
C GLU R 12 -3.27 41.77 -47.06
N LEU R 13 -2.64 42.92 -47.28
CA LEU R 13 -1.93 43.16 -48.53
C LEU R 13 -0.67 42.32 -48.60
N LEU R 14 -0.25 42.02 -49.84
CA LEU R 14 0.97 41.28 -50.09
C LEU R 14 2.09 42.25 -50.41
N GLU R 15 3.18 42.19 -49.64
CA GLU R 15 4.30 43.09 -49.86
C GLU R 15 4.99 42.78 -51.18
N ALA R 16 5.27 41.51 -51.43
CA ALA R 16 5.92 41.09 -52.67
C ALA R 16 5.54 39.64 -52.97
N ARG S 9 43.93 -19.17 -20.77
CA ARG S 9 44.96 -19.16 -21.79
C ARG S 9 46.34 -18.87 -21.20
N ARG S 10 46.35 -17.99 -20.21
CA ARG S 10 47.58 -17.57 -19.54
C ARG S 10 47.89 -18.52 -18.39
N GLN S 11 49.17 -18.88 -18.26
CA GLN S 11 49.60 -19.77 -17.20
C GLN S 11 49.97 -18.97 -15.95
N GLU S 12 49.63 -19.52 -14.79
CA GLU S 12 49.84 -18.88 -13.50
C GLU S 12 50.45 -19.88 -12.54
N LEU S 13 51.45 -19.43 -11.78
CA LEU S 13 52.14 -20.30 -10.83
C LEU S 13 51.47 -20.22 -9.46
N LEU S 14 51.34 -21.38 -8.82
CA LEU S 14 50.91 -21.44 -7.44
C LEU S 14 52.09 -21.19 -6.51
N GLU S 15 51.79 -20.99 -5.23
CA GLU S 15 52.83 -20.68 -4.26
C GLU S 15 52.38 -21.05 -2.85
N ARG T 9 35.29 3.68 31.28
CA ARG T 9 34.93 3.88 32.68
C ARG T 9 35.04 2.58 33.47
N ARG T 10 34.34 1.56 33.01
CA ARG T 10 34.36 0.25 33.66
C ARG T 10 35.73 -0.38 33.58
N GLN T 11 36.11 -1.11 34.61
CA GLN T 11 37.41 -1.77 34.68
C GLN T 11 37.19 -3.28 34.69
N GLU T 12 37.91 -4.01 33.86
CA GLU T 12 37.78 -5.46 33.79
C GLU T 12 39.06 -6.17 34.17
N LEU T 13 39.00 -7.15 35.06
CA LEU T 13 40.21 -7.87 35.42
C LEU T 13 40.63 -8.81 34.28
N LEU T 14 41.94 -9.06 34.16
CA LEU T 14 42.45 -9.93 33.12
C LEU T 14 42.95 -11.24 33.74
N GLU T 15 42.52 -12.39 33.22
CA GLU T 15 42.95 -13.68 33.75
C GLU T 15 43.76 -14.45 32.72
N ARG U 9 -13.03 51.83 2.84
CA ARG U 9 -12.83 52.62 1.62
C ARG U 9 -14.17 53.15 1.09
N ARG U 10 -15.26 52.58 1.59
CA ARG U 10 -16.62 52.95 1.16
C ARG U 10 -17.49 53.12 2.40
N GLN U 11 -18.24 54.20 2.44
CA GLN U 11 -19.12 54.44 3.58
C GLN U 11 -20.38 53.58 3.49
N GLU U 12 -20.78 53.02 4.62
CA GLU U 12 -21.91 52.11 4.71
C GLU U 12 -22.78 52.53 5.87
N LEU U 13 -24.01 52.95 5.57
CA LEU U 13 -24.92 53.42 6.61
C LEU U 13 -25.49 52.24 7.40
N LEU U 14 -25.78 52.49 8.67
CA LEU U 14 -26.44 51.50 9.50
C LEU U 14 -27.94 51.49 9.24
N GLU U 15 -28.62 50.55 9.89
CA GLU U 15 -30.08 50.47 9.88
C GLU U 15 -30.75 51.84 9.81
N ARG V 9 44.23 24.30 -38.12
CA ARG V 9 45.58 23.79 -37.89
C ARG V 9 46.13 23.08 -39.13
N ARG V 10 45.23 22.71 -40.04
CA ARG V 10 45.57 22.03 -41.29
C ARG V 10 45.27 22.95 -42.45
N GLN V 11 46.23 23.09 -43.36
CA GLN V 11 46.06 23.97 -44.51
C GLN V 11 45.31 23.25 -45.62
N GLU V 12 44.29 23.91 -46.17
CA GLU V 12 43.47 23.38 -47.26
C GLU V 12 43.56 24.32 -48.44
N LEU V 13 43.88 23.77 -49.61
CA LEU V 13 43.92 24.56 -50.83
C LEU V 13 42.52 24.75 -51.40
N LEU V 14 42.27 25.92 -51.95
CA LEU V 14 40.99 26.19 -52.58
C LEU V 14 40.94 25.54 -53.97
N GLU V 15 39.76 25.56 -54.58
CA GLU V 15 39.57 24.95 -55.89
C GLU V 15 38.82 25.90 -56.82
N ARG W 9 -55.88 -27.15 27.61
CA ARG W 9 -56.41 -25.85 28.02
C ARG W 9 -55.51 -24.70 27.58
N ARG W 10 -54.57 -25.01 26.68
CA ARG W 10 -53.59 -24.03 26.24
C ARG W 10 -53.15 -24.37 24.83
N GLN W 11 -53.10 -23.37 23.94
CA GLN W 11 -52.66 -23.59 22.58
C GLN W 11 -51.14 -23.41 22.49
N GLU W 12 -50.49 -24.31 21.75
CA GLU W 12 -49.05 -24.28 21.55
C GLU W 12 -48.76 -24.32 20.07
N LEU W 13 -48.02 -23.33 19.57
CA LEU W 13 -47.66 -23.25 18.17
C LEU W 13 -46.58 -24.28 17.84
N LEU W 14 -46.52 -24.65 16.56
CA LEU W 14 -45.47 -25.52 16.05
C LEU W 14 -44.35 -24.68 15.43
N GLU W 15 -43.22 -25.33 15.18
CA GLU W 15 -42.08 -24.66 14.56
C GLU W 15 -41.70 -25.36 13.25
N ARG X 9 -27.11 -61.81 8.02
CA ARG X 9 -25.88 -62.49 7.62
C ARG X 9 -25.09 -62.94 8.84
N ARG X 10 -25.17 -62.14 9.90
CA ARG X 10 -24.42 -62.37 11.13
C ARG X 10 -25.38 -62.31 12.31
N GLN X 11 -25.40 -63.36 13.13
CA GLN X 11 -26.34 -63.42 14.25
C GLN X 11 -25.86 -62.56 15.41
N GLU X 12 -26.80 -61.87 16.05
CA GLU X 12 -26.53 -61.04 17.22
C GLU X 12 -27.51 -61.40 18.31
N LEU X 13 -27.00 -61.62 19.52
CA LEU X 13 -27.84 -61.90 20.67
C LEU X 13 -28.39 -60.61 21.27
N LEU X 14 -29.54 -60.72 21.92
CA LEU X 14 -30.13 -59.62 22.66
C LEU X 14 -29.59 -59.59 24.08
N GLU X 15 -29.95 -58.54 24.81
CA GLU X 15 -29.58 -58.42 26.22
C GLU X 15 -30.61 -57.61 27.00
#